data_8YYT
#
_entry.id   8YYT
#
loop_
_entity.id
_entity.type
_entity.pdbx_description
1 polymer 'Isoform Short of Insulin receptor'
2 polymer Insulin
#
loop_
_entity_poly.entity_id
_entity_poly.type
_entity_poly.pdbx_seq_one_letter_code
_entity_poly.pdbx_strand_id
1 'polypeptide(L)'
;MATGGRRGAAAAPLLVAVAALLLGAAGHLYPGEVCPGMDIRNNLTRLHELENCSVIEGHLQILLMFKTRPEDFRDLSFPK
LIMITDYLLLFRVYGLESLKDLFPNLTVIRGSRLFFNYALVIFEMVHLKELGLYNLMNITRGSVRIEKNNELCYLATIDW
SRILDSVEDNYIVLNKDDNEECGDICPGTAKGKTNCPATVINGQFVERCWTHSHCQKVCPTICKSHGCTAEGLCCHSECL
GNCSQPDDPTKCVACRNFYLDGRCVETCPPPYYHFQDWRCVNFSFCQDLHHKCKNSRRQGCHQYVIHNNKCIPECPSGYT
MNSSNLLCTPCLGPCPKVCHLLEGEKTIDSVTSAQELRGCTVINGSLIINIRGGNNLAAELEANLGLIEEISGYLKIRRS
YALVSLSFFRKLRLIRGETLEIGNYSFYALDNQNLRQLWDWSKHNLTITQGKLFFHYNPKLCLSEIHKMEEVSGTKGRQE
RNDIALKTNGDQASCENELLKFSYIRTSFDKILLRWEPYWPPDFRDLLGFMLFYKEAPYQNVTEFDGQDACGSNSWTVVD
IDPPLRSNDPKSQNHPGWLMRGLKPWTQYAIFVKTLVTFSDERRTYGAKSDIIYVQTDATNPSVPLDPISVSNSSSQIIL
KWKPPSDPNGNITHYLVFWERQAEDSELFELDYCLKGLKLPSRTWSPPFESEDSQKHNQSEYEDSAGECCSCPKTDSQIL
KELEESSFRKTFEDYLHNVVFVPRPSRKRRSLGDVGNVTVAVPTVAAFPNTSSTSVPTSPEEHRPFEKVVNKESLVISGL
RHFTGYRIELQACNQDTPEERCSVAAYVSARTMPEAKADDIVGPVTHEIFENNVVHLMWQEPKEPNGLIVLYEVSYRRYG
DEELHLCVSRKHFALERGCRLRGLSPGNYSVRIRATSLAGNGSWTEPTYFYVTDYLDVPSNIAKIIIGPLIFVFLFSVVI
GSIYLFLRKRQPDGPLGPLYASSNPEYLSASDVFPCSVYVPDEWEVSREKITLLRELGQGSFGMVYEGNARDIIKGEAET
RVAVKTVNESASLRERIEFLNEASVMKGFTCHHVVRLLGVVSKGQPTLVVMELMAHGDLKSYLRSLRPEAENNPGRPPPT
LQEMIQMAAEIADGMAYLNAKKFVHRDLAARNCMVAHDFTVKIGDFGMTRDIYETDYYRKGGKGLLPVRWMAPESLKDGV
FTTSSDMWSFGVVLWEITSLAEQPYQGLSNEQVLKFVMDGGYLDQPDNCPERVTDLMRMCWQFNPKMRPTFLEIVNLLKD
DLHPSFPEVSFFHSEENKAPESEELEMEFEDMENVPLDRSSHCQREEAGGRDGGSSLGFKRSYEEHIPYTHMNGGKKNGR
ILTLPRSNPS
;
A,B
2 'polypeptide(L)' NQHLCGSHLVEALYLVCGERGFFYTPKAGIVEQCCTSICSLYQLENYCN C,D,E,F
#
# COMPACT_ATOMS: atom_id res chain seq x y z
N HIS A 28 -44.74 39.78 -32.05
CA HIS A 28 -44.00 40.11 -30.84
C HIS A 28 -43.20 38.91 -30.34
N LEU A 29 -42.10 39.18 -29.64
CA LEU A 29 -41.24 38.13 -29.10
C LEU A 29 -41.74 37.58 -27.78
N TYR A 30 -42.72 38.22 -27.15
CA TYR A 30 -43.30 37.77 -25.88
C TYR A 30 -44.81 37.69 -26.06
N PRO A 31 -45.32 36.60 -26.63
CA PRO A 31 -46.75 36.50 -26.92
C PRO A 31 -47.61 36.15 -25.71
N GLY A 32 -47.09 36.24 -24.49
CA GLY A 32 -47.89 35.91 -23.32
C GLY A 32 -47.43 36.63 -22.08
N GLU A 33 -48.27 36.56 -21.06
CA GLU A 33 -48.04 37.25 -19.80
C GLU A 33 -47.33 36.33 -18.81
N VAL A 34 -47.27 36.75 -17.55
CA VAL A 34 -46.64 35.95 -16.52
C VAL A 34 -47.61 34.87 -16.02
N CYS A 35 -47.05 33.85 -15.38
CA CYS A 35 -47.82 32.75 -14.79
C CYS A 35 -47.28 32.53 -13.38
N PRO A 36 -47.57 33.44 -12.45
CA PRO A 36 -46.84 33.47 -11.17
C PRO A 36 -47.01 32.19 -10.36
N GLY A 37 -45.87 31.57 -10.03
CA GLY A 37 -45.83 30.48 -9.08
C GLY A 37 -46.68 29.27 -9.42
N MET A 38 -46.33 28.56 -10.49
CA MET A 38 -47.08 27.38 -10.86
C MET A 38 -46.56 26.16 -10.09
N ASP A 39 -47.51 25.28 -9.72
CA ASP A 39 -47.18 24.06 -8.98
C ASP A 39 -48.25 23.02 -9.33
N ILE A 40 -47.85 22.02 -10.10
CA ILE A 40 -48.77 20.97 -10.55
C ILE A 40 -48.54 19.74 -9.69
N ARG A 41 -49.61 19.21 -9.10
CA ARG A 41 -49.50 18.16 -8.11
C ARG A 41 -50.73 17.26 -8.22
N ASN A 42 -50.61 16.05 -7.68
CA ASN A 42 -51.71 15.09 -7.58
C ASN A 42 -52.10 14.66 -8.98
N ASN A 43 -53.37 14.69 -9.35
CA ASN A 43 -53.80 14.28 -10.68
C ASN A 43 -53.47 15.38 -11.70
N LEU A 44 -53.73 15.08 -12.97
CA LEU A 44 -53.58 16.04 -14.05
C LEU A 44 -54.52 17.21 -13.92
N THR A 45 -55.42 17.19 -12.93
CA THR A 45 -56.32 18.30 -12.64
C THR A 45 -55.53 19.58 -12.44
N ARG A 46 -56.20 20.73 -12.58
CA ARG A 46 -55.54 22.04 -12.66
C ARG A 46 -54.64 22.00 -13.90
N LEU A 47 -53.43 22.59 -13.84
CA LEU A 47 -52.60 22.78 -15.02
C LEU A 47 -53.41 23.54 -16.08
N HIS A 48 -52.96 23.50 -17.33
CA HIS A 48 -53.66 24.14 -18.45
C HIS A 48 -53.69 25.65 -18.28
N GLU A 49 -53.13 26.15 -17.18
CA GLU A 49 -52.93 27.57 -16.97
C GLU A 49 -51.62 28.06 -17.57
N GLU A 51 -50.52 28.19 -20.45
CA GLU A 51 -50.81 28.32 -21.88
C GLU A 51 -50.45 29.72 -22.32
N ASN A 52 -49.63 29.81 -23.37
CA ASN A 52 -49.13 31.05 -23.94
C ASN A 52 -48.20 31.81 -23.00
N CYS A 53 -47.95 31.29 -21.79
CA CYS A 53 -47.12 31.98 -20.81
C CYS A 53 -45.65 31.80 -21.20
N SER A 54 -45.08 32.82 -21.85
CA SER A 54 -43.68 32.76 -22.24
C SER A 54 -42.77 32.87 -21.02
N VAL A 55 -43.19 33.66 -20.02
CA VAL A 55 -42.44 33.83 -18.78
C VAL A 55 -43.26 33.24 -17.64
N ILE A 56 -42.56 32.79 -16.61
CA ILE A 56 -43.21 32.09 -15.51
C ILE A 56 -43.30 32.93 -14.24
N GLU A 57 -42.29 33.74 -13.92
CA GLU A 57 -42.26 34.54 -12.70
C GLU A 57 -42.51 33.63 -11.48
N GLY A 58 -41.56 32.75 -11.24
CA GLY A 58 -41.66 31.78 -10.18
C GLY A 58 -40.99 30.49 -10.58
N HIS A 59 -41.27 29.43 -9.83
CA HIS A 59 -40.75 28.11 -10.14
C HIS A 59 -41.83 27.27 -10.82
N LEU A 60 -41.46 26.05 -11.20
CA LEU A 60 -42.37 25.13 -11.88
C LEU A 60 -42.22 23.76 -11.23
N GLN A 61 -43.19 23.40 -10.40
CA GLN A 61 -43.18 22.12 -9.70
C GLN A 61 -44.26 21.23 -10.29
N ILE A 62 -43.89 20.39 -11.25
CA ILE A 62 -44.77 19.35 -11.74
C ILE A 62 -44.25 18.02 -11.19
N LEU A 63 -44.97 17.44 -10.25
CA LEU A 63 -44.47 16.29 -9.52
C LEU A 63 -45.64 15.48 -8.98
N LEU A 64 -45.33 14.26 -8.54
CA LEU A 64 -46.28 13.35 -7.92
C LEU A 64 -47.43 13.02 -8.88
N MET A 65 -47.09 12.84 -10.15
CA MET A 65 -48.03 12.39 -11.18
C MET A 65 -48.01 10.86 -11.15
N PHE A 66 -48.56 10.28 -10.08
CA PHE A 66 -48.37 8.87 -9.82
C PHE A 66 -49.02 7.96 -10.85
N LYS A 67 -50.14 8.37 -11.45
CA LYS A 67 -50.85 7.50 -12.40
C LYS A 67 -51.04 8.24 -13.72
N THR A 68 -50.09 8.03 -14.63
CA THR A 68 -50.20 8.40 -16.03
C THR A 68 -49.43 7.38 -16.85
N ARG A 69 -49.74 7.35 -18.14
CA ARG A 69 -48.98 6.60 -19.12
C ARG A 69 -48.73 7.51 -20.31
N PRO A 70 -47.70 7.23 -21.13
CA PRO A 70 -47.42 8.08 -22.28
C PRO A 70 -48.64 8.38 -23.15
N GLU A 71 -49.66 7.52 -23.12
CA GLU A 71 -50.89 7.82 -23.82
C GLU A 71 -51.57 9.06 -23.22
N ASP A 72 -51.56 9.18 -21.90
CA ASP A 72 -52.13 10.37 -21.25
C ASP A 72 -51.28 11.61 -21.41
N PHE A 73 -50.03 11.48 -21.87
CA PHE A 73 -49.09 12.59 -21.87
C PHE A 73 -48.35 12.66 -23.20
N ARG A 74 -49.07 12.53 -24.31
CA ARG A 74 -48.45 12.60 -25.63
C ARG A 74 -48.92 13.79 -26.45
N ASP A 75 -50.19 14.17 -26.37
CA ASP A 75 -50.72 15.25 -27.19
C ASP A 75 -50.68 16.60 -26.49
N LEU A 76 -50.68 16.63 -25.16
CA LEU A 76 -50.62 17.89 -24.44
C LEU A 76 -49.29 18.58 -24.69
N SER A 77 -49.34 19.90 -24.93
CA SER A 77 -48.15 20.63 -25.31
C SER A 77 -48.32 22.10 -24.95
N PHE A 78 -47.22 22.71 -24.48
CA PHE A 78 -47.15 24.14 -24.22
C PHE A 78 -45.91 24.67 -24.93
N PRO A 79 -46.03 24.95 -26.24
CA PRO A 79 -44.83 25.25 -27.04
C PRO A 79 -44.29 26.66 -26.89
N LYS A 80 -44.93 27.52 -26.08
CA LYS A 80 -44.57 28.93 -26.04
C LYS A 80 -44.30 29.38 -24.61
N LEU A 81 -43.50 28.61 -23.89
CA LEU A 81 -42.89 29.06 -22.64
C LEU A 81 -41.39 29.15 -22.86
N ILE A 82 -40.83 30.34 -22.66
CA ILE A 82 -39.47 30.62 -23.10
C ILE A 82 -38.58 31.00 -21.92
N MET A 83 -39.17 31.56 -20.86
CA MET A 83 -38.40 32.15 -19.78
C MET A 83 -38.86 31.58 -18.45
N ILE A 84 -37.97 30.90 -17.76
CA ILE A 84 -38.21 30.43 -16.39
C ILE A 84 -37.20 31.10 -15.49
N THR A 85 -37.68 31.76 -14.43
CA THR A 85 -36.83 32.60 -13.60
C THR A 85 -36.06 31.80 -12.54
N ASP A 86 -36.77 31.04 -11.70
CA ASP A 86 -36.13 30.47 -10.51
C ASP A 86 -35.61 29.06 -10.74
N TYR A 87 -36.50 28.10 -11.02
CA TYR A 87 -36.07 26.72 -11.26
C TYR A 87 -37.26 25.92 -11.77
N LEU A 88 -36.93 24.80 -12.42
CA LEU A 88 -37.92 23.85 -12.92
C LEU A 88 -37.70 22.54 -12.17
N LEU A 89 -38.70 22.11 -11.41
CA LEU A 89 -38.60 20.92 -10.57
C LEU A 89 -39.59 19.87 -11.06
N LEU A 90 -39.09 18.65 -11.29
CA LEU A 90 -39.91 17.52 -11.66
C LEU A 90 -39.53 16.33 -10.79
N PHE A 91 -40.54 15.69 -10.19
CA PHE A 91 -40.29 14.62 -9.23
C PHE A 91 -41.33 13.53 -9.42
N ARG A 92 -40.93 12.44 -10.06
CA ARG A 92 -41.75 11.25 -10.24
C ARG A 92 -43.04 11.57 -10.99
N VAL A 93 -42.89 11.98 -12.24
CA VAL A 93 -44.01 12.10 -13.17
C VAL A 93 -44.17 10.73 -13.82
N GLY A 95 -45.10 8.18 -15.96
CA GLY A 95 -45.73 7.94 -17.25
C GLY A 95 -45.57 9.07 -18.26
N LEU A 96 -44.44 9.76 -18.23
CA LEU A 96 -44.15 10.82 -19.17
C LEU A 96 -42.96 10.41 -20.05
N GLU A 97 -43.16 10.45 -21.36
CA GLU A 97 -42.11 10.02 -22.28
C GLU A 97 -40.97 11.04 -22.32
N SER A 98 -41.28 12.27 -22.73
CA SER A 98 -40.25 13.28 -22.91
C SER A 98 -40.84 14.66 -22.67
N LEU A 99 -39.95 15.63 -22.45
CA LEU A 99 -40.32 17.02 -22.34
C LEU A 99 -40.25 17.77 -23.65
N LYS A 100 -39.80 17.12 -24.73
CA LYS A 100 -39.68 17.79 -26.02
C LYS A 100 -41.04 18.25 -26.56
N ASP A 101 -42.14 17.67 -26.08
CA ASP A 101 -43.47 18.13 -26.43
C ASP A 101 -44.10 19.02 -25.38
N LEU A 102 -43.75 18.85 -24.10
CA LEU A 102 -44.28 19.70 -23.04
C LEU A 102 -43.68 21.10 -23.09
N PHE A 103 -42.36 21.19 -23.22
CA PHE A 103 -41.65 22.47 -23.29
C PHE A 103 -40.70 22.44 -24.50
N PRO A 104 -41.26 22.51 -25.71
CA PRO A 104 -40.41 22.44 -26.90
C PRO A 104 -39.57 23.68 -27.14
N ASN A 105 -39.94 24.83 -26.57
CA ASN A 105 -39.28 26.09 -26.87
C ASN A 105 -38.96 26.86 -25.60
N LEU A 106 -38.34 26.18 -24.63
CA LEU A 106 -37.80 26.82 -23.44
C LEU A 106 -36.30 26.99 -23.63
N THR A 107 -35.79 28.18 -23.34
CA THR A 107 -34.42 28.55 -23.69
C THR A 107 -33.50 28.74 -22.49
N VAL A 108 -33.93 29.47 -21.47
CA VAL A 108 -33.03 29.82 -20.37
C VAL A 108 -33.77 29.69 -19.05
N ILE A 109 -33.12 29.09 -18.07
CA ILE A 109 -33.55 29.13 -16.67
C ILE A 109 -32.67 30.15 -15.97
N ARG A 110 -33.29 31.24 -15.51
CA ARG A 110 -32.49 32.32 -14.92
C ARG A 110 -31.88 31.91 -13.60
N GLY A 111 -32.58 31.09 -12.83
CA GLY A 111 -32.02 30.57 -11.58
C GLY A 111 -31.72 31.62 -10.54
N SER A 112 -32.57 32.63 -10.41
CA SER A 112 -32.37 33.64 -9.37
C SER A 112 -32.60 33.05 -7.98
N ARG A 113 -33.60 32.18 -7.85
CA ARG A 113 -33.88 31.48 -6.60
C ARG A 113 -33.75 29.99 -6.84
N LEU A 114 -32.71 29.40 -6.27
CA LEU A 114 -32.41 27.99 -6.48
C LEU A 114 -33.27 27.12 -5.57
N PHE A 115 -33.36 25.83 -5.92
CA PHE A 115 -34.13 24.90 -5.10
C PHE A 115 -33.32 24.43 -3.91
N PHE A 116 -32.22 23.73 -4.14
CA PHE A 116 -31.26 23.40 -3.10
C PHE A 116 -29.91 24.04 -3.39
N ASN A 117 -29.31 23.73 -4.54
CA ASN A 117 -28.21 24.50 -5.11
C ASN A 117 -28.31 24.58 -6.61
N TYR A 118 -29.45 24.20 -7.18
CA TYR A 118 -29.59 23.88 -8.60
C TYR A 118 -30.87 24.48 -9.14
N ALA A 119 -30.90 24.67 -10.46
CA ALA A 119 -32.07 25.20 -11.14
C ALA A 119 -32.84 24.17 -11.94
N LEU A 120 -32.20 23.07 -12.34
CA LEU A 120 -32.85 21.99 -13.07
C LEU A 120 -32.65 20.70 -12.29
N VAL A 121 -33.67 20.31 -11.53
CA VAL A 121 -33.64 19.08 -10.75
C VAL A 121 -34.73 18.17 -11.31
N ILE A 122 -34.32 17.10 -11.97
CA ILE A 122 -35.23 16.07 -12.46
C ILE A 122 -34.85 14.80 -11.71
N PHE A 123 -35.69 14.40 -10.76
CA PHE A 123 -35.32 13.37 -9.78
C PHE A 123 -36.34 12.26 -9.76
N GLU A 124 -35.86 11.02 -9.90
CA GLU A 124 -36.64 9.82 -9.63
C GLU A 124 -37.84 9.68 -10.55
N VAL A 126 -39.67 8.11 -13.14
CA VAL A 126 -39.37 6.72 -13.45
C VAL A 126 -39.46 6.48 -14.96
N HIS A 127 -40.60 6.81 -15.55
CA HIS A 127 -40.84 6.56 -16.97
C HIS A 127 -40.40 7.76 -17.78
N LEU A 128 -39.65 7.51 -18.84
CA LEU A 128 -39.15 8.58 -19.70
C LEU A 128 -38.63 7.99 -20.99
N LYS A 129 -38.44 8.85 -21.99
CA LYS A 129 -37.72 8.52 -23.20
C LYS A 129 -36.45 9.35 -23.36
N GLU A 130 -36.56 10.67 -23.30
CA GLU A 130 -35.39 11.53 -23.39
C GLU A 130 -35.76 12.93 -22.92
N LEU A 131 -34.73 13.74 -22.66
CA LEU A 131 -34.96 15.10 -22.16
C LEU A 131 -35.61 15.97 -23.22
N GLY A 132 -35.12 15.91 -24.46
CA GLY A 132 -35.55 16.87 -25.46
C GLY A 132 -35.01 18.25 -25.11
N LEU A 133 -35.92 19.22 -25.01
CA LEU A 133 -35.56 20.60 -24.64
C LEU A 133 -34.46 21.15 -25.55
N TYR A 134 -34.66 20.98 -26.86
CA TYR A 134 -33.65 21.37 -27.84
C TYR A 134 -33.59 22.89 -28.04
N ASN A 135 -34.30 23.67 -27.22
CA ASN A 135 -34.20 25.12 -27.26
C ASN A 135 -33.44 25.70 -26.08
N LEU A 136 -33.14 24.90 -25.05
CA LEU A 136 -32.54 25.43 -23.83
C LEU A 136 -31.09 25.84 -24.10
N MET A 137 -30.73 27.05 -23.68
CA MET A 137 -29.46 27.65 -24.03
C MET A 137 -28.56 27.91 -22.83
N ASN A 138 -29.05 28.63 -21.82
CA ASN A 138 -28.20 29.08 -20.72
C ASN A 138 -28.92 28.92 -19.39
N ILE A 139 -28.18 28.50 -18.38
CA ILE A 139 -28.63 28.54 -16.99
C ILE A 139 -27.75 29.55 -16.28
N THR A 140 -28.33 30.71 -15.94
CA THR A 140 -27.53 31.83 -15.45
C THR A 140 -26.81 31.48 -14.16
N ARG A 141 -27.56 31.23 -13.09
CA ARG A 141 -26.99 30.92 -11.79
C ARG A 141 -27.67 29.68 -11.24
N GLY A 142 -26.88 28.66 -10.93
CA GLY A 142 -27.40 27.40 -10.44
C GLY A 142 -26.63 26.25 -11.05
N SER A 143 -27.26 25.07 -11.04
CA SER A 143 -26.66 23.88 -11.62
C SER A 143 -27.78 22.91 -11.98
N VAL A 144 -27.41 21.72 -12.45
CA VAL A 144 -28.34 20.69 -12.88
C VAL A 144 -28.07 19.43 -12.05
N ARG A 145 -29.14 18.74 -11.65
CA ARG A 145 -29.02 17.68 -10.66
C ARG A 145 -29.88 16.48 -11.05
N ILE A 146 -29.81 16.08 -12.32
CA ILE A 146 -30.59 14.93 -12.76
C ILE A 146 -30.02 13.67 -12.10
N GLU A 147 -30.88 12.88 -11.48
CA GLU A 147 -30.40 11.75 -10.70
C GLU A 147 -31.51 10.72 -10.51
N LYS A 148 -31.10 9.48 -10.29
CA LYS A 148 -31.98 8.40 -9.84
C LYS A 148 -33.16 8.18 -10.79
N ASN A 149 -32.94 8.44 -12.07
CA ASN A 149 -33.94 8.16 -13.10
C ASN A 149 -33.58 6.82 -13.72
N ASN A 150 -34.21 5.75 -13.23
CA ASN A 150 -33.85 4.39 -13.60
C ASN A 150 -34.11 4.07 -15.07
N GLU A 151 -34.62 4.99 -15.89
CA GLU A 151 -34.84 4.71 -17.30
C GLU A 151 -34.26 5.83 -18.17
N LEU A 152 -33.16 6.43 -17.75
CA LEU A 152 -32.62 7.62 -18.41
C LEU A 152 -31.26 7.30 -19.02
N CYS A 153 -31.07 7.74 -20.27
CA CYS A 153 -29.78 7.68 -20.93
C CYS A 153 -29.64 8.92 -21.81
N TYR A 154 -28.65 8.89 -22.71
CA TYR A 154 -28.37 10.00 -23.62
C TYR A 154 -28.11 11.29 -22.87
N LEU A 155 -27.47 11.18 -21.70
CA LEU A 155 -27.11 12.35 -20.91
C LEU A 155 -25.63 12.67 -20.93
N ALA A 156 -24.78 11.67 -21.13
CA ALA A 156 -23.35 11.92 -21.28
C ALA A 156 -23.00 12.50 -22.65
N THR A 157 -23.95 12.49 -23.59
CA THR A 157 -23.75 13.04 -24.92
C THR A 157 -24.20 14.49 -25.03
N ILE A 158 -24.10 15.25 -23.94
CA ILE A 158 -24.46 16.67 -23.92
C ILE A 158 -23.26 17.43 -23.34
N ASP A 159 -22.92 18.55 -23.97
CA ASP A 159 -21.83 19.39 -23.51
C ASP A 159 -22.42 20.58 -22.74
N TRP A 160 -22.04 20.72 -21.48
CA TRP A 160 -22.56 21.77 -20.62
C TRP A 160 -21.67 23.02 -20.61
N SER A 161 -20.53 22.98 -21.30
CA SER A 161 -19.61 24.13 -21.27
C SER A 161 -20.25 25.37 -21.88
N ARG A 162 -20.93 25.21 -23.02
CA ARG A 162 -21.61 26.31 -23.68
C ARG A 162 -23.00 26.56 -23.11
N ILE A 163 -23.42 25.79 -22.10
CA ILE A 163 -24.76 25.86 -21.56
C ILE A 163 -24.78 26.33 -20.12
N LEU A 164 -23.83 25.87 -19.30
CA LEU A 164 -23.86 26.10 -17.87
C LEU A 164 -22.73 27.03 -17.47
N ASP A 165 -23.07 28.04 -16.66
CA ASP A 165 -22.07 28.99 -16.18
C ASP A 165 -21.03 28.30 -15.31
N SER A 166 -21.47 27.40 -14.42
CA SER A 166 -20.59 26.68 -13.53
C SER A 166 -20.50 25.24 -14.02
N VAL A 167 -19.31 24.85 -14.50
CA VAL A 167 -19.10 23.48 -14.98
C VAL A 167 -19.08 22.46 -13.85
N GLU A 168 -18.96 22.92 -12.60
CA GLU A 168 -18.96 22.01 -11.47
C GLU A 168 -20.30 22.11 -10.73
N ASN A 170 -22.43 19.95 -11.61
CA ASN A 170 -23.47 19.28 -12.37
C ASN A 170 -23.56 17.82 -11.96
N TYR A 171 -24.19 17.58 -10.82
CA TYR A 171 -24.18 16.26 -10.19
C TYR A 171 -25.22 15.34 -10.80
N ILE A 172 -24.78 14.36 -11.60
CA ILE A 172 -25.67 13.44 -12.29
C ILE A 172 -25.13 12.02 -12.09
N VAL A 173 -25.85 11.21 -11.31
CA VAL A 173 -25.48 9.83 -11.03
C VAL A 173 -26.74 8.99 -10.92
N LEU A 174 -26.54 7.68 -10.75
CA LEU A 174 -27.60 6.71 -10.50
C LEU A 174 -28.69 6.74 -11.58
N ASN A 175 -28.28 6.86 -12.83
CA ASN A 175 -29.21 6.77 -13.96
C ASN A 175 -28.87 5.57 -14.81
N LYS A 176 -29.80 5.18 -15.68
CA LYS A 176 -29.64 3.96 -16.46
C LYS A 176 -28.41 4.01 -17.36
N ASP A 177 -27.98 5.20 -17.79
CA ASP A 177 -26.80 5.30 -18.64
C ASP A 177 -25.53 4.84 -17.92
N ASP A 178 -25.58 4.77 -16.59
CA ASP A 178 -24.42 4.31 -15.84
C ASP A 178 -24.09 2.86 -16.13
N ASN A 179 -25.10 2.01 -16.29
CA ASN A 179 -24.90 0.58 -16.49
C ASN A 179 -24.76 0.20 -17.96
N GLU A 180 -24.72 1.18 -18.86
CA GLU A 180 -24.49 0.94 -20.29
C GLU A 180 -25.57 0.05 -20.90
N GLU A 181 -26.81 0.25 -20.46
CA GLU A 181 -27.93 -0.50 -21.03
C GLU A 181 -28.60 0.23 -22.20
N CYS A 182 -28.12 1.42 -22.56
CA CYS A 182 -28.74 2.22 -23.60
C CYS A 182 -27.71 2.52 -24.67
N GLY A 183 -27.97 2.06 -25.89
CA GLY A 183 -27.02 2.25 -26.98
C GLY A 183 -26.99 3.69 -27.44
N ASP A 184 -25.88 4.05 -28.11
CA ASP A 184 -25.69 5.41 -28.56
C ASP A 184 -26.59 5.73 -29.74
N ILE A 185 -27.34 6.83 -29.63
CA ILE A 185 -28.18 7.32 -30.71
C ILE A 185 -28.03 8.83 -30.80
N CYS A 186 -27.71 9.33 -31.99
CA CYS A 186 -27.62 10.75 -32.26
C CYS A 186 -28.28 11.04 -33.60
N PRO A 187 -28.91 12.20 -33.75
CA PRO A 187 -29.57 12.52 -35.02
C PRO A 187 -28.60 12.48 -36.19
N GLY A 188 -29.08 11.96 -37.32
CA GLY A 188 -28.28 11.83 -38.51
C GLY A 188 -27.72 10.43 -38.71
N ASN A 195 -23.45 14.97 -39.18
CA ASN A 195 -24.80 15.50 -39.18
C ASN A 195 -25.04 16.42 -37.98
N CYS A 196 -24.37 16.13 -36.88
CA CYS A 196 -24.48 16.91 -35.66
C CYS A 196 -23.08 17.27 -35.16
N PRO A 197 -22.95 18.39 -34.45
CA PRO A 197 -21.61 18.84 -34.01
C PRO A 197 -21.00 17.91 -32.97
N ALA A 198 -19.73 18.17 -32.64
CA ALA A 198 -19.01 17.36 -31.66
C ALA A 198 -17.98 18.23 -30.96
N THR A 199 -17.86 18.05 -29.65
CA THR A 199 -16.90 18.80 -28.84
C THR A 199 -15.98 17.81 -28.14
N VAL A 200 -15.10 18.34 -27.29
CA VAL A 200 -14.12 17.54 -26.55
C VAL A 200 -14.47 17.62 -25.08
N ILE A 201 -14.71 16.47 -24.46
CA ILE A 201 -14.97 16.37 -23.03
C ILE A 201 -14.01 15.34 -22.44
N ASN A 202 -13.29 15.74 -21.39
CA ASN A 202 -12.30 14.88 -20.74
C ASN A 202 -11.24 14.38 -21.71
N GLY A 203 -10.86 15.23 -22.66
CA GLY A 203 -9.88 14.86 -23.66
C GLY A 203 -10.40 13.96 -24.76
N GLN A 204 -11.70 13.71 -24.81
CA GLN A 204 -12.32 12.84 -25.80
C GLN A 204 -13.24 13.66 -26.70
N PHE A 205 -13.01 13.60 -28.01
CA PHE A 205 -13.79 14.36 -28.98
C PHE A 205 -15.05 13.56 -29.29
N VAL A 206 -16.16 13.93 -28.63
CA VAL A 206 -17.40 13.17 -28.71
C VAL A 206 -18.51 14.08 -29.22
N GLU A 207 -19.47 13.48 -29.92
CA GLU A 207 -20.62 14.22 -30.43
C GLU A 207 -21.53 14.64 -29.28
N ARG A 208 -22.23 15.75 -29.49
CA ARG A 208 -23.14 16.32 -28.50
C ARG A 208 -24.55 16.29 -29.06
N TRP A 210 -28.67 15.13 -27.96
CA TRP A 210 -29.52 14.82 -26.82
C TRP A 210 -30.93 14.38 -27.20
N THR A 211 -31.22 14.19 -28.48
CA THR A 211 -32.50 13.64 -28.92
C THR A 211 -32.22 12.65 -30.05
N HIS A 212 -33.28 12.25 -30.74
CA HIS A 212 -33.16 11.48 -31.97
C HIS A 212 -33.28 12.34 -33.22
N SER A 213 -33.62 13.62 -33.07
CA SER A 213 -33.76 14.52 -34.19
C SER A 213 -33.10 15.88 -34.01
N HIS A 214 -32.64 16.21 -32.80
CA HIS A 214 -32.01 17.50 -32.53
C HIS A 214 -30.75 17.27 -31.70
N CYS A 215 -29.82 18.21 -31.80
CA CYS A 215 -28.59 18.17 -31.02
C CYS A 215 -28.27 19.59 -30.56
N GLN A 216 -27.07 19.77 -30.01
CA GLN A 216 -26.67 21.06 -29.48
C GLN A 216 -26.50 22.09 -30.60
N LYS A 217 -26.91 23.32 -30.31
CA LYS A 217 -26.78 24.44 -31.23
C LYS A 217 -25.57 25.25 -30.80
N VAL A 218 -24.41 24.89 -31.33
CA VAL A 218 -23.15 25.53 -30.94
C VAL A 218 -23.04 26.88 -31.63
N CYS A 219 -22.79 27.93 -30.85
CA CYS A 219 -22.57 29.27 -31.33
C CYS A 219 -21.10 29.64 -31.20
N PRO A 220 -20.60 30.57 -32.02
CA PRO A 220 -19.20 30.97 -31.92
C PRO A 220 -18.89 31.57 -30.55
N THR A 221 -17.66 31.33 -30.09
CA THR A 221 -17.25 31.80 -28.77
C THR A 221 -17.32 33.32 -28.65
N ILE A 222 -17.13 34.04 -29.76
CA ILE A 222 -17.24 35.49 -29.73
C ILE A 222 -18.68 35.93 -29.48
N CYS A 223 -19.65 35.09 -29.87
CA CYS A 223 -21.05 35.44 -29.66
C CYS A 223 -21.44 35.44 -28.19
N LYS A 224 -20.68 34.74 -27.34
CA LYS A 224 -20.93 34.67 -25.89
C LYS A 224 -22.35 34.15 -25.68
N SER A 225 -23.11 34.70 -24.73
CA SER A 225 -24.47 34.28 -24.47
C SER A 225 -25.49 34.96 -25.37
N HIS A 226 -25.05 35.86 -26.25
CA HIS A 226 -25.98 36.54 -27.15
C HIS A 226 -26.65 35.54 -28.10
N GLY A 227 -25.89 34.58 -28.60
CA GLY A 227 -26.41 33.57 -29.50
C GLY A 227 -25.94 33.79 -30.92
N CYS A 228 -26.47 32.96 -31.81
CA CYS A 228 -26.09 33.02 -33.22
C CYS A 228 -27.25 32.50 -34.07
N THR A 229 -27.21 32.85 -35.35
CA THR A 229 -28.19 32.38 -36.31
C THR A 229 -27.59 31.20 -37.10
N ALA A 230 -28.32 30.75 -38.11
CA ALA A 230 -27.83 29.64 -38.93
C ALA A 230 -26.57 30.02 -39.70
N GLU A 231 -26.42 31.30 -40.03
CA GLU A 231 -25.25 31.78 -40.77
C GLU A 231 -24.06 32.06 -39.86
N GLY A 232 -24.21 31.90 -38.54
CA GLY A 232 -23.15 32.19 -37.60
C GLY A 232 -23.06 33.64 -37.18
N LEU A 233 -23.95 34.50 -37.66
CA LEU A 233 -23.94 35.90 -37.25
C LEU A 233 -24.31 36.01 -35.78
N CYS A 234 -23.50 36.76 -35.03
CA CYS A 234 -23.76 36.96 -33.62
C CYS A 234 -25.05 37.76 -33.43
N CYS A 235 -25.89 37.30 -32.49
CA CYS A 235 -27.06 38.06 -32.13
C CYS A 235 -26.67 39.33 -31.41
N HIS A 236 -27.64 40.24 -31.25
CA HIS A 236 -27.38 41.47 -30.52
C HIS A 236 -26.99 41.15 -29.09
N SER A 237 -26.11 42.01 -28.53
CA SER A 237 -25.48 41.70 -27.25
C SER A 237 -26.51 41.53 -26.14
N GLU A 238 -27.52 42.39 -26.11
CA GLU A 238 -28.52 42.34 -25.03
C GLU A 238 -29.43 41.13 -25.12
N CYS A 239 -29.46 40.42 -26.26
CA CYS A 239 -30.25 39.21 -26.36
C CYS A 239 -29.60 38.10 -25.53
N LEU A 240 -30.34 37.00 -25.38
CA LEU A 240 -29.87 35.89 -24.56
C LEU A 240 -30.27 34.58 -25.21
N GLY A 241 -29.28 33.76 -25.57
CA GLY A 241 -29.53 32.45 -26.11
C GLY A 241 -29.77 32.42 -27.61
N ASN A 242 -30.93 32.91 -28.04
CA ASN A 242 -31.30 32.89 -29.44
C ASN A 242 -31.89 34.23 -29.84
N CYS A 243 -31.84 34.53 -31.14
CA CYS A 243 -32.43 35.74 -31.69
C CYS A 243 -33.23 35.37 -32.93
N SER A 244 -34.39 36.02 -33.08
CA SER A 244 -35.20 35.78 -34.27
C SER A 244 -34.45 36.20 -35.53
N GLN A 245 -33.78 37.34 -35.48
CA GLN A 245 -32.92 37.82 -36.54
C GLN A 245 -31.61 38.30 -35.95
N PRO A 246 -30.51 38.22 -36.71
CA PRO A 246 -29.22 38.64 -36.17
C PRO A 246 -29.16 40.14 -35.91
N ASP A 247 -28.42 40.50 -34.86
CA ASP A 247 -28.07 41.88 -34.55
C ASP A 247 -29.31 42.76 -34.36
N ASP A 248 -30.19 42.30 -33.48
CA ASP A 248 -31.33 43.11 -33.05
C ASP A 248 -31.88 42.60 -31.73
N CYS A 252 -35.01 39.61 -30.16
CA CYS A 252 -34.37 38.52 -29.43
C CYS A 252 -35.41 37.66 -28.75
N VAL A 253 -35.14 36.34 -28.67
CA VAL A 253 -36.06 35.45 -28.00
C VAL A 253 -36.03 35.69 -26.49
N ALA A 254 -34.84 35.93 -25.93
CA ALA A 254 -34.67 36.23 -24.52
C ALA A 254 -33.66 37.36 -24.37
N CYS A 255 -33.69 38.02 -23.21
CA CYS A 255 -32.85 39.17 -22.94
C CYS A 255 -31.79 38.82 -21.92
N ARG A 256 -30.56 39.28 -22.15
CA ARG A 256 -29.43 38.92 -21.29
C ARG A 256 -29.56 39.56 -19.91
N ASN A 257 -29.83 40.87 -19.86
CA ASN A 257 -29.88 41.60 -18.60
C ASN A 257 -31.29 42.06 -18.26
N PHE A 258 -31.92 42.84 -19.15
CA PHE A 258 -33.26 43.34 -18.91
C PHE A 258 -34.02 43.37 -20.22
N TYR A 259 -35.35 43.46 -20.10
CA TYR A 259 -36.25 43.38 -21.24
C TYR A 259 -36.78 44.72 -21.73
N LEU A 260 -37.04 45.66 -20.82
CA LEU A 260 -37.77 46.89 -21.13
C LEU A 260 -39.12 46.52 -21.75
N ASP A 261 -39.26 46.71 -23.06
CA ASP A 261 -40.50 46.46 -23.81
C ASP A 261 -40.11 46.11 -25.24
N GLY A 262 -40.40 44.89 -25.67
CA GLY A 262 -40.28 44.54 -27.09
C GLY A 262 -38.87 44.59 -27.64
N ARG A 263 -37.86 44.49 -26.79
CA ARG A 263 -36.47 44.53 -27.20
C ARG A 263 -35.65 44.01 -26.03
N CYS A 264 -34.33 44.11 -26.12
CA CYS A 264 -33.44 43.75 -25.02
C CYS A 264 -32.48 44.91 -24.76
N VAL A 265 -32.35 45.30 -23.50
CA VAL A 265 -31.55 46.46 -23.12
C VAL A 265 -30.65 46.08 -21.94
N GLU A 266 -29.61 46.89 -21.75
CA GLU A 266 -28.71 46.69 -20.62
C GLU A 266 -29.34 47.15 -19.31
N THR A 267 -30.06 48.27 -19.34
CA THR A 267 -30.77 48.76 -18.16
C THR A 267 -31.85 49.73 -18.64
N CYS A 268 -33.05 49.58 -18.10
CA CYS A 268 -34.18 50.40 -18.55
C CYS A 268 -33.97 51.86 -18.17
N PRO A 269 -34.08 52.78 -19.11
CA PRO A 269 -34.05 54.22 -18.78
C PRO A 269 -35.41 54.82 -18.49
N PRO A 270 -36.52 54.09 -18.52
CA PRO A 270 -37.74 54.62 -17.91
C PRO A 270 -37.54 54.90 -16.43
N PRO A 271 -38.16 55.97 -15.91
CA PRO A 271 -38.07 56.35 -14.50
C PRO A 271 -38.63 55.29 -13.56
N HIS A 274 -36.76 48.56 -11.80
CA HIS A 274 -36.33 47.19 -12.01
C HIS A 274 -37.21 46.23 -11.22
N PHE A 275 -37.63 45.14 -11.85
CA PHE A 275 -38.47 44.14 -11.21
C PHE A 275 -37.83 42.77 -11.34
N GLN A 276 -37.57 42.13 -10.21
CA GLN A 276 -37.16 40.73 -10.16
C GLN A 276 -35.93 40.49 -11.03
N ASP A 277 -35.01 41.45 -11.01
CA ASP A 277 -33.69 41.42 -11.65
C ASP A 277 -33.73 41.08 -13.14
N TRP A 278 -34.90 41.14 -13.79
CA TRP A 278 -34.97 40.75 -15.19
C TRP A 278 -35.80 41.68 -16.07
N ARG A 279 -36.57 42.62 -15.50
CA ARG A 279 -37.39 43.51 -16.30
C ARG A 279 -37.68 44.78 -15.50
N CYS A 280 -38.36 45.71 -16.14
CA CYS A 280 -38.74 46.97 -15.51
C CYS A 280 -40.22 47.22 -15.73
N VAL A 281 -40.83 47.91 -14.76
CA VAL A 281 -42.23 48.31 -14.83
C VAL A 281 -42.34 49.76 -14.40
N ASN A 282 -43.50 50.34 -14.65
CA ASN A 282 -43.78 51.69 -14.18
C ASN A 282 -43.98 51.68 -12.66
N PHE A 283 -43.85 52.87 -12.06
CA PHE A 283 -44.07 53.01 -10.62
C PHE A 283 -45.47 52.57 -10.23
N SER A 284 -46.44 52.79 -11.11
CA SER A 284 -47.84 52.48 -10.79
C SER A 284 -48.03 51.00 -10.50
N PHE A 285 -47.42 50.12 -11.31
CA PHE A 285 -47.59 48.69 -11.12
C PHE A 285 -46.97 48.24 -9.79
N CYS A 286 -45.78 48.75 -9.49
CA CYS A 286 -45.11 48.38 -8.24
C CYS A 286 -45.91 48.82 -7.02
N GLN A 287 -46.37 50.08 -7.01
CA GLN A 287 -47.17 50.54 -5.89
C GLN A 287 -48.52 49.82 -5.84
N ASP A 288 -49.06 49.43 -6.99
CA ASP A 288 -50.31 48.69 -7.01
C ASP A 288 -50.13 47.34 -6.35
N LEU A 289 -49.04 46.64 -6.66
CA LEU A 289 -48.76 45.36 -5.99
C LEU A 289 -48.57 45.57 -4.49
N HIS A 290 -47.82 46.61 -4.13
CA HIS A 290 -47.55 46.88 -2.71
C HIS A 290 -48.85 47.09 -1.95
N HIS A 291 -49.75 47.91 -2.49
CA HIS A 291 -51.02 48.15 -1.84
C HIS A 291 -51.92 46.92 -1.87
N LYS A 292 -51.92 46.17 -2.97
CA LYS A 292 -52.83 45.05 -3.12
C LYS A 292 -52.51 43.95 -2.12
N CYS A 293 -51.23 43.57 -1.99
CA CYS A 293 -50.93 42.41 -1.15
C CYS A 293 -51.18 42.72 0.32
N LYS A 294 -50.91 43.94 0.77
CA LYS A 294 -51.28 44.32 2.13
C LYS A 294 -52.77 44.50 2.29
N ASN A 295 -53.49 44.82 1.20
CA ASN A 295 -54.94 44.78 1.24
C ASN A 295 -55.45 43.35 1.23
N SER A 296 -54.80 42.47 0.46
CA SER A 296 -55.23 41.08 0.36
C SER A 296 -54.86 40.26 1.58
N ARG A 297 -53.94 40.75 2.41
CA ARG A 297 -53.48 40.06 3.61
C ARG A 297 -52.87 38.69 3.30
N ARG A 298 -52.44 38.48 2.06
CA ARG A 298 -51.87 37.20 1.67
C ARG A 298 -50.47 37.05 2.23
N GLN A 299 -50.22 35.93 2.90
CA GLN A 299 -48.90 35.67 3.46
C GLN A 299 -47.89 35.43 2.35
N GLY A 300 -46.69 35.98 2.52
CA GLY A 300 -45.60 35.80 1.60
C GLY A 300 -45.24 37.03 0.80
N CYS A 301 -46.14 38.00 0.69
CA CYS A 301 -45.82 39.21 -0.06
C CYS A 301 -44.79 40.05 0.69
N HIS A 302 -43.95 40.75 -0.07
CA HIS A 302 -43.08 41.78 0.46
C HIS A 302 -43.58 43.12 -0.06
N GLN A 303 -43.85 44.05 0.85
CA GLN A 303 -44.42 45.34 0.47
C GLN A 303 -43.36 46.10 -0.33
N TYR A 304 -43.50 46.08 -1.65
CA TYR A 304 -42.47 46.60 -2.54
C TYR A 304 -42.22 48.09 -2.28
N VAL A 305 -40.95 48.45 -2.15
CA VAL A 305 -40.54 49.84 -1.98
C VAL A 305 -39.48 50.15 -3.04
N ILE A 306 -39.65 51.28 -3.72
CA ILE A 306 -38.71 51.66 -4.77
C ILE A 306 -37.40 52.09 -4.14
N HIS A 307 -36.30 51.55 -4.65
CA HIS A 307 -34.95 51.95 -4.23
C HIS A 307 -34.01 51.78 -5.41
N ASN A 308 -33.21 52.82 -5.68
CA ASN A 308 -32.25 52.81 -6.77
C ASN A 308 -32.90 52.47 -8.11
N ASN A 309 -34.11 52.99 -8.32
CA ASN A 309 -34.91 52.71 -9.52
C ASN A 309 -35.13 51.21 -9.69
N LYS A 310 -35.36 50.51 -8.58
CA LYS A 310 -35.66 49.09 -8.60
C LYS A 310 -36.81 48.82 -7.63
N CYS A 311 -37.80 48.04 -8.08
CA CYS A 311 -38.94 47.68 -7.25
C CYS A 311 -38.59 46.44 -6.41
N ILE A 312 -37.59 46.61 -5.55
CA ILE A 312 -37.09 45.55 -4.69
C ILE A 312 -38.08 45.30 -3.56
N PRO A 313 -38.03 44.14 -2.88
CA PRO A 313 -38.98 43.87 -1.79
C PRO A 313 -38.97 44.92 -0.68
N GLU A 314 -37.82 45.11 -0.04
CA GLU A 314 -37.72 46.04 1.08
C GLU A 314 -36.37 46.75 1.04
N CYS A 315 -36.33 47.94 1.64
CA CYS A 315 -35.07 48.66 1.75
C CYS A 315 -34.14 47.93 2.71
N PRO A 316 -32.84 47.86 2.40
CA PRO A 316 -31.93 47.09 3.26
C PRO A 316 -31.60 47.81 4.55
N SER A 317 -30.70 47.22 5.34
CA SER A 317 -30.26 47.81 6.60
C SER A 317 -29.41 49.03 6.28
N GLY A 318 -29.99 50.22 6.40
CA GLY A 318 -29.31 51.44 6.05
C GLY A 318 -30.23 52.44 5.38
N TYR A 319 -31.40 51.97 4.95
CA TYR A 319 -32.39 52.84 4.34
C TYR A 319 -33.76 52.65 4.98
N THR A 320 -34.71 53.52 4.65
CA THR A 320 -36.02 53.49 5.27
C THR A 320 -37.11 53.51 4.20
N MET A 321 -38.15 52.72 4.43
CA MET A 321 -39.27 52.65 3.52
C MET A 321 -40.15 53.88 3.63
N ASN A 322 -41.05 54.03 2.66
CA ASN A 322 -41.99 55.14 2.64
C ASN A 322 -43.17 54.83 1.74
N SER A 324 -45.59 57.77 -0.31
CA SER A 324 -45.29 59.04 -0.98
C SER A 324 -44.04 58.91 -1.84
N ASN A 325 -44.20 58.25 -2.98
CA ASN A 325 -43.15 58.00 -3.98
C ASN A 325 -42.20 56.91 -3.47
N LEU A 326 -42.35 56.52 -2.20
CA LEU A 326 -41.71 55.36 -1.58
C LEU A 326 -40.29 55.10 -2.06
N LEU A 327 -39.43 56.13 -2.04
CA LEU A 327 -38.02 55.96 -2.33
C LEU A 327 -37.25 55.77 -1.03
N CYS A 328 -36.49 54.68 -0.95
CA CYS A 328 -35.75 54.37 0.27
C CYS A 328 -34.65 55.40 0.50
N THR A 329 -34.79 56.18 1.57
CA THR A 329 -33.82 57.17 2.00
C THR A 329 -32.98 56.63 3.15
N PRO A 330 -31.72 57.06 3.28
CA PRO A 330 -30.89 56.57 4.38
C PRO A 330 -31.50 56.93 5.72
N CYS A 331 -31.35 56.01 6.68
CA CYS A 331 -31.94 56.20 7.99
C CYS A 331 -31.31 57.36 8.73
N LEU A 332 -32.13 58.08 9.51
CA LEU A 332 -31.63 59.14 10.38
C LEU A 332 -31.21 58.56 11.72
N GLY A 333 -30.24 57.65 11.65
CA GLY A 333 -29.78 56.91 12.80
C GLY A 333 -29.60 55.45 12.48
N PRO A 334 -29.35 54.63 13.51
CA PRO A 334 -29.13 53.20 13.26
C PRO A 334 -30.44 52.47 12.99
N CYS A 335 -30.48 51.73 11.89
CA CYS A 335 -31.63 50.90 11.53
C CYS A 335 -31.16 49.47 11.33
N PRO A 336 -31.47 48.56 12.23
CA PRO A 336 -31.02 47.17 12.07
C PRO A 336 -31.93 46.37 11.18
N LYS A 337 -31.64 45.08 11.03
CA LYS A 337 -32.48 44.16 10.27
C LYS A 337 -33.20 43.17 11.16
N VAL A 338 -32.46 42.44 12.00
CA VAL A 338 -33.00 41.49 12.96
C VAL A 338 -33.97 40.54 12.27
N CYS A 339 -33.46 39.68 11.40
CA CYS A 339 -34.29 38.69 10.71
C CYS A 339 -34.55 37.52 11.64
N HIS A 340 -35.75 37.50 12.23
CA HIS A 340 -36.10 36.42 13.15
C HIS A 340 -36.18 35.08 12.42
N LEU A 341 -35.87 34.02 13.15
CA LEU A 341 -35.82 32.68 12.60
C LEU A 341 -36.81 31.78 13.33
N LEU A 342 -37.08 30.62 12.74
CA LEU A 342 -37.96 29.63 13.34
C LEU A 342 -37.37 29.13 14.64
N GLU A 343 -38.06 29.36 15.75
CA GLU A 343 -37.60 29.02 17.10
C GLU A 343 -36.16 29.45 17.35
N GLY A 344 -35.72 30.53 16.72
CA GLY A 344 -34.36 31.03 16.91
C GLY A 344 -33.28 30.06 16.48
N GLU A 345 -33.52 29.30 15.42
CA GLU A 345 -32.52 28.35 14.93
C GLU A 345 -32.78 28.09 13.45
N LYS A 346 -31.73 28.18 12.64
CA LYS A 346 -31.81 27.89 11.22
C LYS A 346 -30.59 27.09 10.80
N THR A 347 -30.76 26.32 9.73
CA THR A 347 -29.68 25.50 9.17
C THR A 347 -29.25 26.10 7.85
N ILE A 348 -27.98 26.48 7.75
CA ILE A 348 -27.42 26.99 6.50
C ILE A 348 -26.75 25.79 5.84
N ASP A 349 -27.54 25.05 5.05
CA ASP A 349 -27.04 23.85 4.41
C ASP A 349 -26.67 24.04 2.95
N SER A 350 -27.23 25.03 2.27
CA SER A 350 -26.96 25.26 0.86
C SER A 350 -27.40 26.66 0.48
N VAL A 351 -27.35 26.96 -0.81
CA VAL A 351 -27.61 28.32 -1.30
C VAL A 351 -29.04 28.74 -0.98
N THR A 352 -29.99 27.83 -1.13
CA THR A 352 -31.39 28.18 -0.86
C THR A 352 -31.59 28.59 0.60
N SER A 353 -30.84 27.99 1.52
CA SER A 353 -30.95 28.37 2.92
C SER A 353 -30.24 29.70 3.18
N ALA A 354 -29.10 29.92 2.52
CA ALA A 354 -28.37 31.17 2.69
C ALA A 354 -29.17 32.35 2.17
N GLN A 355 -29.90 32.16 1.06
CA GLN A 355 -30.70 33.24 0.50
C GLN A 355 -31.81 33.68 1.43
N GLU A 356 -32.17 32.87 2.41
CA GLU A 356 -33.15 33.27 3.41
C GLU A 356 -32.64 34.42 4.27
N LEU A 357 -31.32 34.64 4.31
CA LEU A 357 -30.73 35.66 5.16
C LEU A 357 -29.97 36.72 4.36
N ARG A 358 -30.22 36.82 3.07
CA ARG A 358 -29.58 37.87 2.28
C ARG A 358 -30.07 39.24 2.75
N GLY A 359 -29.17 40.22 2.72
CA GLY A 359 -29.46 41.55 3.20
C GLY A 359 -29.54 41.68 4.70
N CYS A 360 -29.61 40.57 5.44
CA CYS A 360 -29.68 40.64 6.89
C CYS A 360 -28.37 41.16 7.46
N THR A 361 -28.47 41.92 8.56
CA THR A 361 -27.31 42.35 9.32
C THR A 361 -27.28 41.77 10.72
N VAL A 362 -28.43 41.50 11.32
CA VAL A 362 -28.53 40.92 12.65
C VAL A 362 -29.39 39.66 12.55
N ILE A 363 -28.90 38.58 13.14
CA ILE A 363 -29.66 37.33 13.20
C ILE A 363 -30.29 37.23 14.59
N ASN A 364 -31.61 37.28 14.64
CA ASN A 364 -32.33 37.23 15.92
C ASN A 364 -32.26 35.86 16.58
N GLY A 365 -31.87 34.82 15.85
CA GLY A 365 -31.77 33.49 16.42
C GLY A 365 -30.39 32.90 16.28
N SER A 366 -30.29 31.57 16.35
CA SER A 366 -29.01 30.90 16.18
C SER A 366 -28.78 30.54 14.72
N LEU A 367 -27.55 30.15 14.42
CA LEU A 367 -27.15 29.73 13.08
C LEU A 367 -26.26 28.50 13.19
N ILE A 368 -26.49 27.53 12.31
CA ILE A 368 -25.63 26.36 12.19
C ILE A 368 -25.27 26.19 10.73
N ILE A 369 -24.01 25.86 10.47
CA ILE A 369 -23.51 25.68 9.11
C ILE A 369 -23.29 24.19 8.89
N ASN A 370 -24.05 23.62 7.96
CA ASN A 370 -24.12 22.17 7.79
C ASN A 370 -24.03 21.82 6.31
N ILE A 371 -23.06 22.40 5.62
CA ILE A 371 -22.89 22.14 4.19
C ILE A 371 -22.31 20.74 4.02
N ARG A 372 -23.05 19.87 3.34
CA ARG A 372 -22.65 18.47 3.15
C ARG A 372 -22.37 18.15 1.69
N GLY A 373 -21.90 19.13 0.92
CA GLY A 373 -21.66 18.91 -0.49
C GLY A 373 -20.19 18.87 -0.86
N GLY A 374 -19.89 18.18 -1.95
CA GLY A 374 -18.51 18.07 -2.40
C GLY A 374 -17.92 19.40 -2.86
N ASN A 375 -18.67 20.16 -3.65
CA ASN A 375 -18.18 21.43 -4.14
C ASN A 375 -18.08 22.43 -2.99
N ASN A 376 -17.00 23.22 -3.00
CA ASN A 376 -16.70 24.09 -1.87
C ASN A 376 -17.80 25.12 -1.62
N LEU A 377 -18.31 25.74 -2.70
CA LEU A 377 -19.42 26.69 -2.62
C LEU A 377 -19.08 27.81 -1.62
N ALA A 378 -18.10 28.62 -2.01
CA ALA A 378 -17.63 29.70 -1.15
C ALA A 378 -18.16 31.07 -1.56
N ALA A 379 -18.27 31.32 -2.87
CA ALA A 379 -18.65 32.66 -3.34
C ALA A 379 -20.07 33.03 -2.91
N GLU A 380 -21.00 32.08 -3.02
CA GLU A 380 -22.40 32.40 -2.75
C GLU A 380 -22.62 32.76 -1.29
N LEU A 381 -21.93 32.07 -0.38
CA LEU A 381 -22.08 32.36 1.05
C LEU A 381 -21.57 33.76 1.38
N GLU A 382 -20.49 34.19 0.74
CA GLU A 382 -19.98 35.55 0.98
C GLU A 382 -21.02 36.59 0.59
N ALA A 383 -21.68 36.40 -0.55
CA ALA A 383 -22.68 37.37 -0.98
C ALA A 383 -23.92 37.32 -0.08
N ASN A 384 -24.35 36.12 0.30
CA ASN A 384 -25.61 36.00 1.04
C ASN A 384 -25.48 36.38 2.50
N LEU A 385 -24.34 36.07 3.13
CA LEU A 385 -24.16 36.26 4.56
C LEU A 385 -23.07 37.25 4.93
N GLY A 386 -22.30 37.75 3.95
CA GLY A 386 -21.20 38.64 4.28
C GLY A 386 -21.64 39.94 4.91
N LEU A 387 -22.89 40.34 4.70
CA LEU A 387 -23.41 41.57 5.26
C LEU A 387 -23.94 41.39 6.67
N ILE A 388 -23.77 40.22 7.28
CA ILE A 388 -24.20 40.02 8.66
C ILE A 388 -23.21 40.70 9.61
N GLU A 389 -23.71 41.05 10.79
CA GLU A 389 -22.89 41.74 11.78
C GLU A 389 -22.64 40.89 13.03
N GLU A 390 -23.70 40.38 13.66
CA GLU A 390 -23.54 39.58 14.85
C GLU A 390 -24.69 38.59 14.94
N ILE A 391 -24.42 37.45 15.58
CA ILE A 391 -25.41 36.42 15.80
C ILE A 391 -25.90 36.56 17.24
N SER A 392 -27.15 36.98 17.40
CA SER A 392 -27.69 37.13 18.76
C SER A 392 -27.77 35.79 19.49
N GLY A 393 -28.04 34.72 18.75
CA GLY A 393 -28.02 33.38 19.31
C GLY A 393 -26.64 32.77 19.26
N TYR A 394 -26.59 31.45 19.42
CA TYR A 394 -25.33 30.74 19.38
C TYR A 394 -24.95 30.38 17.94
N LEU A 395 -23.70 29.98 17.77
CA LEU A 395 -23.17 29.58 16.48
C LEU A 395 -22.66 28.13 16.57
N LYS A 396 -22.85 27.39 15.48
CA LYS A 396 -22.39 26.01 15.43
C LYS A 396 -21.94 25.69 14.01
N ILE A 397 -20.92 24.85 13.91
CA ILE A 397 -20.44 24.36 12.62
C ILE A 397 -20.28 22.85 12.72
N ARG A 398 -20.97 22.12 11.84
CA ARG A 398 -20.96 20.67 11.91
C ARG A 398 -20.95 20.08 10.51
N ARG A 399 -20.02 19.16 10.27
CA ARG A 399 -19.91 18.41 9.01
C ARG A 399 -19.89 19.33 7.80
N SER A 400 -19.16 20.44 7.94
CA SER A 400 -19.00 21.39 6.83
C SER A 400 -17.77 21.02 5.98
N TYR A 401 -17.91 19.92 5.24
CA TYR A 401 -16.79 19.43 4.45
C TYR A 401 -16.37 20.44 3.39
N ALA A 402 -17.33 21.05 2.70
CA ALA A 402 -17.00 21.91 1.57
C ALA A 402 -16.18 23.11 2.01
N LEU A 403 -16.32 23.55 3.25
CA LEU A 403 -15.58 24.71 3.72
C LEU A 403 -14.09 24.40 3.81
N VAL A 404 -13.30 25.36 3.34
CA VAL A 404 -11.85 25.34 3.53
C VAL A 404 -11.40 26.44 4.48
N SER A 405 -12.08 27.57 4.46
CA SER A 405 -11.84 28.68 5.38
C SER A 405 -13.18 29.14 5.92
N LEU A 406 -13.15 30.19 6.74
CA LEU A 406 -14.37 30.75 7.30
C LEU A 406 -14.31 32.28 7.16
N SER A 407 -13.99 32.75 5.97
CA SER A 407 -13.84 34.17 5.71
C SER A 407 -15.11 34.83 5.22
N PHE A 408 -16.11 34.06 4.79
CA PHE A 408 -17.32 34.66 4.22
C PHE A 408 -18.12 35.46 5.25
N PHE A 409 -17.86 35.26 6.55
CA PHE A 409 -18.42 36.11 7.59
C PHE A 409 -17.61 37.40 7.69
N ARG A 410 -17.62 38.17 6.59
CA ARG A 410 -16.73 39.31 6.44
C ARG A 410 -17.01 40.44 7.42
N LYS A 411 -18.17 40.44 8.10
CA LYS A 411 -18.47 41.49 9.06
C LYS A 411 -19.04 40.92 10.35
N LEU A 412 -18.76 39.66 10.65
CA LEU A 412 -19.19 39.07 11.91
C LEU A 412 -18.26 39.54 13.01
N ARG A 413 -18.81 40.27 13.96
CA ARG A 413 -18.00 40.94 14.98
C ARG A 413 -18.39 40.57 16.40
N LEU A 414 -19.68 40.41 16.67
CA LEU A 414 -20.15 40.21 18.03
C LEU A 414 -21.11 39.02 18.12
N ARG A 416 -23.07 37.50 20.13
CA ARG A 416 -23.78 37.42 21.40
C ARG A 416 -23.78 36.01 21.97
N GLY A 417 -24.06 35.92 23.27
CA GLY A 417 -24.22 34.64 23.93
C GLY A 417 -25.58 34.51 24.58
N GLU A 418 -26.58 35.19 24.01
CA GLU A 418 -27.93 35.15 24.57
C GLU A 418 -28.49 33.75 24.58
N THR A 419 -28.08 32.92 23.62
CA THR A 419 -28.44 31.51 23.59
C THR A 419 -27.16 30.69 23.55
N LEU A 420 -27.20 29.53 24.20
CA LEU A 420 -26.02 28.69 24.35
C LEU A 420 -26.31 27.28 23.89
N GLU A 421 -25.30 26.65 23.30
CA GLU A 421 -25.36 25.22 23.01
C GLU A 421 -25.37 24.45 24.34
N ILE A 422 -25.76 23.18 24.26
CA ILE A 422 -25.79 22.34 25.45
C ILE A 422 -24.43 22.37 26.13
N GLY A 423 -24.43 22.41 27.46
CA GLY A 423 -23.22 22.67 28.20
C GLY A 423 -22.87 24.14 28.30
N ASN A 424 -23.81 25.04 28.00
CA ASN A 424 -23.58 26.49 28.08
C ASN A 424 -22.44 26.95 27.19
N TYR A 425 -22.60 26.82 25.87
CA TYR A 425 -21.56 27.22 24.92
C TYR A 425 -22.17 28.05 23.80
N SER A 426 -21.49 29.15 23.45
CA SER A 426 -21.91 30.06 22.40
C SER A 426 -21.06 29.91 21.14
N PHE A 427 -20.46 28.73 20.94
CA PHE A 427 -19.66 28.44 19.76
C PHE A 427 -19.51 26.94 19.66
N TYR A 428 -19.10 26.47 18.49
CA TYR A 428 -19.03 25.04 18.26
C TYR A 428 -18.20 24.76 17.01
N ALA A 429 -17.55 23.59 16.99
CA ALA A 429 -16.87 23.10 15.80
C ALA A 429 -16.79 21.58 15.92
N LEU A 430 -17.71 20.89 15.25
CA LEU A 430 -17.81 19.43 15.36
C LEU A 430 -17.64 18.80 13.99
N GLN A 433 -13.51 18.39 9.22
CA GLN A 433 -12.67 17.48 8.46
C GLN A 433 -12.12 18.09 7.18
N ASN A 434 -12.42 19.36 6.87
CA ASN A 434 -11.69 20.07 5.84
C ASN A 434 -11.45 21.54 6.15
N LEU A 435 -11.84 22.02 7.33
CA LEU A 435 -11.58 23.40 7.70
C LEU A 435 -10.09 23.60 7.90
N ARG A 436 -9.55 24.68 7.31
CA ARG A 436 -8.11 24.86 7.25
C ARG A 436 -7.61 26.23 7.70
N GLN A 437 -8.45 27.25 7.75
CA GLN A 437 -7.90 28.56 8.05
C GLN A 437 -8.58 29.27 9.21
N TRP A 439 -11.01 32.21 10.84
CA TRP A 439 -10.93 33.63 10.48
C TRP A 439 -9.50 34.03 10.15
N ASP A 440 -9.38 35.08 9.35
CA ASP A 440 -8.09 35.74 9.13
C ASP A 440 -7.93 36.81 10.20
N TRP A 441 -7.04 36.56 11.15
CA TRP A 441 -6.96 37.41 12.33
C TRP A 441 -6.18 38.68 12.02
N SER A 442 -6.82 39.81 12.25
CA SER A 442 -6.31 41.13 11.93
C SER A 442 -7.06 42.13 12.80
N LYS A 443 -7.00 43.42 12.44
CA LYS A 443 -7.85 44.42 13.07
C LYS A 443 -9.31 43.99 13.09
N HIS A 444 -9.70 43.07 12.20
CA HIS A 444 -11.03 42.47 12.24
C HIS A 444 -11.34 41.95 13.63
N ASN A 445 -12.32 42.56 14.28
CA ASN A 445 -12.60 42.34 15.70
C ASN A 445 -13.73 41.34 15.85
N LEU A 446 -13.46 40.22 16.50
CA LEU A 446 -14.46 39.24 16.86
C LEU A 446 -14.29 38.91 18.34
N THR A 447 -15.23 39.36 19.16
CA THR A 447 -15.21 39.09 20.59
C THR A 447 -16.58 38.57 20.99
N ILE A 448 -16.61 37.68 21.98
CA ILE A 448 -17.86 37.10 22.46
C ILE A 448 -18.24 37.76 23.77
N THR A 449 -19.53 37.71 24.10
CA THR A 449 -20.03 38.28 25.34
C THR A 449 -20.04 37.24 26.47
N GLN A 450 -20.75 36.13 26.26
CA GLN A 450 -20.77 35.02 27.19
C GLN A 450 -20.56 33.72 26.42
N GLY A 451 -20.59 32.61 27.15
CA GLY A 451 -20.40 31.30 26.56
C GLY A 451 -18.93 30.93 26.43
N LYS A 452 -18.70 29.68 26.02
CA LYS A 452 -17.35 29.17 25.85
C LYS A 452 -17.21 28.42 24.53
N PHE A 454 -15.63 24.66 22.28
CA PHE A 454 -15.69 23.45 21.46
C PHE A 454 -14.87 23.50 20.19
N PHE A 455 -13.88 22.61 20.12
CA PHE A 455 -13.10 22.39 18.90
C PHE A 455 -12.74 20.91 18.86
N HIS A 456 -13.51 20.13 18.11
CA HIS A 456 -13.29 18.69 18.04
C HIS A 456 -13.41 18.23 16.59
N TYR A 457 -12.67 17.18 16.27
CA TYR A 457 -12.66 16.56 14.95
C TYR A 457 -12.38 17.61 13.86
N ASN A 458 -11.22 18.24 13.95
CA ASN A 458 -10.79 19.25 12.99
C ASN A 458 -9.41 18.88 12.49
N PRO A 459 -9.30 17.81 11.68
CA PRO A 459 -7.97 17.31 11.29
C PRO A 459 -7.14 18.33 10.53
N LYS A 460 -7.77 19.23 9.77
CA LYS A 460 -7.03 20.18 8.95
C LYS A 460 -6.91 21.55 9.60
N LEU A 461 -7.28 21.68 10.87
CA LEU A 461 -7.18 22.93 11.59
C LEU A 461 -5.99 22.87 12.54
N CYS A 462 -5.10 23.86 12.42
CA CYS A 462 -3.91 23.90 13.26
C CYS A 462 -4.24 24.42 14.65
N LEU A 463 -3.34 24.13 15.60
CA LEU A 463 -3.54 24.55 16.97
C LEU A 463 -3.25 26.04 17.17
N SER A 464 -2.29 26.59 16.42
CA SER A 464 -1.92 27.98 16.60
C SER A 464 -3.08 28.92 16.29
N GLU A 465 -3.81 28.65 15.20
CA GLU A 465 -4.96 29.48 14.87
C GLU A 465 -6.05 29.36 15.93
N ILE A 466 -6.26 28.16 16.47
CA ILE A 466 -7.26 27.99 17.52
C ILE A 466 -6.88 28.79 18.75
N HIS A 467 -5.61 28.76 19.14
CA HIS A 467 -5.16 29.52 20.30
C HIS A 467 -5.26 31.02 20.05
N LYS A 468 -4.92 31.46 18.84
CA LYS A 468 -5.04 32.88 18.52
C LYS A 468 -6.49 33.33 18.54
N MET A 469 -7.41 32.49 18.06
CA MET A 469 -8.83 32.79 18.15
C MET A 469 -9.27 32.88 19.60
N GLU A 470 -8.80 31.95 20.43
CA GLU A 470 -9.10 31.99 21.86
C GLU A 470 -8.61 33.31 22.47
N GLU A 471 -7.42 33.76 22.08
CA GLU A 471 -6.87 34.99 22.63
C GLU A 471 -7.66 36.21 22.18
N VAL A 472 -7.85 36.37 20.87
CA VAL A 472 -8.49 37.57 20.35
C VAL A 472 -9.96 37.63 20.74
N SER A 473 -10.58 36.48 21.00
CA SER A 473 -11.99 36.46 21.39
C SER A 473 -12.24 37.15 22.72
N GLY A 474 -11.19 37.40 23.52
CA GLY A 474 -11.40 37.91 24.86
C GLY A 474 -11.74 36.84 25.88
N THR A 475 -11.57 35.57 25.52
CA THR A 475 -11.87 34.45 26.41
C THR A 475 -10.70 34.08 27.31
N LYS A 476 -9.60 34.84 27.26
CA LYS A 476 -8.45 34.57 28.10
C LYS A 476 -8.85 34.64 29.58
N GLY A 477 -8.46 33.62 30.33
CA GLY A 477 -8.76 33.54 31.74
C GLY A 477 -10.15 33.05 32.08
N ARG A 478 -10.98 32.72 31.10
CA ARG A 478 -12.33 32.23 31.35
C ARG A 478 -12.64 31.04 30.45
N GLN A 479 -11.68 30.12 30.32
CA GLN A 479 -11.85 28.91 29.52
C GLN A 479 -11.36 27.70 30.29
N GLU A 480 -11.95 26.56 29.98
CA GLU A 480 -11.55 25.27 30.53
C GLU A 480 -11.06 24.37 29.42
N ARG A 481 -10.51 23.21 29.79
CA ARG A 481 -9.98 22.29 28.80
C ARG A 481 -11.06 21.71 27.89
N ASN A 482 -12.32 21.66 28.35
CA ASN A 482 -13.39 21.23 27.46
C ASN A 482 -13.54 22.20 26.29
N ASP A 483 -13.38 23.49 26.54
CA ASP A 483 -13.43 24.46 25.45
C ASP A 483 -12.30 24.25 24.46
N ILE A 484 -11.08 24.00 24.96
CA ILE A 484 -9.95 23.81 24.06
C ILE A 484 -10.05 22.45 23.38
N ALA A 485 -9.27 22.29 22.31
CA ALA A 485 -9.36 21.09 21.49
C ALA A 485 -8.68 19.91 22.16
N LEU A 486 -9.37 18.78 22.19
CA LEU A 486 -8.82 17.49 22.63
C LEU A 486 -8.84 16.44 21.54
N LYS A 487 -9.82 16.51 20.63
CA LYS A 487 -9.88 15.60 19.50
C LYS A 487 -8.75 15.97 18.53
N THR A 488 -8.53 15.13 17.52
CA THR A 488 -7.50 15.36 16.52
C THR A 488 -7.65 16.71 15.84
N ASN A 489 -6.69 17.60 16.06
CA ASN A 489 -6.64 18.90 15.40
C ASN A 489 -5.27 19.06 14.76
N GLY A 490 -5.26 19.35 13.46
CA GLY A 490 -4.00 19.43 12.75
C GLY A 490 -3.25 18.12 12.66
N ASP A 491 -3.97 17.02 12.38
CA ASP A 491 -3.32 15.72 12.27
C ASP A 491 -2.37 15.69 11.08
N GLN A 492 -2.79 16.28 9.95
CA GLN A 492 -1.96 16.37 8.76
C GLN A 492 -1.53 17.82 8.51
N ALA A 493 -2.02 18.74 9.32
CA ALA A 493 -1.80 20.18 9.17
C ALA A 493 -1.19 20.75 10.44
N SER A 494 -0.11 20.12 10.91
CA SER A 494 0.56 20.59 12.12
C SER A 494 1.09 22.01 11.94
N CYS A 495 1.74 22.28 10.80
CA CYS A 495 2.30 23.59 10.48
C CYS A 495 3.23 24.08 11.60
N GLU A 496 4.34 23.37 11.72
CA GLU A 496 5.32 23.64 12.78
C GLU A 496 5.75 25.10 12.75
N ASN A 497 5.87 25.68 13.96
CA ASN A 497 6.22 27.08 14.12
C ASN A 497 7.73 27.31 14.09
N GLU A 498 8.51 26.30 13.74
CA GLU A 498 9.96 26.42 13.67
C GLU A 498 10.42 26.15 12.24
N LEU A 499 11.45 26.89 11.83
CA LEU A 499 11.94 26.86 10.45
C LEU A 499 13.24 26.06 10.39
N LEU A 500 13.49 25.43 9.24
CA LEU A 500 14.70 24.65 9.04
C LEU A 500 15.58 25.27 7.96
N PHE A 502 18.11 25.17 5.55
CA PHE A 502 19.10 24.33 4.88
C PHE A 502 20.46 25.01 4.87
N SER A 503 21.52 24.21 4.99
CA SER A 503 22.88 24.73 5.12
C SER A 503 23.71 24.52 3.86
N TYR A 504 23.87 23.26 3.43
CA TYR A 504 24.78 22.93 2.33
C TYR A 504 24.02 22.09 1.30
N ILE A 505 24.06 22.54 0.04
CA ILE A 505 23.42 21.85 -1.07
C ILE A 505 24.48 21.51 -2.11
N ARG A 506 24.51 20.25 -2.54
CA ARG A 506 25.40 19.82 -3.60
C ARG A 506 24.65 18.88 -4.53
N THR A 507 24.80 19.08 -5.83
CA THR A 507 24.07 18.33 -6.83
C THR A 507 25.03 17.59 -7.75
N SER A 508 24.51 16.52 -8.35
CA SER A 508 25.23 15.76 -9.37
C SER A 508 24.20 15.11 -10.27
N PHE A 509 24.67 14.59 -11.41
CA PHE A 509 23.76 14.05 -12.41
C PHE A 509 22.92 12.89 -11.90
N ASP A 510 23.44 12.12 -10.93
CA ASP A 510 22.68 11.03 -10.34
C ASP A 510 22.54 11.13 -8.82
N LYS A 511 23.27 12.04 -8.17
CA LYS A 511 23.24 12.16 -6.72
C LYS A 511 23.05 13.62 -6.35
N ILE A 512 22.28 13.86 -5.29
CA ILE A 512 22.09 15.20 -4.76
C ILE A 512 22.28 15.16 -3.24
N LEU A 513 23.05 16.11 -2.72
CA LEU A 513 23.33 16.21 -1.30
C LEU A 513 22.69 17.47 -0.74
N LEU A 514 21.95 17.30 0.35
CA LEU A 514 21.34 18.40 1.07
C LEU A 514 21.75 18.33 2.53
N ARG A 515 22.08 19.49 3.10
CA ARG A 515 22.46 19.59 4.51
C ARG A 515 21.65 20.72 5.13
N TRP A 516 21.10 20.47 6.32
CA TRP A 516 20.25 21.45 6.97
C TRP A 516 20.64 21.55 8.45
N GLU A 517 20.38 22.71 9.03
CA GLU A 517 20.80 22.98 10.39
C GLU A 517 20.04 22.09 11.37
N PRO A 518 20.72 21.56 12.39
CA PRO A 518 20.05 20.68 13.35
C PRO A 518 19.28 21.46 14.41
N TYR A 519 18.01 21.11 14.60
CA TYR A 519 17.18 21.69 15.64
C TYR A 519 16.75 20.60 16.61
N TRP A 520 16.97 20.84 17.89
CA TRP A 520 16.58 19.88 18.89
C TRP A 520 15.34 20.36 19.65
N PRO A 521 14.41 19.47 19.97
CA PRO A 521 13.26 19.85 20.81
C PRO A 521 13.73 20.34 22.16
N PRO A 522 12.83 20.90 22.97
CA PRO A 522 13.26 21.38 24.30
C PRO A 522 13.95 20.31 25.13
N ASP A 523 13.50 19.07 25.05
CA ASP A 523 14.18 17.94 25.67
C ASP A 523 14.77 17.05 24.60
N PHE A 524 16.06 16.80 24.68
CA PHE A 524 16.76 16.01 23.67
C PHE A 524 16.27 14.57 23.68
N ASP A 526 13.49 13.62 22.52
CA ASP A 526 12.16 13.39 21.96
C ASP A 526 12.21 13.22 20.45
N LEU A 527 13.22 13.81 19.81
CA LEU A 527 13.31 13.81 18.36
C LEU A 527 13.51 12.39 17.85
N LEU A 528 12.49 11.85 17.18
CA LEU A 528 12.64 10.54 16.56
C LEU A 528 13.58 10.61 15.37
N GLY A 529 13.43 11.61 14.52
CA GLY A 529 14.28 11.76 13.36
C GLY A 529 13.64 12.69 12.34
N PHE A 530 14.20 12.65 11.14
CA PHE A 530 13.76 13.50 10.04
C PHE A 530 13.32 12.64 8.87
N MET A 531 12.11 12.90 8.38
CA MET A 531 11.60 12.26 7.17
C MET A 531 11.55 13.30 6.06
N LEU A 532 12.01 12.92 4.88
CA LEU A 532 12.21 13.84 3.77
C LEU A 532 11.24 13.52 2.64
N PHE A 533 10.79 14.54 1.94
CA PHE A 533 9.90 14.40 0.80
C PHE A 533 10.45 15.20 -0.37
N TYR A 534 10.67 14.54 -1.50
CA TYR A 534 11.12 15.23 -2.70
C TYR A 534 10.53 14.54 -3.92
N LYS A 535 10.09 15.33 -4.88
CA LYS A 535 9.51 14.82 -6.12
C LYS A 535 9.79 15.80 -7.24
N GLU A 536 9.68 15.30 -8.48
CA GLU A 536 9.95 16.14 -9.64
C GLU A 536 8.99 17.31 -9.71
N ALA A 537 9.53 18.51 -9.94
CA ALA A 537 8.75 19.73 -10.11
C ALA A 537 9.21 20.39 -11.40
N PRO A 538 8.58 20.06 -12.53
CA PRO A 538 9.07 20.60 -13.81
C PRO A 538 9.06 22.11 -13.89
N TYR A 539 8.08 22.78 -13.26
CA TYR A 539 7.97 24.23 -13.34
C TYR A 539 7.79 24.88 -11.97
N GLN A 540 8.11 24.15 -10.89
CA GLN A 540 7.93 24.64 -9.53
C GLN A 540 6.50 25.11 -9.30
N ASN A 541 5.53 24.35 -9.82
CA ASN A 541 4.12 24.68 -9.73
C ASN A 541 3.44 23.97 -8.55
N VAL A 542 4.22 23.48 -7.60
CA VAL A 542 3.66 22.80 -6.43
C VAL A 542 3.03 23.80 -5.49
N SER A 555 2.62 12.85 -2.59
CA SER A 555 3.04 12.49 -3.93
C SER A 555 4.56 12.42 -4.03
N TRP A 556 5.24 12.94 -3.02
CA TRP A 556 6.69 12.93 -2.96
C TRP A 556 7.20 11.60 -2.43
N THR A 557 8.47 11.31 -2.71
CA THR A 557 9.12 10.15 -2.14
C THR A 557 9.33 10.34 -0.64
N VAL A 558 9.24 9.26 0.11
CA VAL A 558 9.31 9.30 1.57
C VAL A 558 10.50 8.48 2.03
N VAL A 559 11.44 9.15 2.70
CA VAL A 559 12.59 8.50 3.32
C VAL A 559 12.75 9.09 4.73
N ASP A 560 12.88 8.23 5.73
CA ASP A 560 13.01 8.65 7.11
C ASP A 560 14.44 8.38 7.58
N ILE A 561 15.07 9.38 8.18
CA ILE A 561 16.45 9.29 8.64
C ILE A 561 16.51 9.62 10.12
N ASP A 562 17.18 8.77 10.90
CA ASP A 562 17.42 9.05 12.30
C ASP A 562 18.45 10.18 12.43
N PRO A 563 18.38 10.98 13.49
CA PRO A 563 19.33 12.08 13.66
C PRO A 563 20.72 11.56 13.96
N PRO A 564 21.75 12.33 13.65
CA PRO A 564 23.11 11.94 14.07
C PRO A 564 23.24 12.01 15.58
N LEU A 565 24.35 11.43 16.06
CA LEU A 565 24.59 11.38 17.50
C LEU A 565 24.67 12.79 18.08
N ARG A 566 24.09 12.96 19.26
CA ARG A 566 24.09 14.27 19.91
C ARG A 566 25.50 14.67 20.32
N SER A 567 25.82 15.94 20.12
CA SER A 567 27.09 16.51 20.53
C SER A 567 26.87 17.38 21.77
N ASN A 568 27.71 17.16 22.78
CA ASN A 568 27.59 17.93 24.02
C ASN A 568 27.89 19.41 23.80
N ASP A 569 28.60 19.76 22.73
CA ASP A 569 28.94 21.14 22.44
C ASP A 569 28.12 21.62 21.26
N PRO A 570 27.30 22.66 21.42
CA PRO A 570 26.55 23.19 20.28
C PRO A 570 27.42 23.67 19.14
N LYS A 571 28.62 24.17 19.43
CA LYS A 571 29.52 24.62 18.38
C LYS A 571 29.95 23.45 17.50
N SER A 572 30.33 22.33 18.11
CA SER A 572 30.76 21.15 17.37
C SER A 572 29.63 20.15 17.17
N GLN A 573 28.55 20.59 16.56
CA GLN A 573 27.44 19.69 16.22
C GLN A 573 27.67 19.07 14.85
N ASN A 574 26.91 18.01 14.58
CA ASN A 574 26.94 17.32 13.30
C ASN A 574 25.65 17.63 12.54
N HIS A 575 25.77 18.26 11.38
CA HIS A 575 24.60 18.63 10.61
C HIS A 575 24.02 17.41 9.91
N PRO A 576 22.73 17.12 10.08
CA PRO A 576 22.13 15.99 9.37
C PRO A 576 22.18 16.21 7.87
N GLY A 577 22.44 15.13 7.13
CA GLY A 577 22.55 15.21 5.69
C GLY A 577 22.02 13.94 5.04
N TRP A 578 21.73 14.05 3.75
CA TRP A 578 21.20 12.93 2.99
C TRP A 578 21.64 13.02 1.54
N LEU A 579 21.72 11.86 0.89
CA LEU A 579 21.98 11.75 -0.54
C LEU A 579 20.86 10.95 -1.19
N MET A 580 20.07 11.59 -2.04
CA MET A 580 19.10 10.87 -2.87
C MET A 580 19.84 10.48 -4.15
N ARG A 581 20.19 9.21 -4.26
CA ARG A 581 21.01 8.72 -5.34
C ARG A 581 20.13 8.28 -6.52
N GLY A 582 20.76 8.07 -7.67
CA GLY A 582 20.06 7.55 -8.83
C GLY A 582 18.96 8.46 -9.37
N LEU A 583 19.26 9.74 -9.51
CA LEU A 583 18.29 10.70 -10.03
C LEU A 583 18.59 11.00 -11.50
N LYS A 584 17.54 11.34 -12.23
CA LYS A 584 17.67 11.60 -13.66
C LYS A 584 18.44 12.90 -13.89
N PRO A 585 19.44 12.91 -14.78
CA PRO A 585 20.14 14.16 -15.08
C PRO A 585 19.22 15.18 -15.75
N TRP A 586 19.53 16.45 -15.54
CA TRP A 586 18.86 17.62 -16.11
C TRP A 586 17.45 17.82 -15.56
N THR A 587 16.95 16.92 -14.72
CA THR A 587 15.60 17.01 -14.20
C THR A 587 15.57 17.87 -12.95
N GLN A 588 14.44 18.55 -12.76
CA GLN A 588 14.23 19.42 -11.61
C GLN A 588 13.23 18.79 -10.65
N TYR A 589 13.38 19.09 -9.37
CA TYR A 589 12.57 18.48 -8.32
C TYR A 589 12.21 19.52 -7.27
N ALA A 590 11.24 19.18 -6.42
CA ALA A 590 10.85 20.00 -5.29
C ALA A 590 11.01 19.19 -4.02
N ILE A 591 11.62 19.79 -3.00
CA ILE A 591 11.99 19.10 -1.77
C ILE A 591 11.43 19.85 -0.58
N PHE A 592 10.90 19.11 0.39
CA PHE A 592 10.54 19.66 1.70
C PHE A 592 10.74 18.58 2.74
N VAL A 593 11.19 18.98 3.93
CA VAL A 593 11.54 18.05 4.99
C VAL A 593 10.76 18.42 6.25
N LYS A 594 10.62 17.44 7.14
CA LYS A 594 9.77 17.57 8.30
C LYS A 594 10.44 16.91 9.51
N THR A 595 9.95 17.25 10.69
CA THR A 595 10.47 16.71 11.95
C THR A 595 9.36 15.98 12.69
N LEU A 596 9.72 14.90 13.38
CA LEU A 596 8.78 14.09 14.15
C LEU A 596 9.22 14.08 15.61
N VAL A 597 8.28 14.37 16.51
CA VAL A 597 8.54 14.38 17.94
C VAL A 597 7.52 13.48 18.63
N THR A 598 7.86 13.05 19.84
CA THR A 598 6.93 12.29 20.67
C THR A 598 5.81 13.20 21.13
N PHE A 599 4.60 12.65 21.23
CA PHE A 599 3.44 13.44 21.61
C PHE A 599 3.31 13.52 23.12
N SER A 600 3.31 14.74 23.64
CA SER A 600 2.97 15.00 25.03
C SER A 600 1.66 15.77 25.04
N ASP A 601 0.65 15.22 25.72
CA ASP A 601 -0.68 15.80 25.67
C ASP A 601 -0.70 17.19 26.28
N GLU A 602 -0.05 17.38 27.41
CA GLU A 602 -0.01 18.68 28.07
C GLU A 602 1.17 19.53 27.62
N ARG A 603 2.08 18.98 26.81
CA ARG A 603 3.25 19.68 26.32
C ARG A 603 3.41 19.45 24.82
N ARG A 604 2.33 19.68 24.07
CA ARG A 604 2.36 19.48 22.63
C ARG A 604 3.46 20.31 21.99
N THR A 605 4.28 19.66 21.17
CA THR A 605 5.36 20.30 20.43
C THR A 605 5.19 20.01 18.96
N TYR A 606 5.22 21.07 18.14
CA TYR A 606 5.03 20.90 16.71
C TYR A 606 6.25 20.26 16.05
N GLY A 607 7.44 20.71 16.41
CA GLY A 607 8.65 20.25 15.78
C GLY A 607 9.34 21.33 14.98
N ALA A 608 9.53 21.09 13.68
CA ALA A 608 10.13 22.10 12.81
C ALA A 608 9.72 21.80 11.37
N LYS A 609 9.82 22.82 10.52
CA LYS A 609 9.42 22.71 9.14
C LYS A 609 10.43 23.42 8.25
N SER A 610 10.52 22.97 7.01
CA SER A 610 11.39 23.56 6.01
C SER A 610 10.59 23.96 4.78
N ASP A 611 10.90 25.13 4.24
CA ASP A 611 10.22 25.61 3.04
C ASP A 611 10.57 24.74 1.85
N ILE A 612 9.62 24.61 0.93
CA ILE A 612 9.83 23.81 -0.27
C ILE A 612 10.84 24.50 -1.17
N ILE A 613 11.84 23.74 -1.61
CA ILE A 613 12.91 24.27 -2.45
C ILE A 613 12.98 23.46 -3.73
N TYR A 614 13.43 24.11 -4.81
CA TYR A 614 13.52 23.49 -6.12
C TYR A 614 14.96 23.51 -6.60
N VAL A 615 15.47 22.35 -7.02
CA VAL A 615 16.79 22.22 -7.62
C VAL A 615 16.64 21.42 -8.90
N GLN A 616 17.64 21.54 -9.77
CA GLN A 616 17.66 20.86 -11.06
C GLN A 616 18.99 20.15 -11.26
N THR A 617 18.94 18.93 -11.75
CA THR A 617 20.12 18.09 -11.88
C THR A 617 21.02 18.56 -13.02
N ASP A 618 22.29 18.20 -12.94
CA ASP A 618 23.24 18.49 -14.00
C ASP A 618 23.07 17.52 -15.16
N ALA A 619 23.46 17.96 -16.35
CA ALA A 619 23.25 17.20 -17.57
C ALA A 619 24.39 16.23 -17.84
N THR A 620 24.14 15.29 -18.74
CA THR A 620 25.13 14.30 -19.17
C THR A 620 25.01 14.11 -20.68
N ASN A 621 25.65 13.06 -21.18
CA ASN A 621 25.59 12.77 -22.61
C ASN A 621 24.18 12.36 -23.00
N PRO A 622 23.73 12.74 -24.21
CA PRO A 622 22.39 12.34 -24.63
C PRO A 622 22.36 10.95 -25.25
N SER A 623 21.21 10.54 -25.76
CA SER A 623 21.05 9.23 -26.39
C SER A 623 21.21 9.34 -27.90
N VAL A 624 21.28 8.18 -28.54
CA VAL A 624 21.45 8.12 -30.01
C VAL A 624 20.19 8.65 -30.68
N PRO A 625 20.31 9.53 -31.68
CA PRO A 625 19.13 9.98 -32.41
C PRO A 625 18.43 8.81 -33.10
N LEU A 626 17.10 8.91 -33.17
CA LEU A 626 16.27 7.78 -33.53
C LEU A 626 15.88 7.82 -35.01
N PRO A 628 17.46 7.20 -38.24
CA PRO A 628 18.10 7.99 -39.29
C PRO A 628 17.96 7.37 -40.66
N ILE A 629 17.51 8.14 -41.65
CA ILE A 629 17.46 7.70 -43.04
C ILE A 629 17.97 8.81 -43.94
N SER A 630 18.51 8.41 -45.09
CA SER A 630 19.04 9.35 -46.08
C SER A 630 18.40 9.08 -47.42
N VAL A 631 17.85 10.14 -48.03
CA VAL A 631 17.20 10.06 -49.33
C VAL A 631 17.82 11.12 -50.23
N SER A 632 18.21 10.72 -51.44
CA SER A 632 18.90 11.59 -52.37
C SER A 632 17.90 12.35 -53.23
N ASN A 633 18.10 13.66 -53.36
CA ASN A 633 17.28 14.49 -54.23
C ASN A 633 17.84 14.61 -55.63
N SER A 634 19.16 14.51 -55.78
CA SER A 634 19.83 14.56 -57.07
C SER A 634 20.84 13.43 -57.16
N SER A 635 21.43 13.27 -58.35
CA SER A 635 22.40 12.20 -58.55
C SER A 635 23.62 12.38 -57.66
N SER A 636 24.10 13.62 -57.53
CA SER A 636 25.25 13.94 -56.69
C SER A 636 24.85 14.61 -55.38
N GLN A 637 23.55 14.74 -55.11
CA GLN A 637 23.07 15.42 -53.91
C GLN A 637 22.15 14.50 -53.13
N ILE A 638 22.35 14.47 -51.81
CA ILE A 638 21.53 13.67 -50.92
C ILE A 638 21.02 14.56 -49.78
N ILE A 639 19.90 14.14 -49.19
CA ILE A 639 19.27 14.88 -48.10
C ILE A 639 19.19 13.94 -46.90
N LEU A 640 19.74 14.40 -45.77
CA LEU A 640 19.72 13.60 -44.56
C LEU A 640 18.41 13.80 -43.79
N LYS A 641 18.02 12.77 -43.05
CA LYS A 641 16.82 12.81 -42.23
C LYS A 641 17.03 11.94 -41.00
N TRP A 642 16.55 12.43 -39.86
CA TRP A 642 16.50 11.65 -38.63
C TRP A 642 15.51 12.31 -37.68
N LYS A 643 15.19 11.61 -36.60
CA LYS A 643 14.27 12.05 -35.56
C LYS A 643 15.04 12.22 -34.26
N PRO A 644 14.54 13.06 -33.35
CA PRO A 644 15.27 13.31 -32.11
C PRO A 644 15.42 12.04 -31.29
N PRO A 645 16.45 11.95 -30.45
CA PRO A 645 16.68 10.73 -29.67
C PRO A 645 15.57 10.52 -28.64
N SER A 646 15.65 9.35 -27.99
CA SER A 646 14.62 8.98 -27.02
C SER A 646 14.60 9.93 -25.83
N ASP A 647 15.77 10.24 -25.27
CA ASP A 647 15.85 11.14 -24.13
C ASP A 647 17.01 12.11 -24.37
N PRO A 648 16.76 13.41 -24.37
CA PRO A 648 17.83 14.38 -24.64
C PRO A 648 18.79 14.52 -23.47
N ASN A 649 18.30 14.30 -22.25
CA ASN A 649 19.08 14.51 -21.03
C ASN A 649 19.67 15.91 -20.99
N GLY A 650 18.86 16.88 -21.38
CA GLY A 650 19.30 18.26 -21.49
C GLY A 650 19.06 18.78 -22.90
N ASN A 651 18.87 20.08 -23.01
CA ASN A 651 18.64 20.69 -24.32
C ASN A 651 19.86 20.44 -25.22
N ILE A 652 19.61 19.87 -26.39
CA ILE A 652 20.70 19.43 -27.26
C ILE A 652 21.35 20.66 -27.89
N THR A 653 22.65 20.82 -27.68
CA THR A 653 23.35 21.99 -28.22
C THR A 653 23.49 21.89 -29.73
N HIS A 654 23.93 20.74 -30.23
CA HIS A 654 24.16 20.57 -31.66
C HIS A 654 24.23 19.08 -32.00
N TYR A 655 23.74 18.73 -33.18
CA TYR A 655 23.83 17.36 -33.69
C TYR A 655 25.03 17.29 -34.64
N LEU A 656 26.11 16.67 -34.16
CA LEU A 656 27.31 16.48 -34.97
C LEU A 656 27.05 15.36 -35.97
N VAL A 657 27.35 15.61 -37.24
CA VAL A 657 27.15 14.63 -38.31
C VAL A 657 28.43 14.51 -39.11
N PHE A 658 28.76 13.30 -39.54
CA PHE A 658 29.85 13.04 -40.48
C PHE A 658 29.28 12.40 -41.75
N TRP A 659 30.10 12.38 -42.79
CA TRP A 659 29.77 11.63 -44.00
C TRP A 659 30.98 10.83 -44.44
N GLU A 660 30.71 9.66 -45.03
CA GLU A 660 31.72 8.68 -45.37
C GLU A 660 31.26 7.92 -46.59
N ARG A 661 32.21 7.36 -47.33
CA ARG A 661 31.91 6.58 -48.52
C ARG A 661 32.27 5.12 -48.29
N GLN A 662 31.45 4.23 -48.83
CA GLN A 662 31.66 2.79 -48.72
C GLN A 662 31.93 2.22 -50.10
N ALA A 663 32.88 1.29 -50.17
CA ALA A 663 33.28 0.69 -51.44
C ALA A 663 32.21 -0.27 -51.95
N GLU A 664 32.30 -0.58 -53.24
CA GLU A 664 31.37 -1.51 -53.88
C GLU A 664 31.79 -2.94 -53.61
N ASP A 665 31.11 -3.88 -54.28
CA ASP A 665 31.42 -5.30 -54.16
C ASP A 665 32.57 -5.63 -55.11
N SER A 666 33.70 -6.03 -54.55
CA SER A 666 34.87 -6.33 -55.39
C SER A 666 34.66 -7.58 -56.22
N GLU A 667 33.99 -8.59 -55.66
CA GLU A 667 33.80 -9.84 -56.37
C GLU A 667 32.93 -9.64 -57.62
N LEU A 668 31.88 -8.83 -57.51
CA LEU A 668 30.99 -8.59 -58.63
C LEU A 668 31.64 -7.78 -59.74
N PHE A 669 32.81 -7.17 -59.49
CA PHE A 669 33.43 -6.33 -60.50
C PHE A 669 33.88 -7.12 -61.72
N GLU A 670 34.25 -8.38 -61.53
CA GLU A 670 34.82 -9.16 -62.64
C GLU A 670 34.10 -10.48 -62.88
N LEU A 671 33.52 -11.09 -61.86
CA LEU A 671 32.96 -12.43 -61.99
C LEU A 671 31.80 -12.43 -62.97
N ASP A 672 31.68 -13.55 -63.71
CA ASP A 672 30.71 -13.68 -64.79
C ASP A 672 29.45 -14.37 -64.27
N TYR A 673 28.29 -13.77 -64.59
CA TYR A 673 26.99 -14.36 -64.28
C TYR A 673 26.02 -14.20 -65.44
N CYS A 674 26.53 -14.23 -66.68
CA CYS A 674 25.75 -14.01 -67.89
C CYS A 674 24.84 -15.18 -68.23
N LEU A 675 24.73 -16.21 -67.40
CA LEU A 675 23.83 -17.32 -67.70
C LEU A 675 22.39 -16.86 -67.69
N LYS A 676 21.63 -17.28 -68.70
CA LYS A 676 20.24 -16.90 -68.86
C LYS A 676 19.41 -18.12 -69.21
N GLY A 677 18.12 -18.07 -68.87
CA GLY A 677 17.22 -19.16 -69.16
C GLY A 677 17.43 -20.37 -68.26
N LEU A 720 2.22 4.22 15.92
CA LEU A 720 2.36 4.09 17.36
C LEU A 720 3.29 2.93 17.70
N LYS A 721 3.65 2.16 16.68
CA LYS A 721 4.47 0.97 16.90
C LYS A 721 5.86 1.33 17.43
N GLU A 722 6.41 2.46 16.98
CA GLU A 722 7.75 2.83 17.40
C GLU A 722 7.75 3.90 18.50
N LEU A 723 6.67 4.67 18.64
CA LEU A 723 6.60 5.62 19.75
C LEU A 723 6.69 4.91 21.09
N GLU A 724 5.95 3.81 21.25
CA GLU A 724 6.01 3.07 22.51
C GLU A 724 7.37 2.43 22.70
N GLU A 725 8.08 2.16 21.61
CA GLU A 725 9.41 1.59 21.68
C GLU A 725 10.41 2.65 22.11
N SER A 726 10.27 3.86 21.56
CA SER A 726 11.13 4.97 21.98
C SER A 726 10.74 5.50 23.34
N SER A 727 9.43 5.64 23.60
CA SER A 727 8.98 6.17 24.88
C SER A 727 9.38 5.25 26.03
N PHE A 728 9.35 3.94 25.79
CA PHE A 728 9.84 3.00 26.80
C PHE A 728 11.31 3.26 27.12
N ARG A 729 12.09 3.66 26.12
CA ARG A 729 13.50 3.96 26.36
C ARG A 729 13.68 5.27 27.12
N LYS A 730 12.81 6.26 26.88
CA LYS A 730 12.90 7.49 27.66
C LYS A 730 12.37 7.29 29.07
N THR A 731 11.36 6.43 29.23
CA THR A 731 10.81 6.16 30.55
C THR A 731 11.84 5.52 31.46
N PHE A 732 12.62 4.56 30.94
CA PHE A 732 13.58 3.86 31.76
C PHE A 732 14.66 4.79 32.28
N GLU A 733 15.26 5.59 31.38
CA GLU A 733 16.34 6.46 31.80
C GLU A 733 15.86 7.44 32.85
N ASP A 734 14.60 7.86 32.78
CA ASP A 734 14.04 8.67 33.84
C ASP A 734 14.00 7.90 35.16
N TYR A 735 13.60 6.63 35.11
CA TYR A 735 13.56 5.82 36.32
C TYR A 735 14.96 5.63 36.90
N LEU A 736 15.93 5.37 36.04
CA LEU A 736 17.30 5.16 36.50
C LEU A 736 17.82 6.41 37.23
N HIS A 737 17.73 7.57 36.58
CA HIS A 737 18.25 8.78 37.20
C HIS A 737 17.50 9.13 38.47
N ASN A 738 16.17 8.98 38.47
CA ASN A 738 15.38 9.30 39.66
C ASN A 738 15.74 8.38 40.82
N VAL A 739 16.31 7.21 40.55
CA VAL A 739 16.65 6.28 41.61
C VAL A 739 18.10 6.41 42.02
N VAL A 740 19.03 6.43 41.06
CA VAL A 740 20.45 6.40 41.37
C VAL A 740 21.02 7.80 41.62
N PHE A 741 20.18 8.83 41.64
CA PHE A 741 20.60 10.18 41.99
C PHE A 741 19.74 10.62 43.17
N VAL A 742 20.18 10.24 44.37
CA VAL A 742 19.46 10.58 45.59
C VAL A 742 19.85 11.99 46.02
N PRO A 743 18.89 12.89 46.24
CA PRO A 743 19.24 14.24 46.71
C PRO A 743 19.81 14.22 48.13
N ARG A 744 20.16 15.40 48.63
CA ARG A 744 20.75 15.48 49.97
C ARG A 744 19.69 15.26 51.04
N ARG A 784 37.34 12.68 -41.49
CA ARG A 784 36.13 12.87 -42.29
C ARG A 784 35.50 14.23 -42.00
N PRO A 785 35.07 14.93 -43.05
CA PRO A 785 34.41 16.22 -42.86
C PRO A 785 33.13 16.09 -42.02
N PHE A 786 32.87 17.12 -41.22
CA PHE A 786 31.80 17.08 -40.24
C PHE A 786 31.08 18.43 -40.25
N GLU A 787 29.96 18.47 -39.51
CA GLU A 787 29.16 19.69 -39.40
C GLU A 787 28.21 19.52 -38.22
N LYS A 788 27.83 20.65 -37.62
CA LYS A 788 26.91 20.67 -36.49
C LYS A 788 25.53 21.15 -36.94
N VAL A 789 24.50 20.39 -36.60
CA VAL A 789 23.11 20.77 -36.84
C VAL A 789 22.50 21.21 -35.52
N VAL A 790 21.69 22.27 -35.56
CA VAL A 790 21.02 22.80 -34.38
C VAL A 790 19.54 22.99 -34.69
N ASN A 791 18.69 22.40 -33.86
CA ASN A 791 17.23 22.58 -33.95
C ASN A 791 16.71 22.25 -35.35
N LYS A 792 17.25 21.18 -35.95
CA LYS A 792 16.81 20.76 -37.27
C LYS A 792 17.09 19.27 -37.41
N GLU A 793 16.10 18.56 -37.97
CA GLU A 793 16.18 17.12 -38.14
C GLU A 793 16.44 16.71 -39.59
N SER A 794 17.16 17.56 -40.34
CA SER A 794 17.45 17.27 -41.73
C SER A 794 18.71 18.03 -42.15
N LEU A 795 19.28 17.60 -43.28
CA LEU A 795 20.44 18.27 -43.85
C LEU A 795 20.56 17.84 -45.31
N VAL A 796 21.41 18.55 -46.05
CA VAL A 796 21.67 18.28 -47.46
C VAL A 796 23.18 18.12 -47.64
N ILE A 797 23.57 17.04 -48.33
CA ILE A 797 24.97 16.80 -48.68
C ILE A 797 25.06 16.62 -50.18
N SER A 798 26.01 17.32 -50.81
CA SER A 798 26.17 17.26 -52.25
C SER A 798 27.59 16.83 -52.62
N GLY A 799 27.91 16.84 -53.91
CA GLY A 799 29.23 16.46 -54.36
C GLY A 799 29.59 15.01 -54.10
N LEU A 800 28.66 14.10 -54.33
CA LEU A 800 28.87 12.68 -54.11
C LEU A 800 28.71 11.92 -55.42
N ARG A 801 29.08 10.65 -55.39
CA ARG A 801 28.96 9.81 -56.57
C ARG A 801 27.50 9.49 -56.86
N HIS A 802 27.24 9.11 -58.11
CA HIS A 802 25.85 8.94 -58.57
C HIS A 802 25.19 7.69 -58.02
N PHE A 803 25.95 6.62 -57.81
CA PHE A 803 25.38 5.38 -57.29
C PHE A 803 26.18 4.75 -56.16
N THR A 804 27.44 5.16 -55.95
CA THR A 804 28.24 4.58 -54.88
C THR A 804 27.61 4.88 -53.53
N GLY A 805 27.50 3.84 -52.70
CA GLY A 805 26.89 4.01 -51.39
C GLY A 805 27.73 4.89 -50.50
N TYR A 806 27.06 5.72 -49.70
CA TYR A 806 27.72 6.63 -48.78
C TYR A 806 27.26 6.34 -47.35
N ARG A 807 28.13 6.68 -46.40
CA ARG A 807 27.91 6.37 -44.99
C ARG A 807 27.90 7.68 -44.21
N ILE A 808 26.96 7.81 -43.28
CA ILE A 808 26.81 9.00 -42.46
C ILE A 808 26.96 8.61 -41.00
N GLU A 809 27.81 9.34 -40.28
CA GLU A 809 28.01 9.15 -38.85
C GLU A 809 27.45 10.37 -38.13
N LEU A 810 26.56 10.12 -37.17
CA LEU A 810 25.82 11.19 -36.51
C LEU A 810 26.07 11.12 -35.00
N GLN A 811 26.43 12.26 -34.42
CA GLN A 811 26.65 12.39 -32.98
C GLN A 811 25.71 13.45 -32.41
N ALA A 812 25.01 13.10 -31.35
CA ALA A 812 24.17 14.04 -30.62
C ALA A 812 24.93 14.53 -29.39
N CYS A 813 25.05 15.86 -29.26
CA CYS A 813 25.83 16.46 -28.19
C CYS A 813 25.02 17.54 -27.51
N ASN A 814 25.14 17.62 -26.18
CA ASN A 814 24.45 18.62 -25.39
C ASN A 814 25.40 19.54 -24.62
N GLN A 815 26.70 19.48 -24.91
CA GLN A 815 27.66 20.39 -24.32
C GLN A 815 28.66 20.81 -25.39
N ASP A 816 29.01 22.10 -25.39
CA ASP A 816 29.98 22.62 -26.34
C ASP A 816 30.94 23.59 -25.66
N ARG A 821 30.97 16.65 -25.44
CA ARG A 821 30.11 15.68 -24.77
C ARG A 821 28.99 15.21 -25.71
N CYS A 822 29.23 14.10 -26.39
CA CYS A 822 28.30 13.58 -27.38
C CYS A 822 27.90 12.15 -27.02
N SER A 823 26.93 11.63 -27.76
CA SER A 823 26.47 10.26 -27.60
C SER A 823 27.34 9.32 -28.43
N VAL A 824 27.01 8.03 -28.39
CA VAL A 824 27.74 7.04 -29.16
C VAL A 824 27.26 7.12 -30.61
N ALA A 825 28.01 6.52 -31.53
CA ALA A 825 27.83 6.77 -32.95
C ALA A 825 26.46 6.30 -33.45
N ALA A 826 25.88 7.08 -34.36
CA ALA A 826 24.69 6.71 -35.11
C ALA A 826 25.04 6.68 -36.59
N TYR A 827 24.62 5.62 -37.28
CA TYR A 827 25.08 5.36 -38.63
C TYR A 827 23.91 5.09 -39.56
N VAL A 828 24.08 5.44 -40.83
CA VAL A 828 23.05 5.24 -41.84
C VAL A 828 23.71 5.33 -43.22
N SER A 829 23.14 4.62 -44.19
CA SER A 829 23.64 4.60 -45.56
C SER A 829 22.47 4.83 -46.52
N ALA A 830 22.80 4.95 -47.80
CA ALA A 830 21.81 5.16 -48.85
C ALA A 830 22.43 4.82 -50.19
N ARG A 831 21.59 4.77 -51.23
CA ARG A 831 22.04 4.52 -52.59
C ARG A 831 21.28 5.49 -53.51
N THR A 832 22.00 6.49 -54.01
CA THR A 832 21.38 7.53 -54.83
C THR A 832 21.10 6.99 -56.22
N MET A 833 20.34 7.77 -57.00
CA MET A 833 20.03 7.39 -58.37
C MET A 833 21.24 7.63 -59.26
N PRO A 834 21.71 6.63 -60.00
CA PRO A 834 22.93 6.80 -60.80
C PRO A 834 22.76 7.71 -62.00
N GLU A 835 23.81 7.83 -62.80
CA GLU A 835 23.80 8.56 -64.06
C GLU A 835 24.18 7.62 -65.19
N ALA A 836 23.53 7.79 -66.33
CA ALA A 836 23.72 6.91 -67.48
C ALA A 836 24.82 7.38 -68.42
N LYS A 837 25.52 8.46 -68.10
CA LYS A 837 26.60 8.94 -68.97
C LYS A 837 27.70 7.90 -69.11
N ALA A 838 28.11 7.28 -68.00
CA ALA A 838 29.11 6.23 -68.04
C ALA A 838 28.53 4.88 -68.43
N ASP A 839 27.21 4.73 -68.40
CA ASP A 839 26.57 3.49 -68.79
C ASP A 839 26.61 3.26 -70.30
N ASP A 840 26.94 4.29 -71.08
CA ASP A 840 27.05 4.17 -72.52
C ASP A 840 28.49 3.89 -72.91
N ILE A 841 28.67 3.02 -73.91
CA ILE A 841 30.01 2.65 -74.36
C ILE A 841 30.62 3.82 -75.12
N VAL A 842 31.85 4.17 -74.76
CA VAL A 842 32.57 5.24 -75.45
C VAL A 842 33.05 4.73 -76.79
N GLY A 843 32.80 5.51 -77.85
CA GLY A 843 33.25 5.16 -79.17
C GLY A 843 32.34 4.17 -79.87
N PRO A 844 32.12 4.37 -81.16
CA PRO A 844 31.30 3.43 -81.93
C PRO A 844 32.02 2.11 -82.15
N VAL A 845 31.30 1.16 -82.73
CA VAL A 845 31.80 -0.19 -82.94
C VAL A 845 32.26 -0.36 -84.38
N THR A 846 33.46 -0.90 -84.55
CA THR A 846 33.99 -1.27 -85.85
C THR A 846 34.09 -2.79 -85.96
N HIS A 847 34.23 -3.27 -87.19
CA HIS A 847 34.17 -4.69 -87.47
C HIS A 847 35.40 -5.15 -88.24
N GLU A 848 35.78 -6.40 -88.02
CA GLU A 848 36.80 -7.08 -88.81
C GLU A 848 36.35 -8.51 -89.06
N ILE A 849 36.71 -9.03 -90.23
CA ILE A 849 36.29 -10.36 -90.67
C ILE A 849 37.53 -11.18 -90.99
N PHE A 850 37.59 -12.39 -90.44
CA PHE A 850 38.68 -13.32 -90.71
C PHE A 850 38.28 -14.28 -91.82
N GLU A 851 39.20 -15.18 -92.17
CA GLU A 851 38.94 -16.13 -93.24
C GLU A 851 37.92 -17.18 -92.82
N ASN A 852 37.86 -17.55 -91.54
CA ASN A 852 36.95 -18.56 -91.04
C ASN A 852 35.63 -17.98 -90.56
N ASN A 853 35.21 -16.84 -91.12
CA ASN A 853 33.94 -16.18 -90.79
C ASN A 853 33.87 -15.80 -89.31
N VAL A 854 35.00 -15.50 -88.69
CA VAL A 854 35.04 -15.04 -87.31
C VAL A 854 35.10 -13.52 -87.31
N VAL A 855 34.24 -12.90 -86.49
CA VAL A 855 34.06 -11.45 -86.48
C VAL A 855 34.63 -10.90 -85.18
N HIS A 856 35.42 -9.84 -85.29
CA HIS A 856 36.00 -9.15 -84.14
C HIS A 856 35.51 -7.71 -84.11
N LEU A 857 35.11 -7.24 -82.94
CA LEU A 857 34.61 -5.89 -82.75
C LEU A 857 35.56 -5.10 -81.86
N MET A 858 35.65 -3.80 -82.12
CA MET A 858 36.66 -2.94 -81.51
C MET A 858 35.98 -1.74 -80.87
N TRP A 859 36.11 -1.62 -79.55
CA TRP A 859 35.57 -0.49 -78.80
C TRP A 859 36.40 -0.31 -77.54
N GLN A 860 36.16 0.79 -76.83
CA GLN A 860 36.95 1.15 -75.66
C GLN A 860 36.17 0.87 -74.38
N GLU A 861 36.89 0.46 -73.34
CA GLU A 861 36.28 0.08 -72.09
C GLU A 861 36.11 1.29 -71.18
N PRO A 862 34.90 1.62 -70.74
CA PRO A 862 34.74 2.66 -69.72
C PRO A 862 34.91 2.07 -68.32
N LYS A 863 35.71 2.76 -67.50
CA LYS A 863 35.98 2.34 -66.14
C LYS A 863 35.45 3.32 -65.11
N GLU A 864 34.65 4.30 -65.52
CA GLU A 864 34.10 5.33 -64.64
C GLU A 864 32.91 4.87 -63.78
N PRO A 865 31.95 4.06 -64.28
CA PRO A 865 30.74 3.81 -63.48
C PRO A 865 31.00 2.96 -62.26
N ASN A 866 31.44 3.60 -61.17
CA ASN A 866 31.70 2.97 -59.88
C ASN A 866 32.82 1.93 -59.96
N GLY A 867 33.73 2.08 -60.91
CA GLY A 867 34.84 1.16 -61.03
C GLY A 867 34.76 0.29 -62.27
N LEU A 868 35.19 -0.96 -62.16
CA LEU A 868 35.20 -1.87 -63.30
C LEU A 868 33.77 -2.22 -63.71
N ILE A 869 33.53 -2.25 -65.01
CA ILE A 869 32.22 -2.62 -65.55
C ILE A 869 32.07 -4.13 -65.50
N VAL A 870 30.88 -4.58 -65.08
CA VAL A 870 30.69 -6.01 -64.83
C VAL A 870 30.64 -6.80 -66.13
N LEU A 871 29.96 -6.26 -67.15
CA LEU A 871 29.76 -7.00 -68.39
C LEU A 871 29.22 -6.05 -69.46
N TYR A 872 29.07 -6.59 -70.68
CA TYR A 872 28.47 -5.89 -71.80
C TYR A 872 27.31 -6.70 -72.35
N GLU A 873 26.48 -6.04 -73.14
CA GLU A 873 25.39 -6.69 -73.87
C GLU A 873 25.54 -6.43 -75.36
N VAL A 874 25.50 -7.49 -76.15
CA VAL A 874 25.74 -7.43 -77.59
C VAL A 874 24.50 -7.95 -78.31
N SER A 875 24.04 -7.21 -79.31
CA SER A 875 22.87 -7.58 -80.10
C SER A 875 23.24 -7.56 -81.58
N TYR A 876 22.73 -8.55 -82.33
CA TYR A 876 22.96 -8.65 -83.76
C TYR A 876 21.75 -9.31 -84.40
N ARG A 877 21.48 -8.91 -85.65
CA ARG A 877 20.29 -9.40 -86.35
C ARG A 877 20.60 -9.57 -87.83
N ARG A 878 20.18 -10.70 -88.40
CA ARG A 878 20.35 -10.95 -89.82
C ARG A 878 19.35 -10.13 -90.63
N TYR A 879 19.71 -9.86 -91.89
CA TYR A 879 18.85 -9.09 -92.78
C TYR A 879 17.50 -9.76 -92.98
N GLY A 880 16.44 -9.13 -92.47
CA GLY A 880 15.10 -9.68 -92.61
C GLY A 880 14.77 -10.80 -91.66
N ASP A 881 15.58 -11.03 -90.64
CA ASP A 881 15.37 -12.12 -89.69
C ASP A 881 15.24 -11.55 -88.27
N GLU A 882 15.20 -12.45 -87.29
CA GLU A 882 15.03 -12.08 -85.89
C GLU A 882 16.35 -11.58 -85.33
N GLU A 883 16.37 -11.31 -84.03
CA GLU A 883 17.55 -10.77 -83.35
C GLU A 883 18.25 -11.85 -82.54
N LEU A 884 19.57 -11.72 -82.43
CA LEU A 884 20.38 -12.62 -81.65
C LEU A 884 21.31 -11.81 -80.75
N HIS A 885 21.66 -12.39 -79.60
CA HIS A 885 22.44 -11.67 -78.60
C HIS A 885 23.57 -12.55 -78.09
N LEU A 886 24.65 -11.90 -77.66
CA LEU A 886 25.75 -12.55 -76.95
C LEU A 886 26.03 -11.77 -75.68
N CYS A 887 26.01 -12.47 -74.54
CA CYS A 887 26.30 -11.84 -73.25
C CYS A 887 27.82 -11.85 -73.04
N VAL A 888 28.44 -10.68 -73.20
CA VAL A 888 29.88 -10.54 -73.11
C VAL A 888 30.20 -9.98 -71.72
N SER A 889 30.96 -10.73 -70.94
CA SER A 889 31.43 -10.30 -69.64
C SER A 889 32.91 -9.93 -69.70
N ARG A 890 33.47 -9.60 -68.54
CA ARG A 890 34.91 -9.33 -68.48
C ARG A 890 35.72 -10.58 -68.78
N LYS A 891 35.23 -11.75 -68.36
CA LYS A 891 35.95 -12.99 -68.62
C LYS A 891 36.00 -13.29 -70.11
N HIS A 892 34.86 -13.22 -70.79
CA HIS A 892 34.84 -13.46 -72.22
C HIS A 892 35.65 -12.39 -72.96
N PHE A 893 35.60 -11.15 -72.49
CA PHE A 893 36.41 -10.09 -73.08
C PHE A 893 37.89 -10.41 -72.95
N ALA A 894 38.30 -10.97 -71.82
CA ALA A 894 39.69 -11.39 -71.67
C ALA A 894 40.03 -12.57 -72.58
N LEU A 895 39.12 -13.53 -72.70
CA LEU A 895 39.40 -14.70 -73.52
C LEU A 895 39.56 -14.35 -74.99
N GLU A 896 38.66 -13.53 -75.54
CA GLU A 896 38.67 -13.23 -76.97
C GLU A 896 39.20 -11.85 -77.29
N ARG A 897 39.75 -11.13 -76.31
CA ARG A 897 40.27 -9.78 -76.50
C ARG A 897 39.22 -8.88 -77.17
N GLY A 898 37.99 -9.01 -76.69
CA GLY A 898 36.85 -8.33 -77.27
C GLY A 898 35.74 -9.30 -77.64
N CYS A 899 34.60 -8.72 -78.00
CA CYS A 899 33.45 -9.52 -78.38
C CYS A 899 33.69 -10.18 -79.74
N ARG A 900 33.47 -11.49 -79.80
CA ARG A 900 33.63 -12.25 -81.03
C ARG A 900 32.43 -13.17 -81.21
N LEU A 901 32.02 -13.35 -82.46
CA LEU A 901 30.87 -14.17 -82.80
C LEU A 901 31.31 -15.31 -83.70
N ARG A 902 30.95 -16.54 -83.33
CA ARG A 902 31.32 -17.72 -84.08
C ARG A 902 30.11 -18.63 -84.24
N GLY A 903 30.12 -19.42 -85.32
CA GLY A 903 29.06 -20.38 -85.58
C GLY A 903 27.78 -19.80 -86.13
N LEU A 904 27.78 -18.54 -86.53
CA LEU A 904 26.56 -17.92 -87.07
C LEU A 904 26.29 -18.40 -88.48
N SER A 905 25.01 -18.42 -88.84
CA SER A 905 24.61 -18.86 -90.17
C SER A 905 25.06 -17.86 -91.23
N PRO A 906 25.28 -18.31 -92.46
CA PRO A 906 25.65 -17.38 -93.53
C PRO A 906 24.57 -16.33 -93.78
N GLY A 907 25.01 -15.13 -94.10
CA GLY A 907 24.10 -14.04 -94.37
C GLY A 907 24.73 -12.72 -93.99
N ASN A 908 23.92 -11.66 -94.07
CA ASN A 908 24.33 -10.32 -93.74
C ASN A 908 23.77 -9.94 -92.37
N TYR A 909 24.62 -9.38 -91.51
CA TYR A 909 24.25 -9.05 -90.14
C TYR A 909 24.69 -7.64 -89.80
N SER A 910 24.05 -7.09 -88.76
CA SER A 910 24.46 -5.83 -88.15
C SER A 910 24.44 -6.02 -86.64
N VAL A 911 25.56 -5.70 -85.99
CA VAL A 911 25.76 -6.00 -84.57
C VAL A 911 25.95 -4.69 -83.81
N ARG A 912 25.26 -4.57 -82.68
CA ARG A 912 25.40 -3.44 -81.77
C ARG A 912 25.83 -3.92 -80.40
N ILE A 913 26.49 -3.05 -79.65
CA ILE A 913 27.02 -3.37 -78.33
C ILE A 913 26.52 -2.35 -77.33
N ARG A 914 26.09 -2.82 -76.16
CA ARG A 914 25.61 -1.97 -75.08
C ARG A 914 26.29 -2.34 -73.78
N ALA A 915 26.71 -1.33 -73.02
CA ALA A 915 27.32 -1.56 -71.73
C ALA A 915 26.25 -1.76 -70.66
N THR A 916 26.62 -2.52 -69.63
CA THR A 916 25.72 -2.80 -68.50
C THR A 916 26.54 -2.68 -67.23
N SER A 917 26.46 -1.52 -66.58
CA SER A 917 27.15 -1.29 -65.32
C SER A 917 26.32 -1.85 -64.15
N LEU A 918 26.79 -1.59 -62.94
CA LEU A 918 26.01 -1.99 -61.76
C LEU A 918 24.68 -1.26 -61.70
N ALA A 919 24.60 -0.07 -62.28
CA ALA A 919 23.34 0.66 -62.34
C ALA A 919 22.33 -0.06 -63.24
N GLY A 920 22.76 -0.49 -64.42
CA GLY A 920 21.86 -1.13 -65.35
C GLY A 920 22.44 -1.08 -66.76
N ASN A 921 21.56 -1.22 -67.73
CA ASN A 921 21.95 -1.20 -69.14
C ASN A 921 21.89 0.22 -69.67
N GLY A 922 22.96 0.63 -70.35
CA GLY A 922 23.08 1.98 -70.88
C GLY A 922 22.61 2.10 -72.31
N SER A 923 23.05 3.18 -72.96
CA SER A 923 22.67 3.44 -74.33
C SER A 923 23.42 2.50 -75.29
N TRP A 924 22.83 2.30 -76.47
CA TRP A 924 23.43 1.46 -77.49
C TRP A 924 24.39 2.27 -78.36
N THR A 925 25.27 1.55 -79.04
CA THR A 925 26.29 2.16 -79.87
C THR A 925 25.91 2.09 -81.34
N GLU A 926 26.74 2.70 -82.18
CA GLU A 926 26.49 2.70 -83.61
C GLU A 926 26.64 1.29 -84.18
N PRO A 927 25.70 0.83 -84.99
CA PRO A 927 25.80 -0.54 -85.52
C PRO A 927 26.95 -0.70 -86.49
N THR A 928 27.48 -1.92 -86.54
CA THR A 928 28.46 -2.31 -87.54
C THR A 928 28.05 -3.66 -88.13
N TYR A 929 28.50 -3.92 -89.35
CA TYR A 929 28.03 -5.05 -90.13
C TYR A 929 29.12 -6.08 -90.32
N PHE A 930 28.69 -7.33 -90.52
CA PHE A 930 29.61 -8.41 -90.89
C PHE A 930 28.86 -9.41 -91.74
N TYR A 931 29.63 -10.20 -92.50
CA TYR A 931 29.08 -11.15 -93.45
C TYR A 931 29.74 -12.51 -93.26
N VAL A 932 28.96 -13.57 -93.46
CA VAL A 932 29.44 -14.94 -93.37
C VAL A 932 29.25 -15.60 -94.72
N THR A 933 30.33 -16.19 -95.25
CA THR A 933 30.28 -16.82 -96.56
C THR A 933 29.41 -18.08 -96.51
N ASP A 934 28.67 -18.32 -97.58
CA ASP A 934 27.80 -19.48 -97.68
C ASP A 934 28.63 -20.74 -97.94
N HIS B 28 33.16 -26.76 52.77
CA HIS B 28 31.76 -26.33 52.74
C HIS B 28 31.43 -25.63 51.43
N LEU B 29 30.16 -25.72 51.02
CA LEU B 29 29.70 -25.12 49.78
C LEU B 29 29.38 -23.63 49.94
N TYR B 30 29.34 -23.12 51.16
CA TYR B 30 29.06 -21.71 51.44
C TYR B 30 30.17 -21.18 52.35
N PRO B 31 31.31 -20.82 51.78
CA PRO B 31 32.46 -20.39 52.59
C PRO B 31 32.36 -18.97 53.11
N GLY B 32 31.20 -18.32 53.05
CA GLY B 32 31.10 -16.96 53.53
C GLY B 32 29.70 -16.62 54.00
N GLU B 33 29.59 -15.46 54.63
CA GLU B 33 28.34 -15.00 55.22
C GLU B 33 27.63 -14.04 54.26
N VAL B 34 26.58 -13.39 54.76
CA VAL B 34 25.83 -12.44 53.95
C VAL B 34 26.58 -11.12 53.87
N CYS B 35 26.23 -10.32 52.86
CA CYS B 35 26.79 -8.98 52.67
C CYS B 35 25.62 -8.03 52.39
N PRO B 36 24.83 -7.71 53.42
CA PRO B 36 23.52 -7.09 53.19
C PRO B 36 23.62 -5.73 52.51
N GLY B 37 22.93 -5.62 51.36
CA GLY B 37 22.73 -4.35 50.69
C GLY B 37 23.98 -3.61 50.30
N MET B 38 24.76 -4.16 49.37
CA MET B 38 25.96 -3.48 48.91
C MET B 38 25.62 -2.47 47.82
N ASP B 39 26.34 -1.34 47.84
CA ASP B 39 26.15 -0.28 46.86
C ASP B 39 27.48 0.47 46.74
N ILE B 40 28.15 0.27 45.60
CA ILE B 40 29.45 0.89 45.35
C ILE B 40 29.24 2.09 44.43
N ARG B 41 29.75 3.24 44.86
CA ARG B 41 29.47 4.50 44.18
C ARG B 41 30.68 5.40 44.30
N ASN B 42 30.75 6.40 43.42
CA ASN B 42 31.77 7.45 43.45
C ASN B 42 33.12 6.79 43.14
N ASN B 43 34.16 7.03 43.91
CA ASN B 43 35.46 6.43 43.66
C ASN B 43 35.47 4.97 44.08
N LEU B 44 36.58 4.29 43.79
CA LEU B 44 36.78 2.91 44.21
C LEU B 44 36.83 2.76 45.72
N THR B 45 36.77 3.87 46.46
CA THR B 45 36.71 3.85 47.93
C THR B 45 35.54 2.98 48.39
N ARG B 46 35.61 2.53 49.64
CA ARG B 46 34.70 1.50 50.18
C ARG B 46 34.94 0.25 49.34
N LEU B 47 33.91 -0.52 49.00
CA LEU B 47 34.07 -1.84 48.39
C LEU B 47 34.96 -2.69 49.29
N HIS B 48 35.51 -3.79 48.75
CA HIS B 48 36.41 -4.67 49.48
C HIS B 48 35.70 -5.35 50.65
N GLU B 49 34.41 -5.03 50.83
CA GLU B 49 33.58 -5.72 51.79
C GLU B 49 32.92 -6.96 51.19
N GLU B 51 34.07 -9.60 50.06
CA GLU B 51 35.14 -10.60 50.10
C GLU B 51 34.62 -11.83 50.82
N ASN B 52 34.76 -12.98 50.18
CA ASN B 52 34.30 -14.28 50.66
C ASN B 52 32.79 -14.36 50.79
N CYS B 53 32.05 -13.31 50.45
CA CYS B 53 30.60 -13.31 50.57
C CYS B 53 30.01 -14.11 49.41
N SER B 54 29.59 -15.35 49.70
CA SER B 54 28.97 -16.17 48.66
C SER B 54 27.55 -15.71 48.38
N VAL B 55 26.85 -15.22 49.39
CA VAL B 55 25.50 -14.70 49.26
C VAL B 55 25.53 -13.20 49.56
N ILE B 56 24.58 -12.48 48.95
CA ILE B 56 24.57 -11.03 49.04
C ILE B 56 23.46 -10.50 49.94
N GLU B 57 22.28 -11.11 49.95
CA GLU B 57 21.13 -10.65 50.73
C GLU B 57 20.86 -9.17 50.45
N GLY B 58 20.47 -8.90 49.22
CA GLY B 58 20.23 -7.56 48.75
C GLY B 58 20.59 -7.43 47.29
N HIS B 59 20.72 -6.20 46.83
CA HIS B 59 21.13 -5.93 45.46
C HIS B 59 22.61 -5.55 45.43
N LEU B 60 23.12 -5.31 44.22
CA LEU B 60 24.52 -4.95 44.01
C LEU B 60 24.56 -3.80 43.01
N GLN B 61 24.79 -2.60 43.52
CA GLN B 61 24.85 -1.39 42.70
C GLN B 61 26.29 -0.91 42.64
N ILE B 62 27.01 -1.35 41.61
CA ILE B 62 28.33 -0.79 41.33
C ILE B 62 28.19 0.11 40.12
N LEU B 63 28.26 1.42 40.33
CA LEU B 63 27.94 2.38 39.29
C LEU B 63 28.66 3.69 39.53
N LEU B 64 28.67 4.53 38.50
CA LEU B 64 29.25 5.87 38.56
C LEU B 64 30.75 5.81 38.88
N MET B 65 31.42 4.81 38.32
CA MET B 65 32.88 4.69 38.39
C MET B 65 33.45 5.53 37.26
N PHE B 66 33.36 6.85 37.41
CA PHE B 66 33.64 7.74 36.29
C PHE B 66 35.10 7.75 35.86
N LYS B 67 36.04 7.54 36.79
CA LYS B 67 37.47 7.62 36.45
C LYS B 67 38.16 6.31 36.88
N THR B 68 38.22 5.37 35.94
CA THR B 68 39.04 4.18 36.04
C THR B 68 39.52 3.80 34.64
N ARG B 69 40.56 2.99 34.59
CA ARG B 69 41.03 2.37 33.37
C ARG B 69 41.29 0.90 33.67
N PRO B 70 41.30 0.04 32.65
CA PRO B 70 41.52 -1.40 32.91
C PRO B 70 42.75 -1.69 33.74
N GLU B 71 43.71 -0.76 33.80
CA GLU B 71 44.84 -0.93 34.71
C GLU B 71 44.37 -0.89 36.16
N ASP B 72 43.42 0.00 36.49
CA ASP B 72 42.88 0.06 37.83
C ASP B 72 41.95 -1.10 38.16
N PHE B 73 41.47 -1.83 37.16
CA PHE B 73 40.42 -2.83 37.37
C PHE B 73 40.79 -4.15 36.69
N ARG B 74 42.01 -4.62 36.89
CA ARG B 74 42.44 -5.89 36.32
C ARG B 74 42.77 -6.94 37.37
N ASP B 75 43.46 -6.57 38.45
CA ASP B 75 43.89 -7.53 39.45
C ASP B 75 42.85 -7.77 40.54
N LEU B 76 41.97 -6.80 40.79
CA LEU B 76 40.95 -6.96 41.82
C LEU B 76 39.98 -8.07 41.41
N SER B 77 39.63 -8.92 42.38
CA SER B 77 38.80 -10.08 42.07
C SER B 77 38.08 -10.55 43.33
N PHE B 78 36.83 -10.97 43.16
CA PHE B 78 36.02 -11.59 44.22
C PHE B 78 35.50 -12.91 43.67
N PRO B 79 36.30 -13.97 43.73
CA PRO B 79 35.94 -15.22 43.02
C PRO B 79 34.92 -16.08 43.75
N LYS B 80 34.44 -15.67 44.91
CA LYS B 80 33.57 -16.53 45.71
C LYS B 80 32.29 -15.81 46.10
N LEU B 81 31.63 -15.20 45.12
CA LEU B 81 30.27 -14.70 45.25
C LEU B 81 29.38 -15.54 44.33
N ILE B 82 28.49 -16.33 44.92
CA ILE B 82 27.78 -17.37 44.18
C ILE B 82 26.29 -17.06 44.07
N MET B 83 25.74 -16.35 45.05
CA MET B 83 24.30 -16.18 45.18
C MET B 83 23.97 -14.71 45.30
N ILE B 84 23.20 -14.20 44.36
CA ILE B 84 22.65 -12.84 44.42
C ILE B 84 21.13 -12.94 44.40
N THR B 85 20.50 -12.32 45.39
CA THR B 85 19.06 -12.49 45.59
C THR B 85 18.21 -11.60 44.70
N ASP B 86 18.42 -10.29 44.75
CA ASP B 86 17.48 -9.35 44.12
C ASP B 86 17.87 -8.97 42.70
N TYR B 87 19.02 -8.31 42.53
CA TYR B 87 19.45 -7.92 41.19
C TYR B 87 20.88 -7.38 41.28
N LEU B 88 21.55 -7.39 40.13
CA LEU B 88 22.90 -6.84 39.98
C LEU B 88 22.81 -5.68 39.00
N LEU B 89 23.22 -4.49 39.42
CA LEU B 89 23.11 -3.28 38.63
C LEU B 89 24.48 -2.69 38.39
N LEU B 90 24.80 -2.42 37.13
CA LEU B 90 26.04 -1.75 36.74
C LEU B 90 25.70 -0.61 35.79
N PHE B 91 26.18 0.59 36.10
CA PHE B 91 25.81 1.79 35.36
C PHE B 91 27.02 2.71 35.24
N ARG B 92 27.55 2.82 34.03
CA ARG B 92 28.68 3.69 33.72
C ARG B 92 29.88 3.41 34.62
N VAL B 93 30.40 2.19 34.49
CA VAL B 93 31.67 1.83 35.13
C VAL B 93 32.77 2.14 34.11
N GLY B 95 35.86 2.28 32.54
CA GLY B 95 37.20 1.72 32.58
C GLY B 95 37.29 0.31 33.12
N LEU B 96 36.27 -0.50 32.90
CA LEU B 96 36.25 -1.90 33.33
C LEU B 96 36.23 -2.79 32.10
N GLU B 97 37.18 -3.72 32.03
CA GLU B 97 37.26 -4.60 30.86
C GLU B 97 36.14 -5.63 30.86
N SER B 98 36.11 -6.49 31.88
CA SER B 98 35.15 -7.58 31.92
C SER B 98 34.81 -7.90 33.37
N LEU B 99 33.70 -8.61 33.54
CA LEU B 99 33.29 -9.09 34.84
C LEU B 99 33.79 -10.50 35.14
N LYS B 100 34.47 -11.14 34.18
CA LYS B 100 34.95 -12.50 34.38
C LYS B 100 35.99 -12.59 35.50
N ASP B 101 36.63 -11.48 35.86
CA ASP B 101 37.55 -11.45 36.98
C ASP B 101 36.90 -10.89 38.24
N LEU B 102 35.93 -9.99 38.12
CA LEU B 102 35.23 -9.46 39.29
C LEU B 102 34.32 -10.50 39.92
N PHE B 103 33.53 -11.20 39.10
CA PHE B 103 32.60 -12.23 39.55
C PHE B 103 32.80 -13.47 38.71
N PRO B 104 33.91 -14.19 38.90
CA PRO B 104 34.18 -15.38 38.09
C PRO B 104 33.28 -16.57 38.42
N ASN B 105 32.68 -16.61 39.61
CA ASN B 105 31.93 -17.77 40.07
C ASN B 105 30.59 -17.35 40.63
N LEU B 106 29.84 -16.54 39.88
CA LEU B 106 28.46 -16.21 40.21
C LEU B 106 27.55 -17.06 39.33
N THR B 107 26.55 -17.70 39.95
CA THR B 107 25.77 -18.72 39.28
C THR B 107 24.31 -18.32 39.03
N VAL B 108 23.61 -17.79 40.02
CA VAL B 108 22.18 -17.53 39.89
C VAL B 108 21.85 -16.19 40.50
N ILE B 109 21.03 -15.41 39.80
CA ILE B 109 20.38 -14.23 40.35
C ILE B 109 18.94 -14.62 40.66
N ARG B 110 18.58 -14.62 41.95
CA ARG B 110 17.26 -15.09 42.34
C ARG B 110 16.17 -14.13 41.86
N GLY B 111 16.45 -12.84 41.86
CA GLY B 111 15.49 -11.87 41.34
C GLY B 111 14.18 -11.79 42.09
N SER B 112 14.23 -11.89 43.41
CA SER B 112 13.01 -11.75 44.20
C SER B 112 12.50 -10.32 44.18
N ARG B 113 13.40 -9.34 44.19
CA ARG B 113 13.07 -7.93 44.10
C ARG B 113 13.75 -7.36 42.85
N LEU B 114 12.96 -7.05 41.84
CA LEU B 114 13.49 -6.56 40.57
C LEU B 114 13.81 -5.07 40.66
N PHE B 115 14.62 -4.61 39.71
CA PHE B 115 14.96 -3.18 39.67
C PHE B 115 13.86 -2.38 39.00
N PHE B 116 13.61 -2.64 37.72
CA PHE B 116 12.45 -2.08 37.03
C PHE B 116 11.51 -3.18 36.56
N ASN B 117 12.01 -4.11 35.76
CA ASN B 117 11.36 -5.38 35.48
C ASN B 117 12.37 -6.51 35.36
N TYR B 118 13.62 -6.27 35.74
CA TYR B 118 14.75 -7.09 35.35
C TYR B 118 15.69 -7.27 36.54
N ALA B 119 16.48 -8.35 36.47
CA ALA B 119 17.45 -8.65 37.51
C ALA B 119 18.89 -8.40 37.09
N LEU B 120 19.18 -8.33 35.80
CA LEU B 120 20.52 -8.04 35.29
C LEU B 120 20.40 -6.85 34.34
N VAL B 121 20.71 -5.66 34.84
CA VAL B 121 20.70 -4.44 34.04
C VAL B 121 22.11 -3.89 34.02
N ILE B 122 22.75 -3.99 32.85
CA ILE B 122 24.07 -3.43 32.61
C ILE B 122 23.87 -2.35 31.56
N PHE B 123 23.95 -1.09 31.97
CA PHE B 123 23.50 0.02 31.16
C PHE B 123 24.60 1.06 31.01
N GLU B 124 24.94 1.38 29.75
CA GLU B 124 25.74 2.56 29.41
C GLU B 124 27.16 2.48 29.97
N MET B 125 27.57 1.32 30.44
CA MET B 125 28.96 1.15 30.86
C MET B 125 29.84 1.20 29.62
N VAL B 126 30.58 2.30 29.48
CA VAL B 126 31.16 2.66 28.19
C VAL B 126 32.28 1.70 27.81
N HIS B 127 33.22 1.49 28.72
CA HIS B 127 34.39 0.66 28.45
C HIS B 127 34.13 -0.76 28.90
N LEU B 128 34.48 -1.72 28.05
CA LEU B 128 34.28 -3.13 28.36
C LEU B 128 35.05 -3.96 27.33
N LYS B 129 35.22 -5.24 27.67
CA LYS B 129 35.69 -6.24 26.73
C LYS B 129 34.65 -7.32 26.49
N GLU B 130 34.11 -7.91 27.54
CA GLU B 130 33.06 -8.91 27.41
C GLU B 130 32.37 -9.12 28.75
N LEU B 131 31.21 -9.78 28.69
CA LEU B 131 30.43 -10.02 29.89
C LEU B 131 31.16 -10.93 30.86
N GLY B 132 31.76 -12.00 30.36
CA GLY B 132 32.33 -13.00 31.25
C GLY B 132 31.21 -13.78 31.91
N LEU B 133 31.32 -13.96 33.23
CA LEU B 133 30.30 -14.64 34.03
C LEU B 133 29.99 -16.02 33.48
N TYR B 134 31.05 -16.82 33.28
CA TYR B 134 30.89 -18.16 32.73
C TYR B 134 30.38 -19.16 33.76
N ASN B 135 29.93 -18.71 34.93
CA ASN B 135 29.31 -19.56 35.92
C ASN B 135 27.81 -19.32 36.07
N LEU B 136 27.28 -18.25 35.49
CA LEU B 136 25.88 -17.90 35.69
C LEU B 136 24.98 -18.93 35.02
N MET B 137 23.98 -19.41 35.75
CA MET B 137 23.15 -20.52 35.31
C MET B 137 21.68 -20.16 35.15
N ASN B 138 21.05 -19.58 36.17
CA ASN B 138 19.61 -19.37 36.14
C ASN B 138 19.26 -18.01 36.72
N ILE B 139 18.30 -17.34 36.11
CA ILE B 139 17.67 -16.16 36.68
C ILE B 139 16.23 -16.53 36.97
N THR B 140 15.91 -16.67 38.27
CA THR B 140 14.63 -17.24 38.66
C THR B 140 13.46 -16.40 38.16
N ARG B 141 13.35 -15.17 38.64
CA ARG B 141 12.25 -14.28 38.27
C ARG B 141 12.83 -12.91 37.89
N GLY B 142 12.53 -12.46 36.69
CA GLY B 142 13.04 -11.21 36.18
C GLY B 142 13.43 -11.35 34.73
N SER B 143 14.31 -10.46 34.28
CA SER B 143 14.80 -10.48 32.91
C SER B 143 16.15 -9.77 32.87
N VAL B 144 16.70 -9.61 31.67
CA VAL B 144 18.00 -8.99 31.45
C VAL B 144 17.82 -7.82 30.49
N ARG B 145 18.48 -6.70 30.77
CA ARG B 145 18.24 -5.48 30.03
C ARG B 145 19.57 -4.78 29.70
N ILE B 146 20.52 -5.53 29.15
CA ILE B 146 21.78 -4.92 28.72
C ILE B 146 21.49 -3.99 27.56
N GLU B 147 21.97 -2.75 27.65
CA GLU B 147 21.63 -1.76 26.65
C GLU B 147 22.65 -0.64 26.63
N LYS B 148 22.77 0.01 25.46
CA LYS B 148 23.46 1.29 25.31
C LYS B 148 24.93 1.19 25.72
N ASN B 149 25.51 0.01 25.60
CA ASN B 149 26.94 -0.18 25.81
C ASN B 149 27.62 -0.05 24.45
N ASN B 150 28.13 1.14 24.17
CA ASN B 150 28.70 1.45 22.86
C ASN B 150 29.96 0.66 22.53
N GLU B 151 30.42 -0.24 23.42
CA GLU B 151 31.60 -1.05 23.13
C GLU B 151 31.35 -2.52 23.43
N LEU B 152 30.12 -2.99 23.24
CA LEU B 152 29.70 -4.32 23.61
C LEU B 152 29.37 -5.16 22.38
N CYS B 153 29.88 -6.39 22.35
CA CYS B 153 29.50 -7.37 21.34
C CYS B 153 29.48 -8.75 22.00
N TYR B 154 29.43 -9.79 21.18
CA TYR B 154 29.40 -11.18 21.65
C TYR B 154 28.20 -11.43 22.57
N LEU B 155 27.09 -10.76 22.28
CA LEU B 155 25.86 -10.94 23.05
C LEU B 155 24.80 -11.73 22.32
N ALA B 156 24.79 -11.70 20.98
CA ALA B 156 23.88 -12.53 20.21
C ALA B 156 24.31 -13.99 20.17
N THR B 157 25.53 -14.29 20.61
CA THR B 157 26.05 -15.65 20.65
C THR B 157 25.82 -16.34 21.99
N ILE B 158 24.73 -15.98 22.69
CA ILE B 158 24.36 -16.59 23.96
C ILE B 158 22.92 -17.05 23.85
N ASP B 159 22.64 -18.26 24.34
CA ASP B 159 21.30 -18.82 24.35
C ASP B 159 20.71 -18.65 25.74
N TRP B 160 19.58 -17.95 25.82
CA TRP B 160 18.92 -17.68 27.08
C TRP B 160 17.84 -18.70 27.42
N SER B 161 17.56 -19.65 26.53
CA SER B 161 16.50 -20.62 26.78
C SER B 161 16.81 -21.48 28.00
N ARG B 162 18.05 -21.95 28.12
CA ARG B 162 18.47 -22.76 29.25
C ARG B 162 18.89 -21.92 30.45
N ILE B 163 18.80 -20.59 30.34
CA ILE B 163 19.27 -19.69 31.37
C ILE B 163 18.12 -18.88 31.98
N LEU B 164 17.20 -18.39 31.17
CA LEU B 164 16.19 -17.44 31.60
C LEU B 164 14.83 -18.11 31.63
N ASP B 165 14.10 -17.91 32.74
CA ASP B 165 12.76 -18.48 32.87
C ASP B 165 11.81 -17.89 31.82
N SER B 166 11.88 -16.58 31.61
CA SER B 166 11.03 -15.87 30.66
C SER B 166 11.88 -15.50 29.45
N VAL B 167 11.60 -16.13 28.31
CA VAL B 167 12.35 -15.84 27.08
C VAL B 167 12.01 -14.47 26.52
N GLU B 168 10.95 -13.84 26.99
CA GLU B 168 10.59 -12.51 26.52
C GLU B 168 10.95 -11.48 27.58
N ASN B 170 13.77 -9.99 27.35
CA ASN B 170 15.21 -9.79 27.33
C ASN B 170 15.54 -8.66 26.36
N TYR B 171 15.18 -7.44 26.77
CA TYR B 171 15.23 -6.29 25.88
C TYR B 171 16.64 -5.72 25.80
N ILE B 172 17.36 -6.06 24.74
CA ILE B 172 18.75 -5.65 24.53
C ILE B 172 18.85 -4.97 23.18
N VAL B 173 19.20 -3.67 23.18
CA VAL B 173 19.35 -2.89 21.95
C VAL B 173 20.48 -1.89 22.14
N LEU B 174 20.77 -1.16 21.06
CA LEU B 174 21.66 0.00 21.07
C LEU B 174 23.06 -0.35 21.58
N ASN B 175 23.57 -1.51 21.20
CA ASN B 175 24.93 -1.91 21.53
C ASN B 175 25.76 -2.03 20.26
N LYS B 176 27.08 -2.10 20.44
CA LYS B 176 27.99 -2.10 19.30
C LYS B 176 27.76 -3.28 18.36
N ASP B 177 27.29 -4.42 18.90
CA ASP B 177 27.06 -5.59 18.06
C ASP B 177 25.97 -5.33 17.03
N ASP B 178 25.15 -4.29 17.23
CA ASP B 178 24.11 -3.97 16.27
C ASP B 178 24.68 -3.55 14.92
N ASN B 179 25.78 -2.80 14.93
CA ASN B 179 26.37 -2.25 13.71
C ASN B 179 27.40 -3.18 13.08
N GLU B 180 27.56 -4.40 13.62
CA GLU B 180 28.43 -5.42 13.04
C GLU B 180 29.89 -4.95 12.98
N GLU B 181 30.32 -4.22 14.01
CA GLU B 181 31.71 -3.79 14.09
C GLU B 181 32.60 -4.77 14.83
N CYS B 182 32.05 -5.87 15.34
CA CYS B 182 32.80 -6.82 16.16
C CYS B 182 32.72 -8.20 15.52
N GLY B 183 33.87 -8.73 15.12
CA GLY B 183 33.89 -10.02 14.47
C GLY B 183 33.58 -11.16 15.42
N ASP B 184 33.16 -12.28 14.85
CA ASP B 184 32.77 -13.44 15.65
C ASP B 184 33.98 -14.11 16.26
N ILE B 185 33.95 -14.32 17.58
CA ILE B 185 34.99 -15.04 18.29
C ILE B 185 34.33 -15.98 19.30
N CYS B 186 34.71 -17.25 19.25
CA CYS B 186 34.23 -18.26 20.19
C CYS B 186 35.41 -19.12 20.59
N PRO B 187 35.43 -19.61 21.83
CA PRO B 187 36.57 -20.46 22.27
C PRO B 187 36.72 -21.69 21.40
N GLY B 188 37.98 -22.04 21.14
CA GLY B 188 38.29 -23.19 20.30
C GLY B 188 38.65 -22.80 18.88
N ASN B 195 34.35 -27.33 19.34
CA ASN B 195 35.00 -27.07 20.62
C ASN B 195 33.99 -26.58 21.66
N CYS B 196 32.97 -25.88 21.20
CA CYS B 196 31.92 -25.36 22.07
C CYS B 196 30.55 -25.75 21.51
N PRO B 197 29.55 -25.90 22.37
CA PRO B 197 28.23 -26.35 21.91
C PRO B 197 27.53 -25.34 21.02
N ALA B 198 26.41 -25.74 20.43
CA ALA B 198 25.64 -24.89 19.55
C ALA B 198 24.18 -25.26 19.64
N THR B 199 23.31 -24.24 19.67
CA THR B 199 21.87 -24.44 19.74
C THR B 199 21.23 -23.78 18.52
N VAL B 200 19.90 -23.77 18.50
CA VAL B 200 19.12 -23.20 17.41
C VAL B 200 18.34 -22.01 17.95
N ILE B 201 18.56 -20.85 17.36
CA ILE B 201 17.84 -19.63 17.72
C ILE B 201 17.27 -19.04 16.43
N ASN B 202 15.96 -18.77 16.44
CA ASN B 202 15.24 -18.22 15.28
C ASN B 202 15.40 -19.12 14.06
N GLY B 203 15.43 -20.43 14.26
CA GLY B 203 15.61 -21.36 13.17
C GLY B 203 17.03 -21.47 12.65
N GLN B 204 18.00 -20.83 13.31
CA GLN B 204 19.39 -20.86 12.89
C GLN B 204 20.23 -21.59 13.94
N PHE B 205 20.96 -22.60 13.51
CA PHE B 205 21.78 -23.42 14.39
C PHE B 205 23.12 -22.70 14.58
N VAL B 206 23.25 -21.97 15.68
CA VAL B 206 24.40 -21.10 15.93
C VAL B 206 25.08 -21.52 17.23
N GLU B 207 26.39 -21.32 17.28
CA GLU B 207 27.15 -21.62 18.49
C GLU B 207 26.81 -20.64 19.60
N ARG B 208 26.94 -21.11 20.85
CA ARG B 208 26.65 -20.31 22.04
C ARG B 208 27.94 -20.13 22.83
N TRP B 210 30.32 -17.01 24.87
CA TRP B 210 30.24 -15.66 25.40
C TRP B 210 31.57 -15.12 25.92
N THR B 211 32.67 -15.85 25.76
CA THR B 211 33.99 -15.34 26.10
C THR B 211 34.95 -15.79 25.01
N HIS B 212 36.25 -15.62 25.26
CA HIS B 212 37.28 -16.16 24.40
C HIS B 212 37.82 -17.50 24.89
N SER B 213 37.42 -17.94 26.08
CA SER B 213 37.88 -19.21 26.63
C SER B 213 36.78 -20.06 27.23
N HIS B 214 35.56 -19.54 27.40
CA HIS B 214 34.46 -20.29 27.98
C HIS B 214 33.20 -20.07 27.13
N CYS B 215 32.29 -21.04 27.19
CA CYS B 215 31.01 -20.94 26.50
C CYS B 215 29.93 -21.50 27.43
N GLN B 216 28.74 -21.68 26.87
CA GLN B 216 27.61 -22.14 27.66
C GLN B 216 27.81 -23.58 28.10
N LYS B 217 27.38 -23.88 29.33
CA LYS B 217 27.44 -25.22 29.90
C LYS B 217 26.04 -25.82 29.78
N VAL B 218 25.80 -26.51 28.68
CA VAL B 218 24.49 -27.08 28.39
C VAL B 218 24.31 -28.36 29.18
N CYS B 219 23.22 -28.43 29.93
CA CYS B 219 22.84 -29.61 30.70
C CYS B 219 21.66 -30.31 30.04
N PRO B 220 21.50 -31.62 30.26
CA PRO B 220 20.37 -32.33 29.66
C PRO B 220 19.03 -31.77 30.14
N THR B 221 18.05 -31.79 29.24
CA THR B 221 16.73 -31.24 29.55
C THR B 221 16.08 -31.95 30.73
N ILE B 222 16.39 -33.23 30.95
CA ILE B 222 15.84 -33.94 32.10
C ILE B 222 16.43 -33.41 33.40
N CYS B 223 17.64 -32.85 33.35
CA CYS B 223 18.26 -32.30 34.55
C CYS B 223 17.54 -31.06 35.07
N LYS B 224 16.80 -30.37 34.22
CA LYS B 224 16.03 -29.17 34.59
C LYS B 224 17.02 -28.15 35.16
N SER B 225 16.66 -27.44 36.23
CA SER B 225 17.54 -26.46 36.86
C SER B 225 18.49 -27.08 37.86
N HIS B 226 18.42 -28.40 38.07
CA HIS B 226 19.33 -29.04 39.02
C HIS B 226 20.77 -28.92 38.57
N GLY B 227 21.02 -29.08 37.27
CA GLY B 227 22.34 -28.98 36.70
C GLY B 227 22.88 -30.35 36.30
N CYS B 228 24.14 -30.34 35.88
CA CYS B 228 24.79 -31.57 35.43
C CYS B 228 26.29 -31.45 35.65
N THR B 229 26.96 -32.59 35.65
CA THR B 229 28.40 -32.66 35.76
C THR B 229 29.01 -32.85 34.38
N ALA B 230 30.33 -33.06 34.33
CA ALA B 230 30.99 -33.27 33.06
C ALA B 230 30.54 -34.55 32.39
N GLU B 231 30.13 -35.55 33.16
CA GLU B 231 29.66 -36.82 32.63
C GLU B 231 28.21 -36.78 32.22
N GLY B 232 27.51 -35.67 32.42
CA GLY B 232 26.11 -35.58 32.11
C GLY B 232 25.17 -36.06 33.21
N LEU B 233 25.71 -36.52 34.33
CA LEU B 233 24.87 -36.97 35.43
C LEU B 233 24.09 -35.81 36.02
N CYS B 234 22.78 -35.98 36.17
CA CYS B 234 21.95 -34.93 36.75
C CYS B 234 22.33 -34.70 38.20
N CYS B 235 22.44 -33.43 38.58
CA CYS B 235 22.66 -33.09 39.97
C CYS B 235 21.40 -33.40 40.78
N HIS B 236 21.55 -33.38 42.11
CA HIS B 236 20.41 -33.61 42.98
C HIS B 236 19.34 -32.54 42.75
N SER B 237 18.08 -32.95 42.90
CA SER B 237 16.97 -32.10 42.48
C SER B 237 16.97 -30.77 43.23
N GLU B 238 17.25 -30.80 44.53
CA GLU B 238 17.19 -29.57 45.33
C GLU B 238 18.33 -28.61 45.01
N CYS B 239 19.38 -29.06 44.32
CA CYS B 239 20.45 -28.15 43.93
C CYS B 239 19.95 -27.21 42.84
N LEU B 240 20.77 -26.21 42.52
CA LEU B 240 20.38 -25.20 41.55
C LEU B 240 21.59 -24.82 40.71
N GLY B 241 21.51 -25.06 39.40
CA GLY B 241 22.56 -24.64 38.50
C GLY B 241 23.70 -25.62 38.37
N ASN B 242 24.51 -25.76 39.42
CA ASN B 242 25.68 -26.61 39.38
C ASN B 242 25.77 -27.39 40.69
N CYS B 243 26.49 -28.52 40.64
CA CYS B 243 26.74 -29.34 41.81
C CYS B 243 28.21 -29.71 41.84
N SER B 244 28.78 -29.72 43.05
CA SER B 244 30.17 -30.13 43.22
C SER B 244 30.34 -31.59 42.82
N GLN B 245 29.41 -32.44 43.22
CA GLN B 245 29.36 -33.84 42.82
C GLN B 245 27.94 -34.20 42.43
N PRO B 246 27.76 -35.15 41.52
CA PRO B 246 26.41 -35.50 41.08
C PRO B 246 25.59 -36.15 42.19
N ASP B 247 24.29 -35.87 42.16
CA ASP B 247 23.29 -36.53 43.02
C ASP B 247 23.61 -36.35 44.50
N ASP B 248 23.78 -35.10 44.90
CA ASP B 248 23.89 -34.75 46.31
C ASP B 248 23.59 -33.27 46.52
N CYS B 252 25.81 -29.21 46.69
CA CYS B 252 25.39 -28.35 45.59
C CYS B 252 25.98 -26.94 45.76
N VAL B 253 26.30 -26.32 44.62
CA VAL B 253 26.77 -24.94 44.65
C VAL B 253 25.66 -23.98 45.05
N ALA B 254 24.45 -24.23 44.56
CA ALA B 254 23.29 -23.40 44.88
C ALA B 254 22.08 -24.30 45.10
N CYS B 255 21.08 -23.78 45.82
CA CYS B 255 19.89 -24.55 46.18
C CYS B 255 18.69 -24.03 45.42
N ARG B 256 17.86 -24.97 44.95
CA ARG B 256 16.72 -24.60 44.09
C ARG B 256 15.64 -23.89 44.89
N ASN B 257 15.27 -24.43 46.05
CA ASN B 257 14.18 -23.86 46.85
C ASN B 257 14.68 -23.29 48.17
N PHE B 258 15.34 -24.09 48.99
CA PHE B 258 15.83 -23.64 50.29
C PHE B 258 17.16 -24.30 50.59
N TYR B 259 17.89 -23.72 51.53
CA TYR B 259 19.24 -24.14 51.85
C TYR B 259 19.36 -25.00 53.09
N LEU B 260 18.55 -24.75 54.12
CA LEU B 260 18.69 -25.41 55.41
C LEU B 260 20.09 -25.19 55.96
N ASP B 261 20.98 -26.18 55.83
CA ASP B 261 22.34 -26.04 56.32
C ASP B 261 23.22 -27.08 55.64
N GLY B 262 24.19 -26.64 54.84
CA GLY B 262 25.17 -27.54 54.27
C GLY B 262 24.61 -28.54 53.27
N ARG B 263 23.44 -28.26 52.72
CA ARG B 263 22.78 -29.15 51.75
C ARG B 263 21.72 -28.31 51.06
N CYS B 264 20.90 -28.96 50.24
CA CYS B 264 19.76 -28.30 49.59
C CYS B 264 18.51 -29.13 49.85
N VAL B 265 17.44 -28.46 50.29
CA VAL B 265 16.21 -29.13 50.68
C VAL B 265 15.02 -28.43 50.03
N GLU B 266 13.90 -29.15 49.97
CA GLU B 266 12.66 -28.57 49.44
C GLU B 266 12.04 -27.60 50.43
N THR B 267 12.05 -27.93 51.72
CA THR B 267 11.54 -27.03 52.75
C THR B 267 12.14 -27.46 54.08
N CYS B 268 12.62 -26.50 54.86
CA CYS B 268 13.30 -26.80 56.10
C CYS B 268 12.32 -27.41 57.11
N PRO B 269 12.64 -28.55 57.71
CA PRO B 269 11.81 -29.09 58.79
C PRO B 269 12.24 -28.66 60.19
N PRO B 270 13.27 -27.82 60.36
CA PRO B 270 13.43 -27.17 61.66
C PRO B 270 12.22 -26.32 61.99
N PRO B 271 11.84 -26.25 63.28
CA PRO B 271 10.70 -25.46 63.76
C PRO B 271 10.89 -23.97 63.51
N HIS B 274 11.33 -19.79 57.63
CA HIS B 274 11.74 -19.39 56.29
C HIS B 274 12.17 -17.92 56.30
N PHE B 275 13.28 -17.63 55.63
CA PHE B 275 13.83 -16.27 55.57
C PHE B 275 14.05 -15.90 54.11
N GLN B 276 13.40 -14.81 53.68
CA GLN B 276 13.67 -14.17 52.39
C GLN B 276 13.52 -15.18 51.24
N ASP B 277 12.57 -16.10 51.40
CA ASP B 277 12.17 -17.06 50.38
C ASP B 277 13.29 -17.95 49.90
N TRP B 278 14.42 -18.03 50.60
CA TRP B 278 15.55 -18.81 50.12
C TRP B 278 16.26 -19.64 51.19
N ARG B 279 16.01 -19.40 52.48
CA ARG B 279 16.70 -20.15 53.52
C ARG B 279 15.84 -20.11 54.79
N CYS B 280 16.31 -20.82 55.82
CA CYS B 280 15.64 -20.88 57.10
C CYS B 280 16.62 -20.57 58.22
N VAL B 281 16.10 -19.98 59.29
CA VAL B 281 16.87 -19.68 60.48
C VAL B 281 16.06 -20.09 61.70
N ASN B 282 16.74 -20.11 62.85
CA ASN B 282 16.05 -20.37 64.10
C ASN B 282 15.19 -19.17 64.49
N PHE B 283 14.24 -19.42 65.39
CA PHE B 283 13.38 -18.35 65.88
C PHE B 283 14.20 -17.25 66.54
N SER B 284 15.31 -17.63 67.20
CA SER B 284 16.11 -16.65 67.93
C SER B 284 16.65 -15.57 67.02
N PHE B 285 17.16 -15.94 65.83
CA PHE B 285 17.72 -14.95 64.93
C PHE B 285 16.65 -13.99 64.42
N CYS B 286 15.48 -14.52 64.07
CA CYS B 286 14.39 -13.68 63.57
C CYS B 286 13.93 -12.70 64.64
N GLN B 287 13.71 -13.18 65.87
CA GLN B 287 13.29 -12.27 66.94
C GLN B 287 14.41 -11.29 67.30
N ASP B 288 15.66 -11.71 67.15
CA ASP B 288 16.79 -10.81 67.42
C ASP B 288 16.79 -9.67 66.43
N LEU B 289 16.58 -9.97 65.15
CA LEU B 289 16.49 -8.90 64.14
C LEU B 289 15.31 -7.99 64.44
N HIS B 290 14.16 -8.58 64.78
CA HIS B 290 12.96 -7.80 65.05
C HIS B 290 13.19 -6.83 66.19
N HIS B 291 13.80 -7.30 67.28
CA HIS B 291 14.09 -6.42 68.41
C HIS B 291 15.18 -5.42 68.09
N LYS B 292 16.21 -5.83 67.34
CA LYS B 292 17.34 -4.96 67.07
C LYS B 292 16.94 -3.75 66.23
N CYS B 293 16.19 -3.98 65.15
CA CYS B 293 15.92 -2.86 64.25
C CYS B 293 14.99 -1.84 64.90
N LYS B 294 14.02 -2.29 65.71
CA LYS B 294 13.22 -1.33 66.46
C LYS B 294 14.01 -0.69 67.59
N ASN B 295 15.04 -1.38 68.10
CA ASN B 295 15.97 -0.74 69.02
C ASN B 295 16.88 0.23 68.29
N SER B 296 17.33 -0.14 67.09
CA SER B 296 18.23 0.71 66.34
C SER B 296 17.53 1.91 65.71
N ARG B 297 16.21 1.88 65.62
CA ARG B 297 15.41 2.95 65.02
C ARG B 297 15.79 3.21 63.56
N ARG B 298 16.40 2.23 62.90
CA ARG B 298 16.82 2.41 61.52
C ARG B 298 15.62 2.33 60.60
N GLN B 299 15.48 3.32 59.73
CA GLN B 299 14.38 3.34 58.78
C GLN B 299 14.55 2.24 57.74
N GLY B 300 13.45 1.59 57.39
CA GLY B 300 13.43 0.55 56.38
C GLY B 300 13.21 -0.85 56.91
N CYS B 301 13.47 -1.09 58.20
CA CYS B 301 13.25 -2.42 58.74
C CYS B 301 11.77 -2.74 58.82
N HIS B 302 11.45 -4.02 58.67
CA HIS B 302 10.12 -4.53 58.94
C HIS B 302 10.24 -5.43 60.17
N GLN B 303 9.42 -5.16 61.19
CA GLN B 303 9.51 -5.90 62.44
C GLN B 303 9.04 -7.33 62.17
N TYR B 304 10.01 -8.23 62.02
CA TYR B 304 9.71 -9.59 61.57
C TYR B 304 8.78 -10.30 62.54
N VAL B 305 7.74 -10.92 62.01
CA VAL B 305 6.79 -11.71 62.79
C VAL B 305 6.68 -13.08 62.14
N ILE B 306 6.77 -14.12 62.96
CA ILE B 306 6.70 -15.49 62.45
C ILE B 306 5.28 -15.79 62.01
N HIS B 307 5.13 -16.33 60.80
CA HIS B 307 3.84 -16.78 60.30
C HIS B 307 4.06 -17.94 59.35
N ASN B 308 3.30 -19.02 59.54
CA ASN B 308 3.40 -20.21 58.70
C ASN B 308 4.83 -20.74 58.64
N ASN B 309 5.52 -20.69 59.78
CA ASN B 309 6.92 -21.11 59.89
C ASN B 309 7.80 -20.34 58.90
N LYS B 310 7.51 -19.04 58.73
CA LYS B 310 8.31 -18.17 57.89
C LYS B 310 8.52 -16.84 58.60
N CYS B 311 9.75 -16.36 58.59
CA CYS B 311 10.09 -15.07 59.21
C CYS B 311 9.82 -13.94 58.22
N ILE B 312 8.56 -13.80 57.86
CA ILE B 312 8.10 -12.79 56.89
C ILE B 312 8.11 -11.43 57.56
N PRO B 313 8.11 -10.32 56.79
CA PRO B 313 8.12 -8.99 57.41
C PRO B 313 6.96 -8.74 58.36
N GLU B 314 5.73 -8.83 57.88
CA GLU B 314 4.55 -8.55 58.69
C GLU B 314 3.42 -9.50 58.33
N CYS B 315 2.53 -9.73 59.29
CA CYS B 315 1.36 -10.54 59.02
C CYS B 315 0.43 -9.82 58.04
N PRO B 316 -0.16 -10.53 57.09
CA PRO B 316 -0.99 -9.86 56.08
C PRO B 316 -2.35 -9.44 56.62
N SER B 317 -3.19 -8.90 55.74
CA SER B 317 -4.54 -8.47 56.12
C SER B 317 -5.37 -9.72 56.40
N GLY B 318 -5.55 -10.03 57.68
CA GLY B 318 -6.26 -11.22 58.07
C GLY B 318 -5.65 -11.87 59.29
N TYR B 319 -4.43 -11.45 59.63
CA TYR B 319 -3.75 -11.98 60.81
C TYR B 319 -3.21 -10.84 61.67
N THR B 320 -2.74 -11.16 62.87
CA THR B 320 -2.30 -10.15 63.82
C THR B 320 -0.93 -10.52 64.35
N MET B 321 -0.09 -9.50 64.49
CA MET B 321 1.26 -9.68 65.01
C MET B 321 1.25 -9.90 66.52
N ASN B 322 2.40 -10.32 67.03
CA ASN B 322 2.55 -10.56 68.47
C ASN B 322 4.03 -10.57 68.85
N SER B 324 5.69 -12.69 72.23
CA SER B 324 5.42 -13.98 72.85
C SER B 324 5.24 -15.06 71.79
N ASN B 325 6.36 -15.49 71.20
CA ASN B 325 6.44 -16.50 70.16
C ASN B 325 5.95 -15.94 68.82
N LEU B 326 5.37 -14.73 68.87
CA LEU B 326 5.03 -13.92 67.69
C LEU B 326 4.53 -14.72 66.49
N LEU B 327 3.54 -15.58 66.69
CA LEU B 327 2.91 -16.28 65.59
C LEU B 327 1.65 -15.54 65.18
N CYS B 328 1.55 -15.21 63.89
CA CYS B 328 0.41 -14.44 63.40
C CYS B 328 -0.86 -15.27 63.49
N THR B 329 -1.79 -14.84 64.34
CA THR B 329 -3.09 -15.46 64.51
C THR B 329 -4.16 -14.65 63.77
N PRO B 330 -5.22 -15.31 63.29
CA PRO B 330 -6.27 -14.58 62.59
C PRO B 330 -6.91 -13.53 63.49
N CYS B 331 -7.25 -12.40 62.89
CA CYS B 331 -7.79 -11.27 63.65
C CYS B 331 -9.16 -11.61 64.22
N LEU B 332 -9.43 -11.10 65.42
CA LEU B 332 -10.75 -11.24 66.04
C LEU B 332 -11.66 -10.10 65.56
N GLY B 333 -11.86 -10.06 64.25
CA GLY B 333 -12.61 -9.00 63.61
C GLY B 333 -11.91 -8.54 62.35
N PRO B 334 -12.41 -7.43 61.78
CA PRO B 334 -11.80 -6.92 60.54
C PRO B 334 -10.49 -6.20 60.81
N CYS B 335 -9.44 -6.60 60.10
CA CYS B 335 -8.14 -5.95 60.17
C CYS B 335 -7.72 -5.52 58.78
N PRO B 336 -7.74 -4.24 58.47
CA PRO B 336 -7.37 -3.79 57.12
C PRO B 336 -5.86 -3.65 56.97
N LYS B 337 -5.42 -3.20 55.79
CA LYS B 337 -4.02 -2.92 55.52
C LYS B 337 -3.73 -1.43 55.42
N VAL B 338 -4.46 -0.73 54.54
CA VAL B 338 -4.34 0.72 54.36
C VAL B 338 -2.88 1.12 54.19
N CYS B 339 -2.28 0.72 53.07
CA CYS B 339 -0.90 1.07 52.77
C CYS B 339 -0.86 2.50 52.25
N HIS B 340 -0.49 3.44 53.12
CA HIS B 340 -0.43 4.84 52.72
C HIS B 340 0.66 5.05 51.68
N LEU B 341 0.45 6.03 50.82
CA LEU B 341 1.35 6.33 49.72
C LEU B 341 1.88 7.75 49.84
N LEU B 342 2.91 8.04 49.06
CA LEU B 342 3.45 9.40 49.00
C LEU B 342 2.38 10.35 48.46
N GLU B 343 2.05 11.37 49.26
CA GLU B 343 1.02 12.38 48.96
C GLU B 343 -0.23 11.78 48.32
N GLY B 344 -0.57 10.54 48.69
CA GLY B 344 -1.79 9.92 48.20
C GLY B 344 -1.82 9.66 46.71
N GLU B 345 -0.67 9.33 46.12
CA GLU B 345 -0.62 9.04 44.69
C GLU B 345 0.62 8.21 44.41
N LYS B 346 0.46 7.12 43.66
CA LYS B 346 1.57 6.28 43.24
C LYS B 346 1.41 5.90 41.79
N THR B 347 2.53 5.61 41.14
CA THR B 347 2.56 5.21 39.74
C THR B 347 2.90 3.73 39.65
N ILE B 348 1.99 2.93 39.10
CA ILE B 348 2.25 1.51 38.89
C ILE B 348 2.74 1.39 37.45
N ASP B 349 4.05 1.53 37.27
CA ASP B 349 4.65 1.52 35.95
C ASP B 349 5.29 0.19 35.59
N SER B 350 5.69 -0.62 36.57
CA SER B 350 6.35 -1.89 36.30
C SER B 350 6.28 -2.76 37.55
N VAL B 351 6.98 -3.90 37.50
CA VAL B 351 6.91 -4.88 38.59
C VAL B 351 7.41 -4.28 39.89
N THR B 352 8.50 -3.52 39.83
CA THR B 352 9.07 -2.96 41.06
C THR B 352 8.09 -2.02 41.74
N SER B 353 7.27 -1.30 40.97
CA SER B 353 6.26 -0.44 41.58
C SER B 353 5.10 -1.25 42.13
N ALA B 354 4.71 -2.33 41.43
CA ALA B 354 3.63 -3.16 41.91
C ALA B 354 3.99 -3.86 43.22
N GLN B 355 5.25 -4.28 43.36
CA GLN B 355 5.69 -4.95 44.57
C GLN B 355 5.61 -4.04 45.79
N GLU B 356 5.54 -2.73 45.60
CA GLU B 356 5.34 -1.82 46.71
C GLU B 356 3.98 -2.00 47.38
N LEU B 357 3.03 -2.64 46.69
CA LEU B 357 1.68 -2.80 47.20
C LEU B 357 1.28 -4.27 47.34
N ARG B 358 2.24 -5.18 47.36
CA ARG B 358 1.92 -6.58 47.58
C ARG B 358 1.37 -6.78 48.99
N GLY B 359 0.40 -7.70 49.11
CA GLY B 359 -0.27 -7.94 50.38
C GLY B 359 -1.25 -6.87 50.79
N CYS B 360 -1.24 -5.70 50.15
CA CYS B 360 -2.17 -4.63 50.50
C CYS B 360 -3.59 -5.02 50.13
N THR B 361 -4.54 -4.58 50.94
CA THR B 361 -5.96 -4.72 50.65
C THR B 361 -6.65 -3.39 50.43
N VAL B 362 -6.20 -2.33 51.09
CA VAL B 362 -6.76 -1.00 50.97
C VAL B 362 -5.64 -0.04 50.59
N ILE B 363 -5.88 0.78 49.58
CA ILE B 363 -4.93 1.81 49.17
C ILE B 363 -5.39 3.14 49.75
N ASN B 364 -4.60 3.70 50.66
CA ASN B 364 -4.96 4.95 51.32
C ASN B 364 -4.87 6.15 50.38
N GLY B 365 -4.21 6.01 49.24
CA GLY B 365 -4.11 7.11 48.30
C GLY B 365 -4.67 6.76 46.93
N SER B 366 -4.23 7.48 45.90
CA SER B 366 -4.67 7.20 44.54
C SER B 366 -3.72 6.22 43.87
N LEU B 367 -4.15 5.71 42.71
CA LEU B 367 -3.35 4.80 41.91
C LEU B 367 -3.49 5.17 40.44
N ILE B 368 -2.37 5.14 39.72
CA ILE B 368 -2.36 5.32 38.29
C ILE B 368 -1.57 4.18 37.66
N ILE B 369 -2.08 3.65 36.56
CA ILE B 369 -1.45 2.55 35.85
C ILE B 369 -0.84 3.10 34.58
N ASN B 370 0.48 3.04 34.49
CA ASN B 370 1.23 3.72 33.43
C ASN B 370 2.29 2.79 32.84
N ILE B 371 1.88 1.56 32.51
CA ILE B 371 2.81 0.59 31.97
C ILE B 371 3.13 0.97 30.52
N ARG B 372 4.39 1.24 30.22
CA ARG B 372 4.82 1.67 28.90
C ARG B 372 5.71 0.65 28.21
N GLY B 373 5.51 -0.64 28.48
CA GLY B 373 6.37 -1.66 27.93
C GLY B 373 5.67 -2.54 26.91
N GLY B 374 6.47 -3.10 26.00
CA GLY B 374 5.92 -3.94 24.95
C GLY B 374 5.31 -5.22 25.48
N ASN B 375 6.02 -5.90 26.39
CA ASN B 375 5.51 -7.16 26.91
C ASN B 375 4.29 -6.93 27.78
N ASN B 376 3.30 -7.82 27.66
CA ASN B 376 2.01 -7.61 28.29
C ASN B 376 2.12 -7.52 29.81
N LEU B 377 2.91 -8.41 30.43
CA LEU B 377 3.18 -8.38 31.86
C LEU B 377 1.86 -8.39 32.65
N ALA B 378 1.14 -9.51 32.52
CA ALA B 378 -0.15 -9.63 33.17
C ALA B 378 -0.12 -10.45 34.45
N ALA B 379 0.71 -11.51 34.49
CA ALA B 379 0.72 -12.40 35.64
C ALA B 379 1.20 -11.69 36.91
N GLU B 380 2.25 -10.88 36.79
CA GLU B 380 2.84 -10.28 37.98
C GLU B 380 1.87 -9.30 38.65
N LEU B 381 1.13 -8.54 37.85
CA LEU B 381 0.17 -7.59 38.41
C LEU B 381 -0.94 -8.30 39.17
N GLU B 382 -1.39 -9.46 38.67
CA GLU B 382 -2.42 -10.20 39.38
C GLU B 382 -1.94 -10.63 40.75
N ALA B 383 -0.70 -11.11 40.85
CA ALA B 383 -0.16 -11.52 42.15
C ALA B 383 0.05 -10.33 43.07
N ASN B 384 0.58 -9.23 42.54
CA ASN B 384 0.95 -8.10 43.39
C ASN B 384 -0.24 -7.29 43.84
N LEU B 385 -1.25 -7.12 42.99
CA LEU B 385 -2.36 -6.24 43.26
C LEU B 385 -3.72 -6.94 43.34
N GLY B 386 -3.77 -8.24 43.04
CA GLY B 386 -5.05 -8.94 43.04
C GLY B 386 -5.71 -8.98 44.39
N LEU B 387 -4.94 -8.85 45.46
CA LEU B 387 -5.47 -8.89 46.81
C LEU B 387 -5.98 -7.53 47.28
N ILE B 388 -6.01 -6.53 46.42
CA ILE B 388 -6.55 -5.23 46.78
C ILE B 388 -8.07 -5.30 46.81
N GLU B 389 -8.68 -4.41 47.60
CA GLU B 389 -10.13 -4.39 47.75
C GLU B 389 -10.75 -3.12 47.19
N GLU B 390 -10.28 -1.95 47.61
CA GLU B 390 -10.83 -0.70 47.12
C GLU B 390 -9.75 0.37 47.17
N ILE B 391 -9.87 1.34 46.26
CA ILE B 391 -8.96 2.47 46.19
C ILE B 391 -9.64 3.66 46.86
N SER B 392 -9.13 4.06 48.02
CA SER B 392 -9.72 5.20 48.72
C SER B 392 -9.60 6.48 47.91
N GLY B 393 -8.50 6.64 47.16
CA GLY B 393 -8.34 7.75 46.27
C GLY B 393 -8.93 7.47 44.90
N TYR B 394 -8.56 8.31 43.94
CA TYR B 394 -9.05 8.14 42.58
C TYR B 394 -8.21 7.12 41.82
N LEU B 395 -8.73 6.70 40.68
CA LEU B 395 -8.05 5.76 39.80
C LEU B 395 -7.85 6.40 38.43
N LYS B 396 -6.72 6.07 37.80
CA LYS B 396 -6.39 6.60 36.48
C LYS B 396 -5.61 5.53 35.73
N ILE B 397 -5.84 5.47 34.41
CA ILE B 397 -5.10 4.56 33.55
C ILE B 397 -4.67 5.34 32.32
N ARG B 398 -3.36 5.37 32.04
CA ARG B 398 -2.83 6.20 30.98
C ARG B 398 -1.70 5.47 30.25
N ARG B 399 -1.78 5.45 28.92
CA ARG B 399 -0.73 4.91 28.05
C ARG B 399 -0.34 3.48 28.45
N SER B 400 -1.35 2.63 28.65
CA SER B 400 -1.11 1.25 29.05
C SER B 400 -1.16 0.31 27.84
N TYR B 401 -0.12 0.38 27.02
CA TYR B 401 0.03 -0.61 25.95
C TYR B 401 -0.04 -2.04 26.46
N ALA B 402 0.75 -2.37 27.48
CA ALA B 402 0.90 -3.77 27.84
C ALA B 402 -0.44 -4.40 28.20
N LEU B 403 -1.38 -3.60 28.69
CA LEU B 403 -2.66 -4.14 29.10
C LEU B 403 -3.51 -4.53 27.90
N VAL B 404 -4.07 -5.74 27.95
CA VAL B 404 -5.10 -6.17 27.03
C VAL B 404 -6.46 -6.23 27.69
N SER B 405 -6.49 -6.59 28.98
CA SER B 405 -7.70 -6.60 29.78
C SER B 405 -7.38 -5.90 31.10
N LEU B 406 -8.35 -5.87 32.00
CA LEU B 406 -8.17 -5.27 33.31
C LEU B 406 -8.74 -6.20 34.38
N SER B 407 -8.36 -7.47 34.29
CA SER B 407 -8.88 -8.48 35.21
C SER B 407 -8.01 -8.68 36.44
N PHE B 408 -6.78 -8.18 36.45
CA PHE B 408 -5.88 -8.43 37.58
C PHE B 408 -6.38 -7.77 38.86
N PHE B 409 -7.30 -6.81 38.78
CA PHE B 409 -7.97 -6.27 39.96
C PHE B 409 -9.08 -7.23 40.40
N ARG B 410 -8.67 -8.44 40.77
CA ARG B 410 -9.61 -9.53 41.00
C ARG B 410 -10.53 -9.29 42.19
N LYS B 411 -10.22 -8.33 43.06
CA LYS B 411 -11.08 -8.06 44.21
C LYS B 411 -11.34 -6.57 44.38
N LEU B 412 -11.18 -5.79 43.32
CA LEU B 412 -11.50 -4.37 43.38
C LEU B 412 -13.00 -4.19 43.34
N ARG B 413 -13.57 -3.66 44.40
CA ARG B 413 -15.01 -3.60 44.55
C ARG B 413 -15.54 -2.19 44.79
N LEU B 414 -14.83 -1.38 45.56
CA LEU B 414 -15.34 -0.07 45.96
C LEU B 414 -14.30 1.03 45.72
N ARG B 416 -13.70 4.13 46.22
CA ARG B 416 -14.07 5.39 46.86
C ARG B 416 -13.87 6.57 45.93
N GLY B 417 -14.50 7.69 46.27
CA GLY B 417 -14.31 8.93 45.55
C GLY B 417 -13.82 10.03 46.46
N GLU B 418 -13.07 9.66 47.50
CA GLU B 418 -12.56 10.64 48.46
C GLU B 418 -11.63 11.64 47.78
N THR B 419 -10.93 11.22 46.74
CA THR B 419 -10.11 12.10 45.93
C THR B 419 -10.56 11.98 44.48
N LEU B 420 -10.48 13.10 43.76
CA LEU B 420 -10.99 13.18 42.41
C LEU B 420 -9.93 13.73 41.47
N GLU B 421 -9.94 13.22 40.24
CA GLU B 421 -9.14 13.80 39.18
C GLU B 421 -9.67 15.20 38.86
N ILE B 422 -8.85 15.98 38.15
CA ILE B 422 -9.29 17.31 37.73
C ILE B 422 -10.58 17.17 36.94
N GLY B 423 -11.50 18.11 37.17
CA GLY B 423 -12.85 17.96 36.69
C GLY B 423 -13.76 17.15 37.59
N ASN B 424 -13.33 16.86 38.81
CA ASN B 424 -14.11 16.07 39.78
C ASN B 424 -14.44 14.69 39.23
N TYR B 425 -13.42 13.87 39.00
CA TYR B 425 -13.59 12.53 38.46
C TYR B 425 -12.84 11.51 39.30
N SER B 426 -13.51 10.41 39.62
CA SER B 426 -12.92 9.32 40.39
C SER B 426 -12.57 8.12 39.51
N PHE B 427 -12.34 8.37 38.23
CA PHE B 427 -11.97 7.33 37.28
C PHE B 427 -11.38 8.01 36.05
N TYR B 428 -10.69 7.24 35.23
CA TYR B 428 -10.00 7.81 34.08
C TYR B 428 -9.61 6.70 33.12
N ALA B 429 -9.53 7.06 31.83
CA ALA B 429 -8.96 6.17 30.82
C ALA B 429 -8.48 7.06 29.68
N LEU B 430 -7.19 7.35 29.66
CA LEU B 430 -6.60 8.27 28.68
C LEU B 430 -5.56 7.52 27.85
N ASP B 431 -5.90 7.28 26.59
CA ASP B 431 -4.98 6.77 25.57
C ASP B 431 -4.40 5.43 26.03
N GLN B 433 -5.22 2.47 24.06
CA GLN B 433 -4.99 2.13 22.67
C GLN B 433 -4.87 0.62 22.47
N ASN B 434 -4.77 -0.17 23.54
CA ASN B 434 -4.75 -1.61 23.41
C ASN B 434 -5.66 -2.31 24.41
N LEU B 435 -6.30 -1.57 25.32
CA LEU B 435 -7.27 -2.15 26.23
C LEU B 435 -8.44 -2.72 25.42
N ARG B 436 -8.84 -3.96 25.73
CA ARG B 436 -9.80 -4.67 24.90
C ARG B 436 -10.97 -5.28 25.65
N GLN B 437 -10.89 -5.43 26.96
CA GLN B 437 -11.98 -6.14 27.62
C GLN B 437 -12.56 -5.39 28.81
N LEU B 438 -11.75 -4.63 29.53
CA LEU B 438 -12.17 -4.03 30.80
C LEU B 438 -12.53 -5.16 31.76
N TRP B 439 -13.25 -4.87 32.85
CA TRP B 439 -13.64 -5.91 33.78
C TRP B 439 -14.50 -6.97 33.08
N ASP B 440 -14.49 -8.18 33.63
CA ASP B 440 -15.43 -9.21 33.24
C ASP B 440 -16.68 -9.05 34.09
N TRP B 441 -17.75 -8.55 33.50
CA TRP B 441 -18.92 -8.16 34.28
C TRP B 441 -19.75 -9.38 34.64
N SER B 442 -19.95 -9.55 35.95
CA SER B 442 -20.61 -10.71 36.53
C SER B 442 -21.09 -10.30 37.91
N LYS B 443 -21.41 -11.29 38.75
CA LYS B 443 -21.68 -11.01 40.16
C LYS B 443 -20.59 -10.18 40.81
N HIS B 444 -19.38 -10.17 40.22
CA HIS B 444 -18.30 -9.28 40.64
C HIS B 444 -18.81 -7.85 40.71
N ASN B 445 -18.85 -7.30 41.92
CA ASN B 445 -19.52 -6.02 42.18
C ASN B 445 -18.48 -4.91 42.22
N LEU B 446 -18.61 -3.94 41.31
CA LEU B 446 -17.80 -2.74 41.31
C LEU B 446 -18.75 -1.54 41.22
N THR B 447 -18.86 -0.79 42.32
CA THR B 447 -19.69 0.40 42.36
C THR B 447 -18.87 1.54 42.95
N ILE B 448 -19.14 2.76 42.47
CA ILE B 448 -18.41 3.92 42.95
C ILE B 448 -19.29 4.70 43.92
N THR B 449 -18.65 5.49 44.78
CA THR B 449 -19.37 6.31 45.75
C THR B 449 -19.67 7.69 45.19
N GLN B 450 -18.64 8.43 44.80
CA GLN B 450 -18.79 9.72 44.15
C GLN B 450 -17.88 9.78 42.92
N GLY B 451 -17.89 10.93 42.25
CA GLY B 451 -17.10 11.11 41.06
C GLY B 451 -17.80 10.62 39.81
N LYS B 452 -17.17 10.89 38.67
CA LYS B 452 -17.71 10.49 37.38
C LYS B 452 -16.64 9.86 36.51
N PHE B 455 -13.50 8.48 29.32
CA PHE B 455 -13.10 7.40 28.43
C PHE B 455 -12.73 8.01 27.09
N HIS B 456 -11.42 8.17 26.85
CA HIS B 456 -10.97 8.74 25.59
C HIS B 456 -9.75 7.99 25.08
N TYR B 457 -9.58 8.02 23.76
CA TYR B 457 -8.45 7.40 23.08
C TYR B 457 -8.35 5.92 23.42
N ASN B 458 -9.43 5.19 23.18
CA ASN B 458 -9.50 3.75 23.46
C ASN B 458 -9.93 3.01 22.20
N PRO B 459 -9.05 2.96 21.19
CA PRO B 459 -9.45 2.34 19.91
C PRO B 459 -9.86 0.88 20.01
N LYS B 460 -9.31 0.13 20.95
CA LYS B 460 -9.60 -1.30 21.05
C LYS B 460 -10.66 -1.61 22.10
N LEU B 461 -11.33 -0.60 22.64
CA LEU B 461 -12.38 -0.77 23.63
C LEU B 461 -13.73 -0.54 22.97
N CYS B 462 -14.63 -1.53 23.11
CA CYS B 462 -15.94 -1.42 22.49
C CYS B 462 -16.86 -0.55 23.34
N LEU B 463 -17.93 -0.07 22.71
CA LEU B 463 -18.89 0.80 23.39
C LEU B 463 -19.80 0.03 24.34
N SER B 464 -20.14 -1.22 23.98
CA SER B 464 -21.06 -2.00 24.79
C SER B 464 -20.50 -2.25 26.19
N GLU B 465 -19.22 -2.60 26.27
CA GLU B 465 -18.60 -2.83 27.57
C GLU B 465 -18.54 -1.53 28.38
N ILE B 466 -18.28 -0.41 27.73
CA ILE B 466 -18.25 0.88 28.44
C ILE B 466 -19.63 1.19 29.01
N HIS B 467 -20.68 0.98 28.22
CA HIS B 467 -22.03 1.24 28.70
C HIS B 467 -22.42 0.28 29.82
N LYS B 468 -22.02 -0.98 29.71
CA LYS B 468 -22.31 -1.94 30.77
C LYS B 468 -21.60 -1.56 32.07
N MET B 469 -20.34 -1.10 31.95
CA MET B 469 -19.61 -0.62 33.12
C MET B 469 -20.31 0.59 33.74
N GLU B 470 -20.78 1.50 32.89
CA GLU B 470 -21.54 2.65 33.38
C GLU B 470 -22.78 2.20 34.14
N GLU B 471 -23.49 1.19 33.61
CA GLU B 471 -24.70 0.71 34.26
C GLU B 471 -24.40 0.05 35.60
N VAL B 472 -23.47 -0.91 35.60
CA VAL B 472 -23.22 -1.69 36.81
C VAL B 472 -22.56 -0.83 37.88
N SER B 473 -21.86 0.23 37.49
CA SER B 473 -21.21 1.10 38.46
C SER B 473 -22.20 1.81 39.37
N GLY B 474 -23.49 1.83 39.02
CA GLY B 474 -24.45 2.64 39.75
C GLY B 474 -24.46 4.09 39.37
N THR B 475 -23.81 4.45 38.26
CA THR B 475 -23.75 5.83 37.80
C THR B 475 -24.93 6.21 36.92
N LYS B 476 -25.90 5.31 36.76
CA LYS B 476 -27.08 5.62 35.95
C LYS B 476 -27.80 6.83 36.51
N GLY B 477 -28.12 7.78 35.63
CA GLY B 477 -28.82 8.99 36.03
C GLY B 477 -27.96 10.07 36.64
N ARG B 478 -26.65 9.85 36.76
CA ARG B 478 -25.75 10.85 37.32
C ARG B 478 -24.48 10.96 36.48
N GLN B 479 -24.64 10.97 35.16
CA GLN B 479 -23.51 11.10 34.25
C GLN B 479 -23.82 12.11 33.17
N GLU B 480 -22.77 12.71 32.62
CA GLU B 480 -22.86 13.65 31.51
C GLU B 480 -22.07 13.11 30.33
N ARG B 481 -22.22 13.77 29.18
CA ARG B 481 -21.54 13.32 27.97
C ARG B 481 -20.03 13.41 28.08
N ASN B 482 -19.50 14.27 28.94
CA ASN B 482 -18.06 14.29 29.18
C ASN B 482 -17.59 12.98 29.78
N ASP B 483 -18.37 12.42 30.71
CA ASP B 483 -18.04 11.13 31.28
C ASP B 483 -18.07 10.04 30.22
N ILE B 484 -19.09 10.06 29.35
CA ILE B 484 -19.18 9.07 28.29
C ILE B 484 -18.09 9.32 27.25
N ALA B 485 -17.77 8.28 26.49
CA ALA B 485 -16.69 8.36 25.52
C ALA B 485 -17.11 9.18 24.30
N LEU B 486 -16.28 10.14 23.95
CA LEU B 486 -16.43 10.94 22.73
C LEU B 486 -15.29 10.73 21.76
N LYS B 487 -14.11 10.37 22.24
CA LYS B 487 -12.97 10.06 21.40
C LYS B 487 -13.20 8.70 20.73
N THR B 488 -12.33 8.34 19.80
CA THR B 488 -12.42 7.05 19.10
C THR B 488 -12.38 5.88 20.08
N ASN B 489 -13.50 5.16 20.18
CA ASN B 489 -13.59 3.96 20.99
C ASN B 489 -14.11 2.84 20.11
N GLY B 490 -13.37 1.72 20.07
CA GLY B 490 -13.73 0.64 19.18
C GLY B 490 -13.61 0.99 17.71
N ASP B 491 -12.53 1.68 17.33
CA ASP B 491 -12.34 2.03 15.92
C ASP B 491 -12.15 0.78 15.07
N GLN B 492 -11.42 -0.20 15.58
CA GLN B 492 -11.20 -1.47 14.89
C GLN B 492 -11.89 -2.61 15.63
N ALA B 493 -12.50 -2.32 16.77
CA ALA B 493 -13.12 -3.30 17.66
C ALA B 493 -14.58 -2.92 17.90
N SER B 494 -15.31 -2.66 16.82
CA SER B 494 -16.72 -2.30 16.94
C SER B 494 -17.53 -3.42 17.60
N CYS B 495 -17.30 -4.67 17.17
CA CYS B 495 -17.99 -5.84 17.71
C CYS B 495 -19.51 -5.66 17.66
N GLU B 496 -20.01 -5.64 16.43
CA GLU B 496 -21.43 -5.42 16.19
C GLU B 496 -22.28 -6.39 16.99
N ASN B 497 -23.38 -5.87 17.54
CA ASN B 497 -24.29 -6.64 18.38
C ASN B 497 -25.33 -7.40 17.58
N GLU B 498 -25.20 -7.44 16.25
CA GLU B 498 -26.12 -8.15 15.39
C GLU B 498 -25.39 -9.26 14.64
N LEU B 499 -26.09 -10.37 14.43
CA LEU B 499 -25.51 -11.56 13.86
C LEU B 499 -25.98 -11.73 12.41
N LEU B 500 -25.12 -12.31 11.58
CA LEU B 500 -25.45 -12.55 10.18
C LEU B 500 -25.56 -14.03 9.89
N PHE B 502 -25.52 -16.79 7.70
CA PHE B 502 -25.37 -17.24 6.32
C PHE B 502 -26.51 -18.16 5.93
N SER B 503 -26.96 -18.06 4.67
CA SER B 503 -28.12 -18.80 4.20
C SER B 503 -27.75 -19.96 3.28
N TYR B 504 -27.04 -19.68 2.18
CA TYR B 504 -26.77 -20.67 1.15
C TYR B 504 -25.28 -20.68 0.84
N ILE B 505 -24.68 -21.86 0.91
CA ILE B 505 -23.25 -22.06 0.63
C ILE B 505 -23.11 -23.07 -0.50
N ARG B 506 -22.34 -22.71 -1.52
CA ARG B 506 -22.04 -23.62 -2.62
C ARG B 506 -20.58 -23.49 -2.97
N THR B 507 -19.92 -24.63 -3.18
CA THR B 507 -18.48 -24.67 -3.42
C THR B 507 -18.19 -25.31 -4.77
N SER B 508 -17.03 -24.97 -5.32
CA SER B 508 -16.52 -25.57 -6.54
C SER B 508 -15.00 -25.51 -6.49
N PHE B 509 -14.37 -26.24 -7.40
CA PHE B 509 -12.92 -26.38 -7.38
C PHE B 509 -12.20 -25.04 -7.56
N ASP B 510 -12.83 -24.07 -8.21
CA ASP B 510 -12.25 -22.74 -8.36
C ASP B 510 -13.15 -21.62 -7.89
N LYS B 511 -14.43 -21.90 -7.62
CA LYS B 511 -15.40 -20.87 -7.23
C LYS B 511 -16.14 -21.33 -5.99
N ILE B 512 -16.46 -20.38 -5.12
CA ILE B 512 -17.30 -20.64 -3.95
C ILE B 512 -18.41 -19.60 -3.90
N LEU B 513 -19.63 -20.05 -3.65
CA LEU B 513 -20.78 -19.17 -3.52
C LEU B 513 -21.25 -19.16 -2.07
N LEU B 514 -21.39 -17.96 -1.52
CA LEU B 514 -21.91 -17.78 -0.18
C LEU B 514 -23.09 -16.81 -0.23
N ARG B 515 -24.15 -17.16 0.50
CA ARG B 515 -25.33 -16.32 0.58
C ARG B 515 -25.69 -16.15 2.05
N TRP B 516 -26.01 -14.92 2.44
CA TRP B 516 -26.30 -14.61 3.83
C TRP B 516 -27.54 -13.74 3.90
N GLU B 517 -28.23 -13.83 5.04
CA GLU B 517 -29.49 -13.14 5.21
C GLU B 517 -29.27 -11.62 5.20
N PRO B 518 -30.16 -10.87 4.57
CA PRO B 518 -30.00 -9.41 4.52
C PRO B 518 -30.52 -8.74 5.78
N TYR B 519 -29.69 -7.90 6.39
CA TYR B 519 -30.07 -7.10 7.56
C TYR B 519 -29.99 -5.63 7.19
N TRP B 520 -31.06 -4.89 7.45
CA TRP B 520 -31.06 -3.47 7.17
C TRP B 520 -30.98 -2.67 8.46
N PRO B 521 -30.22 -1.59 8.48
CA PRO B 521 -30.19 -0.70 9.64
C PRO B 521 -31.57 -0.15 9.94
N PRO B 522 -31.76 0.51 11.08
CA PRO B 522 -33.08 1.06 11.40
C PRO B 522 -33.64 1.95 10.31
N ASP B 523 -32.78 2.75 9.67
CA ASP B 523 -33.17 3.55 8.51
C ASP B 523 -32.47 3.00 7.28
N PHE B 524 -33.25 2.63 6.27
CA PHE B 524 -32.71 2.03 5.05
C PHE B 524 -31.82 3.02 4.31
N ASP B 526 -28.92 3.82 5.26
CA ASP B 526 -27.61 4.08 5.85
C ASP B 526 -26.58 3.04 5.41
N LEU B 527 -27.05 1.85 5.05
CA LEU B 527 -26.16 0.74 4.74
C LEU B 527 -25.37 1.05 3.47
N LEU B 528 -24.06 1.27 3.63
CA LEU B 528 -23.21 1.46 2.46
C LEU B 528 -23.08 0.16 1.66
N GLY B 529 -22.83 -0.95 2.35
CA GLY B 529 -22.66 -2.22 1.69
C GLY B 529 -21.99 -3.23 2.62
N PHE B 530 -21.55 -4.32 2.01
CA PHE B 530 -20.91 -5.42 2.73
C PHE B 530 -19.51 -5.63 2.17
N MET B 531 -18.51 -5.62 3.06
CA MET B 531 -17.15 -5.97 2.70
C MET B 531 -16.80 -7.33 3.31
N LEU B 532 -16.19 -8.18 2.52
CA LEU B 532 -15.96 -9.57 2.87
C LEU B 532 -14.47 -9.83 3.06
N PHE B 533 -14.15 -10.75 3.98
CA PHE B 533 -12.77 -11.15 4.23
C PHE B 533 -12.70 -12.66 4.28
N TYR B 534 -11.83 -13.23 3.44
CA TYR B 534 -11.61 -14.67 3.45
C TYR B 534 -10.15 -14.96 3.09
N LYS B 535 -9.55 -15.89 3.83
CA LYS B 535 -8.18 -16.30 3.61
C LYS B 535 -8.04 -17.77 3.94
N GLU B 536 -6.96 -18.38 3.43
CA GLU B 536 -6.71 -19.79 3.66
C GLU B 536 -6.53 -20.08 5.15
N ALA B 537 -7.23 -21.11 5.63
CA ALA B 537 -7.11 -21.58 7.01
C ALA B 537 -6.84 -23.08 6.98
N PRO B 538 -5.57 -23.47 6.94
CA PRO B 538 -5.25 -24.91 6.79
C PRO B 538 -5.82 -25.78 7.89
N TYR B 539 -5.88 -25.28 9.14
CA TYR B 539 -6.34 -26.07 10.27
C TYR B 539 -7.38 -25.33 11.10
N GLN B 540 -8.00 -24.28 10.55
CA GLN B 540 -8.97 -23.46 11.27
C GLN B 540 -8.40 -22.96 12.60
N ASN B 541 -7.13 -22.55 12.57
CA ASN B 541 -6.43 -22.08 13.75
C ASN B 541 -6.47 -20.56 13.89
N VAL B 542 -7.39 -19.90 13.18
CA VAL B 542 -7.51 -18.45 13.24
C VAL B 542 -8.13 -18.03 14.57
N SER B 555 -5.25 -9.83 7.26
CA SER B 555 -4.50 -10.80 6.48
C SER B 555 -5.38 -11.46 5.43
N TRP B 556 -6.69 -11.27 5.55
CA TRP B 556 -7.65 -11.81 4.61
C TRP B 556 -7.78 -10.91 3.39
N THR B 557 -8.30 -11.48 2.31
CA THR B 557 -8.61 -10.69 1.12
C THR B 557 -9.80 -9.78 1.40
N VAL B 558 -9.79 -8.60 0.78
CA VAL B 558 -10.80 -7.58 1.03
C VAL B 558 -11.54 -7.30 -0.26
N VAL B 559 -12.85 -7.54 -0.28
CA VAL B 559 -13.73 -7.20 -1.39
C VAL B 559 -14.99 -6.56 -0.81
N ASP B 560 -15.37 -5.40 -1.34
CA ASP B 560 -16.53 -4.66 -0.87
C ASP B 560 -17.63 -4.76 -1.91
N ILE B 561 -18.84 -5.11 -1.48
CA ILE B 561 -19.98 -5.28 -2.37
C ILE B 561 -21.12 -4.39 -1.90
N ASP B 562 -21.70 -3.63 -2.82
CA ASP B 562 -22.89 -2.86 -2.52
C ASP B 562 -24.09 -3.79 -2.34
N PRO B 563 -25.06 -3.41 -1.51
CA PRO B 563 -26.23 -4.27 -1.30
C PRO B 563 -27.09 -4.32 -2.54
N PRO B 564 -27.88 -5.39 -2.71
CA PRO B 564 -28.84 -5.42 -3.80
C PRO B 564 -29.95 -4.40 -3.58
N LEU B 565 -30.74 -4.19 -4.63
CA LEU B 565 -31.81 -3.20 -4.57
C LEU B 565 -32.82 -3.56 -3.50
N ARG B 566 -33.29 -2.55 -2.77
CA ARG B 566 -34.23 -2.77 -1.70
C ARG B 566 -35.57 -3.26 -2.25
N SER B 567 -36.17 -4.22 -1.54
CA SER B 567 -37.48 -4.74 -1.88
C SER B 567 -38.50 -4.20 -0.89
N ASN B 568 -39.61 -3.68 -1.40
CA ASN B 568 -40.65 -3.14 -0.55
C ASN B 568 -41.31 -4.21 0.31
N ASP B 569 -41.22 -5.48 -0.09
CA ASP B 569 -41.80 -6.57 0.66
C ASP B 569 -40.71 -7.38 1.35
N PRO B 570 -40.71 -7.48 2.67
CA PRO B 570 -39.69 -8.30 3.35
C PRO B 570 -39.71 -9.76 2.93
N LYS B 571 -40.88 -10.29 2.57
CA LYS B 571 -40.94 -11.68 2.13
C LYS B 571 -40.17 -11.88 0.83
N SER B 572 -40.36 -10.97 -0.13
CA SER B 572 -39.67 -11.07 -1.42
C SER B 572 -38.40 -10.21 -1.44
N GLN B 573 -37.48 -10.47 -0.53
CA GLN B 573 -36.20 -9.77 -0.52
C GLN B 573 -35.19 -10.55 -1.37
N ASN B 574 -34.09 -9.87 -1.70
CA ASN B 574 -33.00 -10.46 -2.45
C ASN B 574 -31.81 -10.65 -1.53
N HIS B 575 -31.39 -11.90 -1.35
CA HIS B 575 -30.28 -12.19 -0.45
C HIS B 575 -28.96 -11.81 -1.10
N PRO B 576 -28.13 -11.01 -0.44
CA PRO B 576 -26.81 -10.69 -1.01
C PRO B 576 -25.96 -11.94 -1.15
N GLY B 577 -25.21 -11.99 -2.24
CA GLY B 577 -24.36 -13.15 -2.51
C GLY B 577 -23.08 -12.72 -3.20
N TRP B 578 -22.09 -13.61 -3.15
CA TRP B 578 -20.81 -13.35 -3.77
C TRP B 578 -20.19 -14.65 -4.26
N LEU B 579 -19.38 -14.53 -5.31
CA LEU B 579 -18.57 -15.63 -5.82
C LEU B 579 -17.11 -15.19 -5.80
N MET B 580 -16.30 -15.84 -4.95
CA MET B 580 -14.84 -15.67 -5.01
C MET B 580 -14.32 -16.74 -5.97
N ARG B 581 -13.89 -16.29 -7.13
CA ARG B 581 -13.50 -17.16 -8.24
C ARG B 581 -12.00 -17.42 -8.21
N GLY B 582 -11.58 -18.42 -8.98
CA GLY B 582 -10.16 -18.71 -9.11
C GLY B 582 -9.48 -19.15 -7.83
N LEU B 583 -10.10 -20.07 -7.09
CA LEU B 583 -9.54 -20.58 -5.86
C LEU B 583 -8.88 -21.93 -6.10
N LYS B 584 -7.86 -22.23 -5.30
CA LYS B 584 -7.13 -23.48 -5.45
C LYS B 584 -8.02 -24.65 -5.03
N PRO B 585 -8.08 -25.72 -5.82
CA PRO B 585 -8.85 -26.90 -5.40
C PRO B 585 -8.25 -27.56 -4.17
N TRP B 586 -9.12 -28.22 -3.39
CA TRP B 586 -8.79 -28.99 -2.20
C TRP B 586 -8.34 -28.13 -1.04
N THR B 587 -8.19 -26.81 -1.23
CA THR B 587 -7.71 -25.92 -0.18
C THR B 587 -8.86 -25.45 0.70
N GLN B 588 -8.55 -25.23 1.97
CA GLN B 588 -9.51 -24.76 2.96
C GLN B 588 -9.23 -23.31 3.31
N TYR B 589 -10.29 -22.58 3.66
CA TYR B 589 -10.21 -21.14 3.91
C TYR B 589 -11.09 -20.79 5.11
N ALA B 590 -10.88 -19.58 5.64
CA ALA B 590 -11.71 -19.03 6.70
C ALA B 590 -12.30 -17.70 6.22
N ILE B 591 -13.60 -17.52 6.45
CA ILE B 591 -14.34 -16.38 5.92
C ILE B 591 -15.05 -15.67 7.06
N PHE B 592 -15.01 -14.34 7.03
CA PHE B 592 -15.83 -13.51 7.91
C PHE B 592 -16.21 -12.24 7.17
N VAL B 593 -17.46 -11.80 7.36
CA VAL B 593 -18.00 -10.66 6.64
C VAL B 593 -18.48 -9.62 7.64
N LYS B 594 -18.59 -8.38 7.17
CA LYS B 594 -18.86 -7.25 8.03
C LYS B 594 -19.81 -6.29 7.32
N THR B 595 -20.41 -5.40 8.09
CA THR B 595 -21.35 -4.39 7.58
C THR B 595 -20.83 -3.00 7.91
N LEU B 596 -21.04 -2.05 6.99
CA LEU B 596 -20.63 -0.67 7.16
C LEU B 596 -21.85 0.24 7.11
N VAL B 597 -21.96 1.13 8.09
CA VAL B 597 -23.07 2.07 8.16
C VAL B 597 -22.50 3.49 8.29
N THR B 598 -23.33 4.47 7.97
CA THR B 598 -22.97 5.87 8.17
C THR B 598 -22.92 6.17 9.66
N PHE B 599 -22.00 7.04 10.06
CA PHE B 599 -21.82 7.35 11.46
C PHE B 599 -22.75 8.48 11.88
N SER B 600 -23.59 8.21 12.87
CA SER B 600 -24.39 9.23 13.54
C SER B 600 -23.88 9.36 14.97
N ASP B 601 -23.43 10.57 15.33
CA ASP B 601 -22.79 10.77 16.62
C ASP B 601 -23.74 10.46 17.77
N GLU B 602 -24.98 10.94 17.68
CA GLU B 602 -25.97 10.71 18.73
C GLU B 602 -26.78 9.43 18.51
N ARG B 603 -26.59 8.77 17.37
CA ARG B 603 -27.32 7.54 17.03
C ARG B 603 -26.34 6.50 16.49
N ARG B 604 -25.26 6.26 17.22
CA ARG B 604 -24.25 5.30 16.81
C ARG B 604 -24.89 3.93 16.59
N THR B 605 -24.60 3.34 15.42
CA THR B 605 -25.08 2.02 15.07
C THR B 605 -23.90 1.14 14.70
N TYR B 606 -23.81 -0.04 15.32
CA TYR B 606 -22.68 -0.92 15.06
C TYR B 606 -22.77 -1.56 13.68
N GLY B 607 -23.96 -2.03 13.30
CA GLY B 607 -24.13 -2.73 12.04
C GLY B 607 -24.51 -4.18 12.26
N ALA B 608 -23.71 -5.10 11.73
CA ALA B 608 -23.94 -6.52 11.93
C ALA B 608 -22.63 -7.26 11.76
N LYS B 609 -22.60 -8.50 12.27
CA LYS B 609 -21.39 -9.30 12.28
C LYS B 609 -21.73 -10.75 11.96
N SER B 610 -20.78 -11.44 11.34
CA SER B 610 -20.93 -12.85 11.01
C SER B 610 -19.76 -13.63 11.60
N ASP B 611 -20.09 -14.80 12.16
CA ASP B 611 -19.06 -15.65 12.74
C ASP B 611 -18.15 -16.21 11.65
N ILE B 612 -16.89 -16.42 12.01
CA ILE B 612 -15.91 -16.95 11.06
C ILE B 612 -16.25 -18.41 10.76
N ILE B 613 -16.27 -18.74 9.47
CA ILE B 613 -16.62 -20.08 9.02
C ILE B 613 -15.51 -20.62 8.14
N TYR B 614 -15.35 -21.93 8.13
CA TYR B 614 -14.30 -22.61 7.38
C TYR B 614 -14.92 -23.57 6.37
N VAL B 615 -14.48 -23.46 5.12
CA VAL B 615 -14.88 -24.37 4.05
C VAL B 615 -13.62 -24.83 3.32
N GLN B 616 -13.75 -25.95 2.61
CA GLN B 616 -12.64 -26.54 1.87
C GLN B 616 -13.07 -26.84 0.45
N THR B 617 -12.21 -26.51 -0.50
CA THR B 617 -12.55 -26.64 -1.92
C THR B 617 -12.58 -28.09 -2.36
N ASP B 618 -13.30 -28.35 -3.45
CA ASP B 618 -13.34 -29.68 -4.04
C ASP B 618 -12.07 -29.93 -4.85
N ALA B 619 -11.73 -31.21 -5.01
CA ALA B 619 -10.49 -31.61 -5.65
C ALA B 619 -10.66 -31.76 -7.16
N THR B 620 -9.51 -31.80 -7.85
CA THR B 620 -9.46 -31.99 -9.30
C THR B 620 -8.33 -32.96 -9.62
N ASN B 621 -7.98 -33.04 -10.90
CA ASN B 621 -6.90 -33.91 -11.34
C ASN B 621 -5.57 -33.40 -10.77
N PRO B 622 -4.65 -34.30 -10.42
CA PRO B 622 -3.36 -33.85 -9.90
C PRO B 622 -2.38 -33.51 -11.02
N SER B 623 -1.14 -33.20 -10.65
CA SER B 623 -0.11 -32.83 -11.61
C SER B 623 0.71 -34.07 -11.99
N VAL B 624 1.56 -33.89 -13.00
CA VAL B 624 2.40 -35.00 -13.48
C VAL B 624 3.43 -35.35 -12.42
N PRO B 625 3.60 -36.62 -12.10
CA PRO B 625 4.68 -37.00 -11.17
C PRO B 625 6.03 -36.60 -11.72
N LEU B 626 6.89 -36.14 -10.81
CA LEU B 626 8.12 -35.47 -11.21
C LEU B 626 9.33 -36.38 -11.11
N ASP B 627 10.23 -36.24 -12.08
CA ASP B 627 11.50 -36.95 -12.13
C ASP B 627 11.30 -38.47 -11.96
N PRO B 628 10.78 -39.15 -12.99
CA PRO B 628 10.75 -40.61 -12.95
C PRO B 628 12.00 -41.23 -13.55
N ILE B 629 12.62 -42.17 -12.85
CA ILE B 629 13.75 -42.94 -13.38
C ILE B 629 13.52 -44.41 -13.05
N SER B 630 14.09 -45.27 -13.89
CA SER B 630 13.99 -46.72 -13.72
C SER B 630 15.40 -47.32 -13.74
N VAL B 631 15.72 -48.10 -12.71
CA VAL B 631 17.02 -48.74 -12.57
C VAL B 631 16.79 -50.23 -12.36
N SER B 632 17.48 -51.06 -13.15
CA SER B 632 17.29 -52.50 -13.10
C SER B 632 18.17 -53.13 -12.04
N ASN B 633 17.59 -54.03 -11.24
CA ASN B 633 18.34 -54.77 -10.25
C ASN B 633 18.83 -56.11 -10.78
N SER B 634 18.13 -56.70 -11.74
CA SER B 634 18.51 -57.95 -12.36
C SER B 634 18.39 -57.82 -13.87
N SER B 635 18.85 -58.84 -14.59
CA SER B 635 18.81 -58.80 -16.04
C SER B 635 17.37 -58.73 -16.55
N SER B 636 16.46 -59.49 -15.93
CA SER B 636 15.06 -59.51 -16.31
C SER B 636 14.18 -58.73 -15.34
N GLN B 637 14.76 -58.05 -14.36
CA GLN B 637 14.01 -57.35 -13.33
C GLN B 637 14.45 -55.89 -13.28
N ILE B 638 13.48 -54.99 -13.10
CA ILE B 638 13.74 -53.56 -12.97
C ILE B 638 13.04 -53.02 -11.74
N ILE B 639 13.53 -51.88 -11.26
CA ILE B 639 12.95 -51.15 -10.13
C ILE B 639 12.77 -49.71 -10.57
N LEU B 640 11.53 -49.28 -10.68
CA LEU B 640 11.29 -47.90 -11.08
C LEU B 640 11.30 -46.97 -9.89
N LYS B 641 11.52 -45.69 -10.17
CA LYS B 641 11.62 -44.68 -9.12
C LYS B 641 11.04 -43.38 -9.62
N TRP B 642 10.38 -42.65 -8.72
CA TRP B 642 9.96 -41.27 -8.97
C TRP B 642 9.68 -40.62 -7.62
N LYS B 643 9.56 -39.29 -7.63
CA LYS B 643 9.19 -38.52 -6.46
C LYS B 643 7.88 -37.79 -6.73
N PRO B 644 7.11 -37.49 -5.68
CA PRO B 644 5.72 -37.07 -5.88
C PRO B 644 5.64 -35.80 -6.71
N PRO B 645 4.50 -35.55 -7.36
CA PRO B 645 4.37 -34.39 -8.25
C PRO B 645 4.45 -33.07 -7.49
N SER B 646 4.43 -31.99 -8.27
CA SER B 646 4.58 -30.65 -7.70
C SER B 646 3.42 -30.30 -6.77
N ASP B 647 2.18 -30.54 -7.23
CA ASP B 647 1.01 -30.21 -6.44
C ASP B 647 0.03 -31.38 -6.52
N PRO B 648 -0.35 -31.97 -5.40
CA PRO B 648 -1.26 -33.12 -5.43
C PRO B 648 -2.70 -32.72 -5.75
N ASN B 649 -3.08 -31.50 -5.38
CA ASN B 649 -4.46 -31.03 -5.51
C ASN B 649 -5.44 -31.99 -4.85
N GLY B 650 -5.06 -32.48 -3.67
CA GLY B 650 -5.83 -33.48 -2.96
C GLY B 650 -4.97 -34.69 -2.69
N ASN B 651 -5.31 -35.41 -1.61
CA ASN B 651 -4.56 -36.62 -1.26
C ASN B 651 -4.66 -37.63 -2.39
N ILE B 652 -3.50 -38.09 -2.87
CA ILE B 652 -3.46 -38.93 -4.05
C ILE B 652 -3.96 -40.33 -3.68
N THR B 653 -5.01 -40.79 -4.37
CA THR B 653 -5.58 -42.09 -4.07
C THR B 653 -4.65 -43.22 -4.51
N HIS B 654 -4.13 -43.14 -5.73
CA HIS B 654 -3.28 -44.21 -6.25
C HIS B 654 -2.50 -43.68 -7.45
N TYR B 655 -1.26 -44.18 -7.60
CA TYR B 655 -0.42 -43.86 -8.74
C TYR B 655 -0.54 -45.00 -9.75
N LEU B 656 -1.28 -44.75 -10.84
CA LEU B 656 -1.44 -45.72 -11.90
C LEU B 656 -0.16 -45.75 -12.75
N VAL B 657 0.37 -46.94 -12.98
CA VAL B 657 1.60 -47.13 -13.76
C VAL B 657 1.34 -48.18 -14.84
N PHE B 658 1.91 -47.97 -16.01
CA PHE B 658 1.94 -48.96 -17.08
C PHE B 658 3.39 -49.33 -17.40
N TRP B 659 3.55 -50.42 -18.14
CA TRP B 659 4.85 -50.77 -18.70
C TRP B 659 4.69 -51.16 -20.16
N GLU B 660 5.72 -50.86 -20.94
CA GLU B 660 5.69 -50.99 -22.39
C GLU B 660 7.10 -51.29 -22.86
N ARG B 661 7.21 -51.93 -24.02
CA ARG B 661 8.49 -52.26 -24.62
C ARG B 661 8.70 -51.46 -25.89
N GLN B 662 9.94 -51.04 -26.10
CA GLN B 662 10.33 -50.27 -27.28
C GLN B 662 11.30 -51.09 -28.12
N ALA B 663 11.12 -51.03 -29.45
CA ALA B 663 11.93 -51.80 -30.37
C ALA B 663 13.34 -51.23 -30.47
N GLU B 664 14.25 -52.04 -30.98
CA GLU B 664 15.63 -51.63 -31.17
C GLU B 664 15.78 -50.82 -32.46
N ASP B 665 17.03 -50.54 -32.82
CA ASP B 665 17.33 -49.82 -34.04
C ASP B 665 17.36 -50.80 -35.21
N SER B 666 16.43 -50.65 -36.15
CA SER B 666 16.34 -51.57 -37.27
C SER B 666 17.54 -51.43 -38.21
N GLU B 667 18.01 -50.19 -38.41
CA GLU B 667 19.11 -49.97 -39.33
C GLU B 667 20.40 -50.64 -38.84
N LEU B 668 20.67 -50.57 -37.54
CA LEU B 668 21.87 -51.16 -36.98
C LEU B 668 21.85 -52.69 -37.02
N PHE B 669 20.69 -53.30 -37.27
CA PHE B 669 20.59 -54.75 -37.24
C PHE B 669 21.42 -55.42 -38.33
N GLU B 670 21.59 -54.76 -39.47
CA GLU B 670 22.26 -55.37 -40.61
C GLU B 670 23.43 -54.56 -41.16
N LEU B 671 23.37 -53.23 -41.05
CA LEU B 671 24.37 -52.38 -41.69
C LEU B 671 25.76 -52.63 -41.12
N ASP B 672 26.77 -52.53 -41.98
CA ASP B 672 28.14 -52.85 -41.64
C ASP B 672 28.90 -51.60 -41.23
N TYR B 673 29.59 -51.67 -40.09
CA TYR B 673 30.46 -50.60 -39.62
C TYR B 673 31.77 -51.15 -39.08
N CYS B 674 32.26 -52.24 -39.65
CA CYS B 674 33.47 -52.94 -39.20
C CYS B 674 34.75 -52.18 -39.52
N LEU B 675 34.70 -50.97 -40.07
CA LEU B 675 35.92 -50.23 -40.35
C LEU B 675 36.64 -49.88 -39.06
N LYS B 676 37.96 -50.10 -39.07
CA LYS B 676 38.80 -49.84 -37.90
C LYS B 676 40.06 -49.11 -38.33
N GLY B 677 40.65 -48.37 -37.39
CA GLY B 677 41.86 -47.61 -37.66
C GLY B 677 41.63 -46.39 -38.52
N LEU B 720 -13.95 8.45 4.52
CA LEU B 720 -14.63 9.74 4.61
C LEU B 720 -14.84 10.33 3.22
N LYS B 721 -14.08 9.83 2.24
CA LYS B 721 -14.22 10.32 0.88
C LYS B 721 -15.58 10.00 0.30
N GLU B 722 -16.11 8.80 0.59
CA GLU B 722 -17.39 8.38 0.06
C GLU B 722 -18.55 8.64 1.02
N LEU B 723 -18.28 8.83 2.31
CA LEU B 723 -19.35 9.19 3.24
C LEU B 723 -19.96 10.53 2.84
N GLU B 724 -19.13 11.53 2.59
CA GLU B 724 -19.61 12.84 2.13
C GLU B 724 -20.26 12.76 0.75
N GLU B 725 -20.05 11.66 0.03
CA GLU B 725 -20.77 11.37 -1.20
C GLU B 725 -22.13 10.75 -0.90
N SER B 726 -22.16 9.72 -0.04
CA SER B 726 -23.42 9.06 0.27
C SER B 726 -24.29 9.91 1.19
N SER B 727 -23.69 10.53 2.21
CA SER B 727 -24.46 11.35 3.14
C SER B 727 -25.09 12.54 2.42
N PHE B 728 -24.42 13.05 1.38
CA PHE B 728 -25.02 14.11 0.58
C PHE B 728 -26.33 13.65 -0.05
N ARG B 729 -26.39 12.39 -0.49
CA ARG B 729 -27.60 11.90 -1.13
C ARG B 729 -28.70 11.59 -0.13
N LYS B 730 -28.36 11.25 1.11
CA LYS B 730 -29.40 11.12 2.13
C LYS B 730 -29.88 12.50 2.57
N THR B 731 -28.98 13.49 2.58
CA THR B 731 -29.39 14.85 2.94
C THR B 731 -30.36 15.42 1.92
N PHE B 732 -30.11 15.19 0.63
CA PHE B 732 -30.95 15.78 -0.40
C PHE B 732 -32.37 15.26 -0.33
N GLU B 733 -32.53 13.93 -0.29
CA GLU B 733 -33.87 13.36 -0.28
C GLU B 733 -34.65 13.82 0.94
N ASP B 734 -33.97 14.03 2.06
CA ASP B 734 -34.64 14.62 3.22
C ASP B 734 -35.14 16.02 2.90
N TYR B 735 -34.32 16.82 2.22
CA TYR B 735 -34.75 18.17 1.84
C TYR B 735 -35.94 18.12 0.90
N LEU B 736 -35.90 17.22 -0.08
CA LEU B 736 -37.00 17.12 -1.04
C LEU B 736 -38.31 16.79 -0.33
N HIS B 737 -38.31 15.73 0.47
CA HIS B 737 -39.54 15.32 1.14
C HIS B 737 -40.02 16.37 2.12
N ASN B 738 -39.11 17.00 2.87
CA ASN B 738 -39.52 18.03 3.82
C ASN B 738 -40.11 19.24 3.13
N VAL B 739 -39.84 19.41 1.84
CA VAL B 739 -40.36 20.56 1.10
C VAL B 739 -41.61 20.20 0.31
N VAL B 740 -41.60 19.09 -0.42
CA VAL B 740 -42.69 18.75 -1.32
C VAL B 740 -43.79 17.97 -0.61
N PHE B 741 -43.68 17.78 0.70
CA PHE B 741 -44.73 17.14 1.49
C PHE B 741 -45.14 18.13 2.58
N VAL B 742 -46.04 19.02 2.22
CA VAL B 742 -46.52 20.04 3.16
C VAL B 742 -47.62 19.44 4.02
N PRO B 743 -47.53 19.52 5.35
CA PRO B 743 -48.59 19.01 6.20
C PRO B 743 -49.88 19.82 6.08
N ARG B 744 -50.90 19.43 6.82
CA ARG B 744 -52.18 20.16 6.74
C ARG B 744 -52.08 21.51 7.44
N ARG B 784 -2.04 -52.56 -22.41
CA ARG B 784 -0.84 -52.76 -21.62
C ARG B 784 -1.18 -53.02 -20.15
N PRO B 785 -0.50 -54.00 -19.56
CA PRO B 785 -0.73 -54.29 -18.13
C PRO B 785 -0.41 -53.09 -17.26
N PHE B 786 -1.19 -52.94 -16.19
CA PHE B 786 -1.13 -51.77 -15.32
C PHE B 786 -1.21 -52.20 -13.86
N GLU B 787 -1.01 -51.22 -12.98
CA GLU B 787 -1.07 -51.47 -11.54
C GLU B 787 -1.17 -50.13 -10.83
N LYS B 788 -1.78 -50.13 -9.66
CA LYS B 788 -1.93 -48.93 -8.83
C LYS B 788 -0.97 -48.98 -7.65
N VAL B 789 -0.21 -47.90 -7.47
CA VAL B 789 0.68 -47.73 -6.33
C VAL B 789 0.03 -46.75 -5.36
N VAL B 790 0.17 -47.01 -4.07
CA VAL B 790 -0.38 -46.14 -3.03
C VAL B 790 0.69 -45.89 -1.98
N ASN B 791 0.95 -44.60 -1.70
CA ASN B 791 1.85 -44.18 -0.62
C ASN B 791 3.23 -44.83 -0.74
N LYS B 792 3.72 -44.98 -1.97
CA LYS B 792 5.04 -45.55 -2.20
C LYS B 792 5.57 -45.02 -3.53
N GLU B 793 6.83 -44.59 -3.52
CA GLU B 793 7.48 -43.98 -4.67
C GLU B 793 8.37 -44.99 -5.41
N SER B 794 8.03 -46.28 -5.34
CA SER B 794 8.87 -47.29 -5.96
C SER B 794 8.05 -48.55 -6.18
N LEU B 795 8.60 -49.42 -7.03
CA LEU B 795 7.99 -50.72 -7.31
C LEU B 795 9.03 -51.60 -7.97
N VAL B 796 8.64 -52.84 -8.26
CA VAL B 796 9.49 -53.78 -8.98
C VAL B 796 8.72 -54.36 -10.15
N ILE B 797 9.37 -54.42 -11.30
CA ILE B 797 8.83 -55.05 -12.50
C ILE B 797 9.83 -56.09 -12.97
N SER B 798 9.35 -57.31 -13.22
CA SER B 798 10.21 -58.40 -13.65
C SER B 798 9.73 -59.02 -14.94
N GLY B 799 10.38 -60.10 -15.37
CA GLY B 799 9.98 -60.79 -16.59
C GLY B 799 10.17 -59.98 -17.86
N LEU B 800 11.29 -59.27 -17.97
CA LEU B 800 11.58 -58.44 -19.13
C LEU B 800 12.85 -58.93 -19.81
N ARG B 801 13.11 -58.38 -21.00
CA ARG B 801 14.31 -58.74 -21.74
C ARG B 801 15.55 -58.18 -21.06
N HIS B 802 16.69 -58.79 -21.40
CA HIS B 802 17.94 -58.48 -20.70
C HIS B 802 18.52 -57.12 -21.09
N PHE B 803 18.34 -56.69 -22.34
CA PHE B 803 18.87 -55.41 -22.79
C PHE B 803 17.87 -54.57 -23.58
N THR B 804 16.77 -55.14 -24.05
CA THR B 804 15.80 -54.37 -24.82
C THR B 804 15.20 -53.27 -23.94
N GLY B 805 15.15 -52.06 -24.50
CA GLY B 805 14.62 -50.94 -23.75
C GLY B 805 13.13 -51.09 -23.50
N TYR B 806 12.70 -50.69 -22.31
CA TYR B 806 11.31 -50.76 -21.90
C TYR B 806 10.79 -49.37 -21.55
N ARG B 807 9.49 -49.19 -21.72
CA ARG B 807 8.83 -47.91 -21.55
C ARG B 807 7.79 -48.03 -20.45
N ILE B 808 7.73 -47.03 -19.57
CA ILE B 808 6.81 -47.02 -18.44
C ILE B 808 5.92 -45.80 -18.57
N GLU B 809 4.61 -46.00 -18.46
CA GLU B 809 3.62 -44.93 -18.47
C GLU B 809 3.02 -44.82 -17.08
N LEU B 810 3.06 -43.62 -16.50
CA LEU B 810 2.67 -43.41 -15.11
C LEU B 810 1.56 -42.36 -15.05
N GLN B 811 0.48 -42.69 -14.35
CA GLN B 811 -0.65 -41.79 -14.14
C GLN B 811 -0.84 -41.56 -12.65
N ALA B 812 -0.95 -40.29 -12.25
CA ALA B 812 -1.28 -39.93 -10.89
C ALA B 812 -2.77 -39.60 -10.81
N CYS B 813 -3.47 -40.26 -9.90
CA CYS B 813 -4.91 -40.11 -9.76
C CYS B 813 -5.29 -39.87 -8.31
N ASN B 814 -6.25 -38.97 -8.10
CA ASN B 814 -6.74 -38.64 -6.77
C ASN B 814 -8.21 -38.96 -6.58
N GLN B 815 -8.83 -39.67 -7.51
CA GLN B 815 -10.21 -40.12 -7.37
C GLN B 815 -10.33 -41.54 -7.90
N ASP B 816 -11.08 -42.37 -7.18
CA ASP B 816 -11.29 -43.76 -7.59
C ASP B 816 -12.74 -44.17 -7.38
N ARG B 821 -10.07 -40.27 -12.47
CA ARG B 821 -9.56 -38.91 -12.51
C ARG B 821 -8.05 -38.89 -12.30
N CYS B 822 -7.30 -38.90 -13.39
CA CYS B 822 -5.85 -38.96 -13.34
C CYS B 822 -5.24 -37.78 -14.08
N SER B 823 -3.93 -37.63 -13.95
CA SER B 823 -3.18 -36.60 -14.65
C SER B 823 -2.81 -37.08 -16.05
N VAL B 824 -2.12 -36.23 -16.80
CA VAL B 824 -1.68 -36.58 -18.15
C VAL B 824 -0.45 -37.46 -18.03
N ALA B 825 -0.07 -38.13 -19.12
CA ALA B 825 0.88 -39.23 -19.04
C ALA B 825 2.27 -38.77 -18.59
N ALA B 826 2.91 -39.62 -17.79
CA ALA B 826 4.32 -39.48 -17.43
C ALA B 826 5.07 -40.70 -17.93
N TYR B 827 6.22 -40.48 -18.57
CA TYR B 827 6.90 -41.53 -19.30
C TYR B 827 8.37 -41.59 -18.89
N VAL B 828 8.94 -42.79 -18.97
CA VAL B 828 10.34 -43.02 -18.62
C VAL B 828 10.77 -44.34 -19.25
N SER B 829 12.07 -44.44 -19.56
CA SER B 829 12.65 -45.64 -20.14
C SER B 829 13.93 -46.00 -19.39
N ALA B 830 14.50 -47.15 -19.73
CA ALA B 830 15.74 -47.63 -19.12
C ALA B 830 16.34 -48.69 -20.02
N ARG B 831 17.58 -49.09 -19.68
CA ARG B 831 18.28 -50.15 -20.40
C ARG B 831 18.95 -51.04 -19.36
N THR B 832 18.39 -52.23 -19.16
CA THR B 832 18.90 -53.16 -18.15
C THR B 832 20.20 -53.79 -18.62
N MET B 833 20.91 -54.44 -17.69
CA MET B 833 22.15 -55.11 -18.02
C MET B 833 21.86 -56.39 -18.78
N PRO B 834 22.46 -56.59 -19.96
CA PRO B 834 22.14 -57.77 -20.78
C PRO B 834 22.66 -59.08 -20.20
N GLU B 835 22.46 -60.16 -20.94
CA GLU B 835 22.99 -61.48 -20.62
C GLU B 835 23.86 -61.96 -21.76
N ALA B 836 24.97 -62.63 -21.41
CA ALA B 836 25.94 -63.07 -22.40
C ALA B 836 25.68 -64.47 -22.93
N LYS B 837 24.56 -65.11 -22.53
CA LYS B 837 24.25 -66.44 -23.04
C LYS B 837 24.07 -66.44 -24.55
N ALA B 838 23.33 -65.45 -25.07
CA ALA B 838 23.14 -65.33 -26.51
C ALA B 838 24.33 -64.65 -27.20
N ASP B 839 25.21 -64.01 -26.43
CA ASP B 839 26.38 -63.36 -27.01
C ASP B 839 27.43 -64.37 -27.46
N ASP B 840 27.31 -65.63 -27.05
CA ASP B 840 28.23 -66.68 -27.47
C ASP B 840 27.67 -67.40 -28.69
N ILE B 841 28.57 -67.74 -29.63
CA ILE B 841 28.15 -68.42 -30.85
C ILE B 841 27.78 -69.86 -30.53
N VAL B 842 26.62 -70.29 -31.01
CA VAL B 842 26.17 -71.66 -30.80
C VAL B 842 26.95 -72.58 -31.74
N GLY B 843 27.48 -73.67 -31.19
CA GLY B 843 28.19 -74.65 -31.98
C GLY B 843 29.64 -74.26 -32.23
N PRO B 844 30.54 -75.23 -32.17
CA PRO B 844 31.95 -74.96 -32.47
C PRO B 844 32.16 -74.70 -33.95
N VAL B 845 33.39 -74.33 -34.28
CA VAL B 845 33.77 -73.95 -35.64
C VAL B 845 34.47 -75.11 -36.31
N THR B 846 34.05 -75.42 -37.53
CA THR B 846 34.70 -76.41 -38.38
C THR B 846 35.33 -75.70 -39.58
N HIS B 847 36.23 -76.41 -40.25
CA HIS B 847 37.04 -75.83 -41.32
C HIS B 847 36.94 -76.66 -42.59
N GLU B 848 37.07 -75.96 -43.72
CA GLU B 848 37.21 -76.59 -45.02
C GLU B 848 38.25 -75.83 -45.83
N ILE B 849 38.99 -76.57 -46.65
CA ILE B 849 40.09 -76.00 -47.44
C ILE B 849 39.84 -76.29 -48.91
N PHE B 850 39.94 -75.25 -49.74
CA PHE B 850 39.79 -75.41 -51.18
C PHE B 850 41.16 -75.55 -51.83
N GLU B 851 41.17 -75.69 -53.16
CA GLU B 851 42.43 -75.86 -53.88
C GLU B 851 43.25 -74.58 -53.91
N ASN B 852 42.58 -73.41 -53.91
CA ASN B 852 43.26 -72.12 -53.98
C ASN B 852 43.56 -71.55 -52.60
N ASN B 853 43.72 -72.40 -51.58
CA ASN B 853 44.04 -71.99 -50.22
C ASN B 853 42.98 -71.08 -49.62
N VAL B 854 41.71 -71.24 -50.03
CA VAL B 854 40.61 -70.48 -49.48
C VAL B 854 39.95 -71.33 -48.39
N VAL B 855 39.71 -70.71 -47.23
CA VAL B 855 39.23 -71.41 -46.05
C VAL B 855 37.79 -70.98 -45.77
N HIS B 856 36.92 -71.96 -45.52
CA HIS B 856 35.53 -71.71 -45.20
C HIS B 856 35.23 -72.27 -43.81
N LEU B 857 34.52 -71.49 -43.00
CA LEU B 857 34.17 -71.88 -41.64
C LEU B 857 32.66 -72.04 -41.52
N MET B 858 32.24 -72.96 -40.67
CA MET B 858 30.84 -73.39 -40.59
C MET B 858 30.37 -73.29 -39.15
N TRP B 859 29.38 -72.42 -38.91
CA TRP B 859 28.78 -72.27 -37.59
C TRP B 859 27.35 -71.76 -37.77
N GLN B 860 26.59 -71.75 -36.69
CA GLN B 860 25.17 -71.41 -36.73
C GLN B 860 24.96 -70.00 -36.19
N GLU B 861 23.99 -69.31 -36.78
CA GLU B 861 23.72 -67.92 -36.43
C GLU B 861 22.73 -67.84 -35.27
N PRO B 862 23.09 -67.20 -34.16
CA PRO B 862 22.10 -66.93 -33.11
C PRO B 862 21.32 -65.66 -33.41
N LYS B 863 19.99 -65.75 -33.27
CA LYS B 863 19.10 -64.63 -33.53
C LYS B 863 18.36 -64.17 -32.27
N GLU B 864 18.75 -64.68 -31.10
CA GLU B 864 18.11 -64.36 -29.83
C GLU B 864 18.49 -63.00 -29.23
N PRO B 865 19.76 -62.55 -29.29
CA PRO B 865 20.12 -61.33 -28.55
C PRO B 865 19.50 -60.06 -29.13
N ASN B 866 18.25 -59.80 -28.75
CA ASN B 866 17.50 -58.61 -29.15
C ASN B 866 17.26 -58.56 -30.66
N GLY B 867 17.24 -59.71 -31.32
CA GLY B 867 17.00 -59.76 -32.74
C GLY B 867 18.21 -60.18 -33.55
N LEU B 868 18.37 -59.60 -34.73
CA LEU B 868 19.48 -59.95 -35.61
C LEU B 868 20.79 -59.47 -35.00
N ILE B 869 21.81 -60.32 -35.10
CA ILE B 869 23.15 -59.99 -34.61
C ILE B 869 23.83 -59.07 -35.62
N VAL B 870 24.50 -58.03 -35.11
CA VAL B 870 25.04 -57.00 -35.99
C VAL B 870 26.25 -57.52 -36.76
N LEU B 871 27.12 -58.29 -36.11
CA LEU B 871 28.37 -58.72 -36.74
C LEU B 871 29.03 -59.79 -35.88
N TYR B 872 30.13 -60.34 -36.40
CA TYR B 872 30.96 -61.30 -35.70
C TYR B 872 32.40 -60.79 -35.63
N GLU B 873 33.18 -61.40 -34.74
CA GLU B 873 34.61 -61.14 -34.64
C GLU B 873 35.36 -62.45 -34.81
N VAL B 874 36.35 -62.44 -35.70
CA VAL B 874 37.11 -63.64 -36.07
C VAL B 874 38.57 -63.38 -35.78
N SER B 875 39.23 -64.33 -35.10
CA SER B 875 40.64 -64.24 -34.77
C SER B 875 41.37 -65.49 -35.25
N TYR B 876 42.57 -65.29 -35.78
CA TYR B 876 43.40 -66.39 -36.24
C TYR B 876 44.87 -66.03 -36.07
N ARG B 877 45.69 -67.03 -35.81
CA ARG B 877 47.11 -66.81 -35.53
C ARG B 877 47.93 -67.94 -36.12
N ARG B 878 49.03 -67.58 -36.78
CA ARG B 878 49.96 -68.56 -37.32
C ARG B 878 50.79 -69.18 -36.20
N TYR B 879 51.27 -70.40 -36.47
CA TYR B 879 52.08 -71.13 -35.50
C TYR B 879 53.34 -70.36 -35.15
N GLY B 880 53.45 -69.91 -33.90
CA GLY B 880 54.60 -69.16 -33.46
C GLY B 880 54.66 -67.72 -33.90
N ASP B 881 53.56 -67.18 -34.42
CA ASP B 881 53.53 -65.81 -34.92
C ASP B 881 52.45 -65.01 -34.16
N GLU B 882 52.22 -63.78 -34.62
CA GLU B 882 51.27 -62.89 -33.98
C GLU B 882 49.85 -63.28 -34.38
N GLU B 883 48.87 -62.47 -33.96
CA GLU B 883 47.46 -62.74 -34.20
C GLU B 883 46.93 -61.85 -35.32
N LEU B 884 45.96 -62.37 -36.06
CA LEU B 884 45.30 -61.64 -37.13
C LEU B 884 43.79 -61.79 -36.97
N HIS B 885 43.05 -60.78 -37.43
CA HIS B 885 41.61 -60.75 -37.23
C HIS B 885 40.90 -60.36 -38.52
N LEU B 886 39.67 -60.83 -38.66
CA LEU B 886 38.77 -60.42 -39.72
C LEU B 886 37.45 -60.00 -39.11
N CYS B 887 37.00 -58.79 -39.42
CA CYS B 887 35.73 -58.29 -38.92
C CYS B 887 34.62 -58.75 -39.87
N VAL B 888 33.85 -59.75 -39.45
CA VAL B 888 32.80 -60.34 -40.26
C VAL B 888 31.47 -59.76 -39.81
N SER B 889 30.78 -59.09 -40.73
CA SER B 889 29.45 -58.54 -40.48
C SER B 889 28.41 -59.38 -41.19
N ARG B 890 27.15 -58.94 -41.11
CA ARG B 890 26.08 -59.63 -41.83
C ARG B 890 26.28 -59.51 -43.34
N LYS B 891 26.79 -58.37 -43.80
CA LYS B 891 27.00 -58.18 -45.23
C LYS B 891 28.07 -59.14 -45.76
N HIS B 892 29.21 -59.21 -45.07
CA HIS B 892 30.26 -60.14 -45.48
C HIS B 892 29.79 -61.59 -45.37
N PHE B 893 29.00 -61.89 -44.32
CA PHE B 893 28.44 -63.22 -44.18
C PHE B 893 27.55 -63.57 -45.37
N ALA B 894 26.77 -62.60 -45.85
CA ALA B 894 25.95 -62.83 -47.03
C ALA B 894 26.81 -63.00 -48.29
N LEU B 895 27.87 -62.20 -48.42
CA LEU B 895 28.70 -62.28 -49.62
C LEU B 895 29.42 -63.63 -49.72
N GLU B 896 30.02 -64.09 -48.63
CA GLU B 896 30.82 -65.32 -48.67
C GLU B 896 30.12 -66.52 -48.05
N ARG B 897 28.84 -66.41 -47.71
CA ARG B 897 28.08 -67.50 -47.08
C ARG B 897 28.81 -68.03 -45.86
N GLY B 898 29.33 -67.11 -45.06
CA GLY B 898 30.15 -67.44 -43.91
C GLY B 898 31.50 -66.74 -43.98
N CYS B 899 32.23 -66.85 -42.87
CA CYS B 899 33.54 -66.22 -42.79
C CYS B 899 34.54 -66.97 -43.67
N ARG B 900 35.27 -66.22 -44.50
CA ARG B 900 36.28 -66.79 -45.38
C ARG B 900 37.53 -65.93 -45.31
N LEU B 901 38.69 -66.59 -45.39
CA LEU B 901 39.98 -65.93 -45.31
C LEU B 901 40.74 -66.16 -46.60
N ARG B 902 41.24 -65.08 -47.19
CA ARG B 902 41.97 -65.14 -48.45
C ARG B 902 43.23 -64.28 -48.35
N GLY B 903 44.24 -64.65 -49.14
CA GLY B 903 45.47 -63.90 -49.20
C GLY B 903 46.41 -64.09 -48.03
N LEU B 904 46.18 -65.08 -47.17
CA LEU B 904 47.04 -65.31 -46.03
C LEU B 904 48.34 -65.98 -46.45
N SER B 905 49.40 -65.71 -45.69
CA SER B 905 50.70 -66.28 -45.99
C SER B 905 50.70 -67.79 -45.73
N PRO B 906 51.54 -68.55 -46.42
CA PRO B 906 51.62 -69.99 -46.18
C PRO B 906 52.04 -70.30 -44.75
N GLY B 907 51.49 -71.36 -44.20
CA GLY B 907 51.79 -71.79 -42.86
C GLY B 907 50.60 -72.47 -42.22
N ASN B 908 50.74 -72.76 -40.93
CA ASN B 908 49.70 -73.41 -40.14
C ASN B 908 49.03 -72.38 -39.26
N TYR B 909 47.69 -72.39 -39.25
CA TYR B 909 46.90 -71.41 -38.53
C TYR B 909 45.82 -72.09 -37.70
N SER B 910 45.33 -71.36 -36.70
CA SER B 910 44.16 -71.75 -35.93
C SER B 910 43.26 -70.53 -35.79
N VAL B 911 41.99 -70.68 -36.18
CA VAL B 911 41.06 -69.56 -36.27
C VAL B 911 39.91 -69.78 -35.30
N ARG B 912 39.56 -68.73 -34.56
CA ARG B 912 38.43 -68.73 -33.65
C ARG B 912 37.45 -67.62 -34.05
N ILE B 913 36.18 -67.82 -33.70
CA ILE B 913 35.11 -66.89 -34.05
C ILE B 913 34.37 -66.49 -32.79
N ARG B 914 34.07 -65.21 -32.65
CA ARG B 914 33.33 -64.68 -31.52
C ARG B 914 32.20 -63.79 -32.01
N ALA B 915 31.02 -63.94 -31.40
CA ALA B 915 29.88 -63.11 -31.75
C ALA B 915 29.95 -61.77 -31.01
N THR B 916 29.34 -60.76 -31.61
CA THR B 916 29.29 -59.42 -31.03
C THR B 916 27.89 -58.87 -31.25
N SER B 917 27.05 -58.98 -30.23
CA SER B 917 25.70 -58.46 -30.29
C SER B 917 25.69 -56.97 -29.95
N LEU B 918 24.50 -56.40 -29.85
CA LEU B 918 24.38 -55.00 -29.43
C LEU B 918 24.91 -54.80 -28.01
N ALA B 919 24.85 -55.84 -27.18
CA ALA B 919 25.40 -55.77 -25.84
C ALA B 919 26.92 -55.63 -25.86
N GLY B 920 27.59 -56.45 -26.67
CA GLY B 920 29.04 -56.42 -26.72
C GLY B 920 29.56 -57.72 -27.31
N ASN B 921 30.82 -58.00 -27.01
CA ASN B 921 31.48 -59.21 -27.51
C ASN B 921 31.29 -60.35 -26.52
N GLY B 922 30.87 -61.50 -27.03
CA GLY B 922 30.58 -62.66 -26.20
C GLY B 922 31.78 -63.60 -26.06
N SER B 923 31.47 -64.84 -25.69
CA SER B 923 32.50 -65.84 -25.50
C SER B 923 33.03 -66.35 -26.83
N TRP B 924 34.26 -66.87 -26.80
CA TRP B 924 34.88 -67.40 -28.00
C TRP B 924 34.50 -68.87 -28.18
N THR B 925 34.67 -69.34 -29.41
CA THR B 925 34.31 -70.71 -29.77
C THR B 925 35.56 -71.60 -29.84
N GLU B 926 35.32 -72.88 -30.08
CA GLU B 926 36.41 -73.84 -30.16
C GLU B 926 37.26 -73.57 -31.40
N PRO B 927 38.58 -73.52 -31.28
CA PRO B 927 39.43 -73.22 -32.43
C PRO B 927 39.39 -74.32 -33.49
N THR B 928 39.58 -73.92 -34.74
CA THR B 928 39.76 -74.84 -35.85
C THR B 928 40.95 -74.37 -36.68
N TYR B 929 41.56 -75.31 -37.38
CA TYR B 929 42.84 -75.09 -38.04
C TYR B 929 42.69 -75.12 -39.55
N PHE B 930 43.60 -74.42 -40.23
CA PHE B 930 43.69 -74.49 -41.68
C PHE B 930 45.14 -74.27 -42.09
N TYR B 931 45.47 -74.72 -43.29
CA TYR B 931 46.83 -74.68 -43.80
C TYR B 931 46.83 -74.08 -45.21
N VAL B 932 47.90 -73.34 -45.51
CA VAL B 932 48.10 -72.72 -46.82
C VAL B 932 49.37 -73.29 -47.42
N THR B 933 49.26 -73.80 -48.66
CA THR B 933 50.41 -74.40 -49.32
C THR B 933 51.44 -73.34 -49.68
N ASP B 934 52.71 -73.71 -49.55
CA ASP B 934 53.81 -72.79 -49.87
C ASP B 934 53.96 -72.64 -51.38
N ASN C 1 21.76 27.24 27.78
CA ASN C 1 21.17 25.91 27.69
C ASN C 1 20.68 25.44 29.05
N GLN C 2 21.53 24.70 29.76
CA GLN C 2 21.24 24.13 31.07
C GLN C 2 19.99 23.25 31.06
N HIS C 3 19.61 22.73 29.90
CA HIS C 3 18.49 21.79 29.80
C HIS C 3 19.05 20.36 29.79
N LEU C 4 19.54 19.95 30.95
CA LEU C 4 20.20 18.66 31.11
C LEU C 4 19.13 17.57 31.09
N CYS C 5 18.83 17.09 29.89
CA CYS C 5 17.82 16.07 29.66
C CYS C 5 18.50 14.79 29.21
N GLY C 6 18.08 13.66 29.77
CA GLY C 6 18.57 12.37 29.35
C GLY C 6 20.03 12.14 29.69
N SER C 7 20.81 11.73 28.68
CA SER C 7 22.22 11.41 28.86
C SER C 7 23.09 12.64 29.09
N HIS C 8 22.48 13.84 29.14
CA HIS C 8 23.23 15.05 29.43
C HIS C 8 23.60 15.15 30.90
N LEU C 9 22.71 14.72 31.79
CA LEU C 9 22.97 14.82 33.23
C LEU C 9 24.18 14.00 33.63
N VAL C 10 24.29 12.77 33.13
CA VAL C 10 25.38 11.90 33.55
C VAL C 10 26.72 12.47 33.08
N GLU C 11 26.75 13.06 31.89
CA GLU C 11 27.96 13.65 31.34
C GLU C 11 28.27 15.03 31.91
N ALA C 12 27.29 15.70 32.51
CA ALA C 12 27.50 17.04 33.04
C ALA C 12 27.68 17.09 34.55
N LEU C 13 27.24 16.06 35.28
CA LEU C 13 27.33 16.07 36.74
C LEU C 13 28.75 16.04 37.25
N TYR C 14 29.70 15.48 36.50
CA TYR C 14 31.09 15.52 36.89
C TYR C 14 31.78 16.82 36.52
N LEU C 15 31.07 17.72 35.83
CA LEU C 15 31.52 19.09 35.65
C LEU C 15 30.91 20.01 36.70
N VAL C 16 30.20 19.46 37.67
CA VAL C 16 29.59 20.22 38.76
C VAL C 16 30.20 19.86 40.10
N CYS C 17 30.16 18.59 40.48
CA CYS C 17 30.75 18.11 41.72
C CYS C 17 31.32 16.72 41.49
N GLY C 18 32.63 16.57 41.71
CA GLY C 18 33.27 15.28 41.60
C GLY C 18 34.18 15.01 42.78
N GLU C 19 34.36 16.02 43.64
CA GLU C 19 35.21 15.87 44.81
C GLU C 19 34.70 14.79 45.76
N ARG C 20 33.40 14.77 46.00
CA ARG C 20 32.75 13.74 46.80
C ARG C 20 31.72 12.98 45.98
N GLY C 21 31.73 13.18 44.67
CA GLY C 21 30.83 12.45 43.79
C GLY C 21 29.38 12.80 44.05
N PHE C 22 28.61 11.82 44.50
CA PHE C 22 27.18 11.94 44.67
C PHE C 22 26.75 11.31 45.99
N PHE C 23 25.87 11.99 46.70
CA PHE C 23 25.42 11.54 48.01
C PHE C 23 24.52 10.31 47.87
N TYR C 24 24.70 9.34 48.75
CA TYR C 24 23.82 8.19 48.87
C TYR C 24 23.54 7.92 50.33
N THR C 25 22.33 7.44 50.60
CA THR C 25 21.92 7.13 51.96
C THR C 25 22.73 5.97 52.54
N GLY C 29 12.58 13.63 42.77
CA GLY C 29 13.71 13.05 42.07
C GLY C 29 14.54 14.08 41.33
N ILE C 30 15.04 13.70 40.15
CA ILE C 30 15.88 14.57 39.36
C ILE C 30 15.27 14.90 38.00
N VAL C 31 14.64 13.93 37.34
CA VAL C 31 14.09 14.18 36.00
C VAL C 31 12.95 15.19 36.07
N GLU C 32 12.08 15.06 37.07
CA GLU C 32 10.90 15.91 37.15
C GLU C 32 11.22 17.37 37.42
N GLN C 33 12.47 17.71 37.78
CA GLN C 33 12.81 19.07 38.13
C GLN C 33 14.05 19.62 37.43
N CYS C 34 14.84 18.79 36.75
CA CYS C 34 15.97 19.29 35.97
C CYS C 34 16.08 18.62 34.62
N CYS C 35 15.05 17.89 34.20
CA CYS C 35 15.04 17.27 32.88
C CYS C 35 13.83 17.73 32.08
N THR C 36 12.69 17.87 32.74
CA THR C 36 11.50 18.42 32.12
C THR C 36 11.42 19.93 32.25
N SER C 37 12.38 20.55 32.91
CA SER C 37 12.43 21.99 33.08
C SER C 37 13.89 22.41 33.13
N ILE C 38 14.16 23.62 33.60
CA ILE C 38 15.50 24.15 33.71
C ILE C 38 15.94 24.07 35.16
N CYS C 39 17.06 23.41 35.41
CA CYS C 39 17.63 23.28 36.74
C CYS C 39 18.58 24.45 37.01
N SER C 40 18.92 24.64 38.28
CA SER C 40 19.76 25.73 38.71
C SER C 40 20.93 25.20 39.53
N LEU C 41 22.04 25.95 39.52
CA LEU C 41 23.21 25.57 40.28
C LEU C 41 22.96 25.62 41.78
N TYR C 42 21.91 26.33 42.22
CA TYR C 42 21.53 26.29 43.63
C TYR C 42 20.99 24.93 44.00
N GLN C 43 20.25 24.28 43.10
CA GLN C 43 19.62 23.00 43.40
C GLN C 43 20.29 21.80 42.75
N LEU C 44 21.18 22.02 41.77
CA LEU C 44 21.78 20.90 41.06
C LEU C 44 22.84 20.20 41.90
N GLU C 45 23.64 20.98 42.67
CA GLU C 45 24.75 20.39 43.41
C GLU C 45 24.30 19.49 44.55
N ASN C 46 23.06 19.63 45.01
CA ASN C 46 22.56 18.75 46.06
C ASN C 46 22.54 17.29 45.60
N TYR C 47 22.18 17.07 44.34
CA TYR C 47 22.09 15.73 43.78
C TYR C 47 23.45 15.06 43.64
N CYS C 48 24.54 15.83 43.72
CA CYS C 48 25.89 15.31 43.75
C CYS C 48 26.56 15.66 45.08
N ASN C 49 25.82 15.49 46.16
CA ASN C 49 26.25 15.75 47.55
C ASN C 49 26.65 17.21 47.79
N ASN D 1 -43.20 -3.00 10.80
CA ASN D 1 -42.21 -2.12 10.19
C ASN D 1 -42.59 -0.67 10.41
N GLN D 2 -43.29 -0.09 9.42
CA GLN D 2 -43.72 1.31 9.44
C GLN D 2 -42.56 2.28 9.60
N HIS D 3 -41.34 1.86 9.26
CA HIS D 3 -40.18 2.74 9.27
C HIS D 3 -39.94 3.27 7.86
N LEU D 4 -40.85 4.16 7.44
CA LEU D 4 -40.84 4.70 6.08
C LEU D 4 -39.71 5.71 5.98
N CYS D 5 -38.53 5.20 5.59
CA CYS D 5 -37.33 6.00 5.46
C CYS D 5 -36.93 6.08 3.99
N GLY D 6 -36.57 7.27 3.54
CA GLY D 6 -36.09 7.47 2.19
C GLY D 6 -37.15 7.24 1.13
N SER D 7 -36.85 6.39 0.15
CA SER D 7 -37.74 6.12 -0.97
C SER D 7 -38.95 5.29 -0.57
N HIS D 8 -39.07 4.90 0.70
CA HIS D 8 -40.23 4.14 1.16
C HIS D 8 -41.46 5.02 1.29
N LEU D 9 -41.28 6.28 1.73
CA LEU D 9 -42.42 7.17 1.91
C LEU D 9 -43.14 7.42 0.60
N VAL D 10 -42.40 7.67 -0.48
CA VAL D 10 -43.05 8.01 -1.74
C VAL D 10 -43.82 6.81 -2.30
N GLU D 11 -43.29 5.61 -2.11
CA GLU D 11 -43.95 4.40 -2.58
C GLU D 11 -45.06 3.94 -1.66
N ALA D 12 -45.10 4.41 -0.42
CA ALA D 12 -46.14 4.01 0.52
C ALA D 12 -47.26 5.03 0.69
N LEU D 13 -47.03 6.29 0.35
CA LEU D 13 -48.02 7.33 0.54
C LEU D 13 -49.26 7.15 -0.34
N TYR D 14 -49.12 6.54 -1.51
CA TYR D 14 -50.28 6.24 -2.34
C TYR D 14 -51.01 4.99 -1.89
N LEU D 15 -50.48 4.28 -0.89
CA LEU D 15 -51.22 3.23 -0.21
C LEU D 15 -51.88 3.74 1.06
N VAL D 16 -51.85 5.05 1.29
CA VAL D 16 -52.47 5.69 2.45
C VAL D 16 -53.60 6.63 2.03
N CYS D 17 -53.28 7.60 1.17
CA CYS D 17 -54.28 8.53 0.67
C CYS D 17 -53.93 8.89 -0.78
N GLY D 18 -54.86 8.60 -1.69
CA GLY D 18 -54.67 8.94 -3.08
C GLY D 18 -55.91 9.59 -3.67
N GLU D 19 -56.99 9.62 -2.89
CA GLU D 19 -58.24 10.20 -3.34
C GLU D 19 -58.08 11.69 -3.63
N ARG D 20 -57.40 12.43 -2.75
CA ARG D 20 -57.08 13.83 -2.95
C ARG D 20 -55.57 14.05 -2.99
N GLY D 21 -54.82 12.96 -3.07
CA GLY D 21 -53.37 13.06 -3.17
C GLY D 21 -52.76 13.66 -1.92
N PHE D 22 -52.16 14.84 -2.07
CA PHE D 22 -51.42 15.48 -1.01
C PHE D 22 -51.74 16.97 -0.96
N PHE D 23 -51.90 17.50 0.24
CA PHE D 23 -52.29 18.89 0.41
C PHE D 23 -51.12 19.81 0.09
N TYR D 24 -51.42 20.91 -0.61
CA TYR D 24 -50.46 21.97 -0.86
C TYR D 24 -51.11 23.32 -0.62
N THR D 25 -50.32 24.26 -0.14
CA THR D 25 -50.81 25.61 0.14
C THR D 25 -51.24 26.32 -1.13
N GLY D 29 -41.51 19.13 9.41
CA GLY D 29 -41.55 18.46 8.11
C GLY D 29 -42.01 17.02 8.21
N ILE D 30 -41.44 16.16 7.37
CA ILE D 30 -41.81 14.77 7.33
C ILE D 30 -40.67 13.83 7.74
N VAL D 31 -39.43 14.12 7.32
CA VAL D 31 -38.32 13.22 7.63
C VAL D 31 -38.04 13.19 9.12
N GLU D 32 -38.07 14.35 9.77
CA GLU D 32 -37.72 14.43 11.18
C GLU D 32 -38.70 13.72 12.10
N GLN D 33 -39.87 13.31 11.59
CA GLN D 33 -40.87 12.68 12.45
C GLN D 33 -41.43 11.37 11.91
N CYS D 34 -41.15 10.99 10.66
CA CYS D 34 -41.58 9.68 10.17
C CYS D 34 -40.49 9.00 9.36
N CYS D 35 -39.25 9.51 9.43
CA CYS D 35 -38.14 8.87 8.73
C CYS D 35 -37.04 8.53 9.72
N THR D 36 -36.79 9.40 10.69
CA THR D 36 -35.84 9.14 11.76
C THR D 36 -36.49 8.45 12.95
N SER D 37 -37.80 8.21 12.89
CA SER D 37 -38.53 7.54 13.95
C SER D 37 -39.67 6.75 13.31
N ILE D 38 -40.64 6.35 14.12
CA ILE D 38 -41.79 5.59 13.65
C ILE D 38 -42.99 6.53 13.55
N CYS D 39 -43.59 6.61 12.38
CA CYS D 39 -44.77 7.43 12.15
C CYS D 39 -46.03 6.61 12.45
N SER D 40 -47.15 7.32 12.59
CA SER D 40 -48.42 6.70 12.92
C SER D 40 -49.48 7.11 11.91
N LEU D 41 -50.48 6.24 11.74
CA LEU D 41 -51.58 6.53 10.83
C LEU D 41 -52.42 7.72 11.30
N TYR D 42 -52.32 8.08 12.58
CA TYR D 42 -52.98 9.29 13.06
C TYR D 42 -52.32 10.54 12.47
N GLN D 43 -51.00 10.52 12.31
CA GLN D 43 -50.27 11.68 11.84
C GLN D 43 -49.78 11.57 10.40
N LEU D 44 -49.79 10.38 9.81
CA LEU D 44 -49.27 10.21 8.46
C LEU D 44 -50.21 10.77 7.41
N GLU D 45 -51.53 10.59 7.60
CA GLU D 45 -52.48 10.99 6.56
C GLU D 45 -52.57 12.50 6.40
N ASN D 46 -52.14 13.27 7.39
CA ASN D 46 -52.16 14.73 7.25
C ASN D 46 -51.24 15.18 6.12
N TYR D 47 -50.09 14.52 5.97
CA TYR D 47 -49.12 14.88 4.95
C TYR D 47 -49.62 14.57 3.54
N CYS D 48 -50.68 13.78 3.41
CA CYS D 48 -51.35 13.53 2.15
C CYS D 48 -52.78 14.04 2.20
N ASN D 49 -52.95 15.24 2.76
CA ASN D 49 -54.24 15.93 2.89
C ASN D 49 -55.24 15.18 3.76
N ASN E 1 16.43 1.54 -0.16
CA ASN E 1 17.60 0.77 -0.56
C ASN E 1 18.77 1.68 -0.90
N GLN E 2 18.83 2.09 -2.17
CA GLN E 2 19.89 2.97 -2.68
C GLN E 2 21.27 2.34 -2.47
N HIS E 3 21.35 1.02 -2.64
CA HIS E 3 22.60 0.28 -2.47
C HIS E 3 23.31 0.13 -3.81
N LEU E 4 24.62 0.39 -3.81
CA LEU E 4 25.44 0.31 -5.01
C LEU E 4 26.82 -0.18 -4.63
N CYS E 5 27.65 -0.46 -5.64
CA CYS E 5 28.99 -0.95 -5.38
C CYS E 5 29.94 -0.55 -6.52
N GLY E 6 31.22 -0.53 -6.20
CA GLY E 6 32.28 -0.32 -7.17
C GLY E 6 32.37 1.07 -7.76
N SER E 7 32.10 1.17 -9.06
CA SER E 7 32.23 2.45 -9.76
C SER E 7 31.31 3.51 -9.15
N HIS E 8 30.14 3.09 -8.69
CA HIS E 8 29.19 4.03 -8.10
C HIS E 8 29.79 4.72 -6.88
N LEU E 9 30.41 3.97 -5.98
CA LEU E 9 31.08 4.62 -4.86
C LEU E 9 32.34 5.37 -5.28
N VAL E 10 33.10 4.85 -6.24
CA VAL E 10 34.36 5.54 -6.54
C VAL E 10 34.09 6.91 -7.15
N GLU E 11 32.95 7.13 -7.83
CA GLU E 11 32.68 8.51 -8.20
C GLU E 11 31.65 9.16 -7.28
N ALA E 12 31.13 8.42 -6.30
CA ALA E 12 30.31 9.03 -5.26
C ALA E 12 31.15 9.76 -4.21
N LEU E 13 32.33 9.22 -3.89
CA LEU E 13 33.19 9.90 -2.91
C LEU E 13 33.64 11.26 -3.42
N TYR E 14 33.60 11.50 -4.73
CA TYR E 14 33.91 12.82 -5.27
C TYR E 14 32.94 13.87 -4.76
N LEU E 15 31.71 13.48 -4.45
CA LEU E 15 30.70 14.45 -4.03
C LEU E 15 31.02 15.07 -2.68
N VAL E 16 31.67 14.34 -1.78
CA VAL E 16 32.00 14.85 -0.46
C VAL E 16 33.48 15.14 -0.28
N CYS E 17 34.37 14.48 -1.01
CA CYS E 17 35.81 14.65 -0.86
C CYS E 17 36.48 14.70 -2.22
N GLY E 18 35.89 15.45 -3.15
CA GLY E 18 36.45 15.53 -4.49
C GLY E 18 37.84 16.16 -4.51
N GLU E 19 38.02 17.25 -3.78
CA GLU E 19 39.29 17.96 -3.72
C GLU E 19 40.09 17.62 -2.46
N ARG E 20 39.60 16.72 -1.61
CA ARG E 20 40.27 16.43 -0.36
C ARG E 20 41.40 15.41 -0.54
N GLY E 21 41.23 14.45 -1.44
CA GLY E 21 42.16 13.37 -1.59
C GLY E 21 41.82 12.19 -0.68
N PHE E 22 42.45 11.06 -0.96
CA PHE E 22 42.16 9.82 -0.26
C PHE E 22 43.44 9.17 0.22
N PHE E 23 43.34 8.47 1.36
CA PHE E 23 44.50 7.84 1.96
C PHE E 23 44.92 6.61 1.18
N TYR E 24 46.23 6.42 1.07
CA TYR E 24 46.81 5.25 0.41
C TYR E 24 47.90 4.66 1.30
N THR E 25 48.00 3.33 1.29
CA THR E 25 49.00 2.64 2.11
C THR E 25 50.40 2.81 1.52
N GLY E 29 39.93 -2.26 3.30
CA GLY E 29 39.18 -2.24 2.05
C GLY E 29 37.84 -1.56 2.18
N ILE E 30 37.57 -0.62 1.28
CA ILE E 30 36.29 0.09 1.29
C ILE E 30 35.14 -0.82 0.87
N VAL E 31 35.43 -1.93 0.19
CA VAL E 31 34.37 -2.81 -0.28
C VAL E 31 33.64 -3.45 0.90
N GLU E 32 34.38 -3.95 1.88
CA GLU E 32 33.77 -4.60 3.03
C GLU E 32 33.24 -3.61 4.05
N GLN E 33 33.53 -2.32 3.90
CA GLN E 33 33.05 -1.30 4.82
C GLN E 33 31.85 -0.52 4.32
N CYS E 34 31.75 -0.29 3.01
CA CYS E 34 30.68 0.54 2.47
C CYS E 34 29.74 -0.19 1.53
N CYS E 35 30.25 -1.07 0.67
CA CYS E 35 29.39 -1.84 -0.23
C CYS E 35 28.50 -2.82 0.50
N THR E 36 28.80 -3.15 1.76
CA THR E 36 28.06 -4.18 2.47
C THR E 36 26.65 -3.75 2.86
N SER E 37 26.37 -2.45 2.92
CA SER E 37 25.07 -1.97 3.34
C SER E 37 24.93 -0.50 2.93
N ILE E 38 23.87 0.15 3.41
CA ILE E 38 23.68 1.56 3.15
C ILE E 38 24.77 2.36 3.85
N CYS E 39 25.29 3.36 3.15
CA CYS E 39 26.41 4.16 3.65
C CYS E 39 25.94 5.58 3.93
N SER E 40 26.22 6.06 5.14
CA SER E 40 26.03 7.46 5.49
C SER E 40 27.33 8.20 5.22
N LEU E 41 27.30 9.53 5.44
CA LEU E 41 28.47 10.35 5.14
C LEU E 41 29.66 9.95 6.01
N TYR E 42 29.43 9.66 7.29
CA TYR E 42 30.51 9.36 8.22
C TYR E 42 31.29 8.11 7.83
N GLN E 43 30.66 7.16 7.14
CA GLN E 43 31.33 5.93 6.73
C GLN E 43 32.09 6.08 5.43
N LEU E 44 31.51 6.75 4.43
CA LEU E 44 32.19 6.93 3.15
C LEU E 44 33.24 8.04 3.18
N GLU E 45 33.20 8.92 4.19
CA GLU E 45 34.20 9.97 4.31
C GLU E 45 35.41 9.54 5.13
N ASN E 46 35.44 8.29 5.60
CA ASN E 46 36.55 7.82 6.43
C ASN E 46 37.87 7.79 5.68
N TYR E 47 37.84 7.61 4.36
CA TYR E 47 39.06 7.51 3.57
C TYR E 47 39.60 8.87 3.13
N CYS E 48 38.89 9.95 3.42
CA CYS E 48 39.34 11.27 3.01
C CYS E 48 39.52 12.24 4.17
N ASN E 49 38.61 12.21 5.14
CA ASN E 49 38.65 13.09 6.30
C ASN E 49 38.69 14.58 5.92
N ASN F 1 -11.09 -7.55 -9.67
CA ASN F 1 -11.25 -7.92 -11.07
C ASN F 1 -12.13 -9.15 -11.20
N GLN F 2 -11.50 -10.33 -11.14
CA GLN F 2 -12.20 -11.61 -11.27
C GLN F 2 -12.96 -11.70 -12.59
N HIS F 3 -12.38 -11.15 -13.65
CA HIS F 3 -12.98 -11.16 -14.98
C HIS F 3 -12.48 -12.36 -15.78
N LEU F 4 -13.43 -13.05 -16.43
CA LEU F 4 -13.12 -14.22 -17.23
C LEU F 4 -14.03 -14.23 -18.45
N CYS F 5 -13.81 -15.19 -19.34
CA CYS F 5 -14.63 -15.29 -20.54
C CYS F 5 -14.64 -16.72 -21.06
N GLY F 6 -15.65 -17.02 -21.87
CA GLY F 6 -15.77 -18.31 -22.54
C GLY F 6 -16.06 -19.50 -21.66
N SER F 7 -15.16 -20.48 -21.67
CA SER F 7 -15.38 -21.72 -20.94
C SER F 7 -15.55 -21.46 -19.45
N HIS F 8 -14.89 -20.44 -18.92
CA HIS F 8 -15.01 -20.12 -17.50
C HIS F 8 -16.47 -19.83 -17.13
N LEU F 9 -17.14 -18.98 -17.89
CA LEU F 9 -18.56 -18.74 -17.60
C LEU F 9 -19.45 -19.90 -18.03
N VAL F 10 -19.12 -20.60 -19.11
CA VAL F 10 -19.97 -21.71 -19.51
C VAL F 10 -19.96 -22.81 -18.46
N GLU F 11 -18.91 -22.90 -17.65
CA GLU F 11 -18.91 -23.80 -16.51
C GLU F 11 -19.32 -23.11 -15.21
N ALA F 12 -19.31 -21.77 -15.19
CA ALA F 12 -19.75 -21.04 -14.01
C ALA F 12 -21.27 -21.02 -13.88
N LEU F 13 -21.99 -20.96 -15.00
CA LEU F 13 -23.46 -20.97 -14.92
C LEU F 13 -23.98 -22.26 -14.29
N TYR F 14 -23.18 -23.33 -14.33
CA TYR F 14 -23.56 -24.56 -13.65
C TYR F 14 -23.68 -24.35 -12.14
N LEU F 15 -22.91 -23.41 -11.59
CA LEU F 15 -22.92 -23.20 -10.15
C LEU F 15 -24.25 -22.66 -9.63
N VAL F 16 -24.97 -21.89 -10.44
CA VAL F 16 -26.25 -21.33 -10.02
C VAL F 16 -27.44 -21.95 -10.75
N CYS F 17 -27.25 -22.49 -11.95
CA CYS F 17 -28.36 -23.05 -12.73
C CYS F 17 -27.91 -24.35 -13.39
N GLY F 18 -27.25 -25.21 -12.63
CA GLY F 18 -26.78 -26.47 -13.18
C GLY F 18 -27.91 -27.39 -13.61
N GLU F 19 -28.93 -27.52 -12.78
CA GLU F 19 -30.08 -28.37 -13.08
C GLU F 19 -31.27 -27.59 -13.62
N ARG F 20 -31.13 -26.28 -13.81
CA ARG F 20 -32.26 -25.47 -14.25
C ARG F 20 -32.45 -25.52 -15.76
N GLY F 21 -31.36 -25.57 -16.52
CA GLY F 21 -31.43 -25.47 -17.96
C GLY F 21 -31.32 -24.04 -18.44
N PHE F 22 -31.09 -23.89 -19.73
CA PHE F 22 -30.85 -22.59 -20.33
C PHE F 22 -31.72 -22.40 -21.57
N PHE F 23 -32.10 -21.15 -21.82
CA PHE F 23 -32.97 -20.84 -22.93
C PHE F 23 -32.23 -20.92 -24.25
N TYR F 24 -32.91 -21.44 -25.27
CA TYR F 24 -32.37 -21.52 -26.63
C TYR F 24 -33.41 -20.99 -27.61
N THR F 25 -32.93 -20.34 -28.65
CA THR F 25 -33.81 -19.76 -29.67
C THR F 25 -34.38 -20.86 -30.56
N GLY F 29 -26.78 -12.55 -27.15
CA GLY F 29 -25.51 -13.19 -26.87
C GLY F 29 -25.00 -12.90 -25.47
N ILE F 30 -24.62 -13.97 -24.75
CA ILE F 30 -24.12 -13.81 -23.40
C ILE F 30 -22.74 -13.16 -23.38
N VAL F 31 -22.02 -13.18 -24.51
CA VAL F 31 -20.68 -12.61 -24.56
C VAL F 31 -20.73 -11.10 -24.33
N GLU F 32 -21.65 -10.42 -25.02
CA GLU F 32 -21.75 -8.96 -24.89
C GLU F 32 -22.50 -8.52 -23.64
N GLN F 33 -23.11 -9.44 -22.91
CA GLN F 33 -23.84 -9.12 -21.69
C GLN F 33 -23.07 -9.41 -20.42
N CYS F 34 -22.26 -10.48 -20.41
CA CYS F 34 -21.58 -10.90 -19.19
C CYS F 34 -20.06 -10.87 -19.30
N CYS F 35 -19.49 -11.24 -20.44
CA CYS F 35 -18.03 -11.22 -20.61
C CYS F 35 -17.45 -9.82 -20.66
N THR F 36 -18.30 -8.79 -20.82
CA THR F 36 -17.80 -7.43 -20.99
C THR F 36 -17.32 -6.80 -19.69
N SER F 37 -17.75 -7.31 -18.54
CA SER F 37 -17.40 -6.71 -17.26
C SER F 37 -17.68 -7.72 -16.15
N ILE F 38 -17.56 -7.26 -14.90
CA ILE F 38 -17.86 -8.13 -13.76
C ILE F 38 -19.34 -8.46 -13.76
N CYS F 39 -19.65 -9.73 -13.48
CA CYS F 39 -21.02 -10.23 -13.53
C CYS F 39 -21.48 -10.60 -12.12
N SER F 40 -22.63 -10.08 -11.72
CA SER F 40 -23.31 -10.51 -10.51
C SER F 40 -24.26 -11.64 -10.86
N LEU F 41 -24.93 -12.17 -9.84
CA LEU F 41 -25.82 -13.32 -10.04
C LEU F 41 -26.98 -12.96 -10.97
N TYR F 42 -27.55 -11.76 -10.79
CA TYR F 42 -28.72 -11.35 -11.57
C TYR F 42 -28.45 -11.29 -13.06
N GLN F 43 -27.22 -11.01 -13.47
CA GLN F 43 -26.88 -10.93 -14.88
C GLN F 43 -26.58 -12.28 -15.51
N LEU F 44 -25.83 -13.14 -14.82
CA LEU F 44 -25.51 -14.45 -15.36
C LEU F 44 -26.64 -15.46 -15.21
N GLU F 45 -27.63 -15.18 -14.37
CA GLU F 45 -28.79 -16.07 -14.22
C GLU F 45 -29.92 -15.72 -15.18
N ASN F 46 -29.73 -14.71 -16.04
CA ASN F 46 -30.78 -14.29 -16.96
C ASN F 46 -31.13 -15.38 -17.97
N TYR F 47 -30.18 -16.23 -18.34
CA TYR F 47 -30.40 -17.26 -19.34
C TYR F 47 -31.02 -18.54 -18.76
N CYS F 48 -31.19 -18.62 -17.45
CA CYS F 48 -31.75 -19.82 -16.86
C CYS F 48 -33.02 -19.55 -16.04
N ASN F 49 -33.05 -18.45 -15.29
CA ASN F 49 -34.21 -18.09 -14.47
C ASN F 49 -34.59 -19.19 -13.48
#